data_3CR5
# 
_entry.id   3CR5 
# 
_audit_conform.dict_name       mmcif_pdbx.dic 
_audit_conform.dict_version    5.387 
_audit_conform.dict_location   http://mmcif.pdb.org/dictionaries/ascii/mmcif_pdbx.dic 
# 
loop_
_database_2.database_id 
_database_2.database_code 
_database_2.pdbx_database_accession 
_database_2.pdbx_DOI 
PDB   3CR5         pdb_00003cr5 10.2210/pdb3cr5/pdb 
RCSB  RCSB047113   ?            ?                   
WWPDB D_1000047113 ?            ?                   
# 
loop_
_pdbx_audit_revision_history.ordinal 
_pdbx_audit_revision_history.data_content_type 
_pdbx_audit_revision_history.major_revision 
_pdbx_audit_revision_history.minor_revision 
_pdbx_audit_revision_history.revision_date 
1 'Structure model' 1 0 2008-06-24 
2 'Structure model' 1 1 2011-07-13 
3 'Structure model' 1 2 2017-10-25 
4 'Structure model' 1 3 2024-02-21 
# 
_pdbx_audit_revision_details.ordinal             1 
_pdbx_audit_revision_details.revision_ordinal    1 
_pdbx_audit_revision_details.data_content_type   'Structure model' 
_pdbx_audit_revision_details.provider            repository 
_pdbx_audit_revision_details.type                'Initial release' 
_pdbx_audit_revision_details.description         ? 
_pdbx_audit_revision_details.details             ? 
# 
loop_
_pdbx_audit_revision_group.ordinal 
_pdbx_audit_revision_group.revision_ordinal 
_pdbx_audit_revision_group.data_content_type 
_pdbx_audit_revision_group.group 
1 2 'Structure model' Advisory                    
2 2 'Structure model' 'Version format compliance' 
3 3 'Structure model' 'Refinement description'    
4 4 'Structure model' 'Data collection'           
5 4 'Structure model' 'Database references'       
6 4 'Structure model' 'Derived calculations'      
# 
loop_
_pdbx_audit_revision_category.ordinal 
_pdbx_audit_revision_category.revision_ordinal 
_pdbx_audit_revision_category.data_content_type 
_pdbx_audit_revision_category.category 
1 3 'Structure model' software       
2 4 'Structure model' chem_comp_atom 
3 4 'Structure model' chem_comp_bond 
4 4 'Structure model' database_2     
5 4 'Structure model' struct_site    
# 
loop_
_pdbx_audit_revision_item.ordinal 
_pdbx_audit_revision_item.revision_ordinal 
_pdbx_audit_revision_item.data_content_type 
_pdbx_audit_revision_item.item 
1 4 'Structure model' '_database_2.pdbx_DOI'                
2 4 'Structure model' '_database_2.pdbx_database_accession' 
3 4 'Structure model' '_struct_site.pdbx_auth_asym_id'      
4 4 'Structure model' '_struct_site.pdbx_auth_comp_id'      
5 4 'Structure model' '_struct_site.pdbx_auth_seq_id'       
# 
_pdbx_database_status.entry_id                        3CR5 
_pdbx_database_status.deposit_site                    RCSB 
_pdbx_database_status.process_site                    RCSB 
_pdbx_database_status.recvd_initial_deposition_date   2008-04-04 
_pdbx_database_status.status_code                     REL 
_pdbx_database_status.status_code_sf                  REL 
_pdbx_database_status.status_code_mr                  ? 
_pdbx_database_status.SG_entry                        ? 
_pdbx_database_status.pdb_format_compatible           Y 
_pdbx_database_status.status_code_cs                  ? 
_pdbx_database_status.methods_development_category    ? 
_pdbx_database_status.status_code_nmr_data            ? 
# 
loop_
_pdbx_database_related.db_name 
_pdbx_database_related.db_id 
_pdbx_database_related.details 
_pdbx_database_related.content_type 
PDB 3CR2 . unspecified 
PDB 3CR4 . unspecified 
# 
_audit_author.name           'Charpentier, T.H.' 
_audit_author.pdbx_ordinal   1 
# 
_citation.id                        primary 
_citation.title                     'Divalent metal ion complexes of S100B in the absence and presence of pentamidine.' 
_citation.journal_abbrev            J.Mol.Biol. 
_citation.journal_volume            382 
_citation.page_first                56 
_citation.page_last                 73 
_citation.year                      2008 
_citation.journal_id_ASTM           JMOBAK 
_citation.country                   UK 
_citation.journal_id_ISSN           0022-2836 
_citation.journal_id_CSD            0070 
_citation.book_publisher            ? 
_citation.pdbx_database_id_PubMed   18602402 
_citation.pdbx_database_id_DOI      10.1016/j.jmb.2008.06.047 
# 
loop_
_citation_author.citation_id 
_citation_author.name 
_citation_author.ordinal 
_citation_author.identifier_ORCID 
primary 'Charpentier, T.H.' 1 ? 
primary 'Wilder, P.T.'      2 ? 
primary 'Liriano, M.A.'     3 ? 
primary 'Varney, K.M.'      4 ? 
primary 'Pozharski, E.'     5 ? 
primary 'MacKerell, A.D.'   6 ? 
primary 'Coop, A.'          7 ? 
primary 'Toth, E.A.'        8 ? 
primary 'Weber, D.J.'       9 ? 
# 
loop_
_entity.id 
_entity.type 
_entity.src_method 
_entity.pdbx_description 
_entity.formula_weight 
_entity.pdbx_number_of_molecules 
_entity.pdbx_ec 
_entity.pdbx_mutation 
_entity.pdbx_fragment 
_entity.details 
1 polymer     man 'Protein S100-B'                   10681.974 1  ? ? ? ? 
2 non-polymer syn '1,5-BIS(4-AMIDINOPHENOXY)PENTANE' 340.419   2  ? ? ? ? 
3 non-polymer syn 'ZINC ION'                         65.409    1  ? ? ? ? 
4 non-polymer syn 'CALCIUM ION'                      40.078    2  ? ? ? ? 
5 water       nat water                              18.015    82 ? ? ? ? 
# 
_entity_name_com.entity_id   1 
_entity_name_com.name        'S100 calcium-binding protein B, S-100 protein subunit beta, S-100 protein beta chain' 
# 
_entity_poly.entity_id                      1 
_entity_poly.type                           'polypeptide(L)' 
_entity_poly.nstd_linkage                   no 
_entity_poly.nstd_monomer                   no 
_entity_poly.pdbx_seq_one_letter_code       
;MSELEKAVVALIDVFHQYSGREGDKHKLKKSELKELINNELSHFLEEIKEQEVVDKVMETLDSDGDGECDFQEFMAFVAM
ITTACHEFFEHE
;
_entity_poly.pdbx_seq_one_letter_code_can   
;MSELEKAVVALIDVFHQYSGREGDKHKLKKSELKELINNELSHFLEEIKEQEVVDKVMETLDSDGDGECDFQEFMAFVAM
ITTACHEFFEHE
;
_entity_poly.pdbx_strand_id                 X 
_entity_poly.pdbx_target_identifier         ? 
# 
loop_
_pdbx_entity_nonpoly.entity_id 
_pdbx_entity_nonpoly.name 
_pdbx_entity_nonpoly.comp_id 
2 '1,5-BIS(4-AMIDINOPHENOXY)PENTANE' PNT 
3 'ZINC ION'                         ZN  
4 'CALCIUM ION'                      CA  
5 water                              HOH 
# 
loop_
_entity_poly_seq.entity_id 
_entity_poly_seq.num 
_entity_poly_seq.mon_id 
_entity_poly_seq.hetero 
1 1  MET n 
1 2  SER n 
1 3  GLU n 
1 4  LEU n 
1 5  GLU n 
1 6  LYS n 
1 7  ALA n 
1 8  VAL n 
1 9  VAL n 
1 10 ALA n 
1 11 LEU n 
1 12 ILE n 
1 13 ASP n 
1 14 VAL n 
1 15 PHE n 
1 16 HIS n 
1 17 GLN n 
1 18 TYR n 
1 19 SER n 
1 20 GLY n 
1 21 ARG n 
1 22 GLU n 
1 23 GLY n 
1 24 ASP n 
1 25 LYS n 
1 26 HIS n 
1 27 LYS n 
1 28 LEU n 
1 29 LYS n 
1 30 LYS n 
1 31 SER n 
1 32 GLU n 
1 33 LEU n 
1 34 LYS n 
1 35 GLU n 
1 36 LEU n 
1 37 ILE n 
1 38 ASN n 
1 39 ASN n 
1 40 GLU n 
1 41 LEU n 
1 42 SER n 
1 43 HIS n 
1 44 PHE n 
1 45 LEU n 
1 46 GLU n 
1 47 GLU n 
1 48 ILE n 
1 49 LYS n 
1 50 GLU n 
1 51 GLN n 
1 52 GLU n 
1 53 VAL n 
1 54 VAL n 
1 55 ASP n 
1 56 LYS n 
1 57 VAL n 
1 58 MET n 
1 59 GLU n 
1 60 THR n 
1 61 LEU n 
1 62 ASP n 
1 63 SER n 
1 64 ASP n 
1 65 GLY n 
1 66 ASP n 
1 67 GLY n 
1 68 GLU n 
1 69 CYS n 
1 70 ASP n 
1 71 PHE n 
1 72 GLN n 
1 73 GLU n 
1 74 PHE n 
1 75 MET n 
1 76 ALA n 
1 77 PHE n 
1 78 VAL n 
1 79 ALA n 
1 80 MET n 
1 81 ILE n 
1 82 THR n 
1 83 THR n 
1 84 ALA n 
1 85 CYS n 
1 86 HIS n 
1 87 GLU n 
1 88 PHE n 
1 89 PHE n 
1 90 GLU n 
1 91 HIS n 
1 92 GLU n 
# 
_entity_src_gen.entity_id                          1 
_entity_src_gen.pdbx_src_id                        1 
_entity_src_gen.pdbx_alt_source_flag               sample 
_entity_src_gen.pdbx_seq_type                      ? 
_entity_src_gen.pdbx_beg_seq_num                   ? 
_entity_src_gen.pdbx_end_seq_num                   ? 
_entity_src_gen.gene_src_common_name               Bovine 
_entity_src_gen.gene_src_genus                     ? 
_entity_src_gen.pdbx_gene_src_gene                 S100B 
_entity_src_gen.gene_src_species                   ? 
_entity_src_gen.gene_src_strain                    ? 
_entity_src_gen.gene_src_tissue                    ? 
_entity_src_gen.gene_src_tissue_fraction           ? 
_entity_src_gen.gene_src_details                   ? 
_entity_src_gen.pdbx_gene_src_fragment             ? 
_entity_src_gen.pdbx_gene_src_scientific_name      'Bos taurus' 
_entity_src_gen.pdbx_gene_src_ncbi_taxonomy_id     ? 
_entity_src_gen.pdbx_gene_src_variant              ? 
_entity_src_gen.pdbx_gene_src_cell_line            ? 
_entity_src_gen.pdbx_gene_src_atcc                 ? 
_entity_src_gen.pdbx_gene_src_organ                ? 
_entity_src_gen.pdbx_gene_src_organelle            ? 
_entity_src_gen.pdbx_gene_src_cell                 ? 
_entity_src_gen.pdbx_gene_src_cellular_location    ? 
_entity_src_gen.host_org_common_name               ? 
_entity_src_gen.pdbx_host_org_scientific_name      'Escherichia coli' 
_entity_src_gen.pdbx_host_org_ncbi_taxonomy_id     ? 
_entity_src_gen.host_org_genus                     ? 
_entity_src_gen.pdbx_host_org_gene                 ? 
_entity_src_gen.pdbx_host_org_organ                ? 
_entity_src_gen.host_org_species                   ? 
_entity_src_gen.pdbx_host_org_tissue               ? 
_entity_src_gen.pdbx_host_org_tissue_fraction      ? 
_entity_src_gen.pdbx_host_org_strain               'HMS174(DE3)' 
_entity_src_gen.pdbx_host_org_variant              ? 
_entity_src_gen.pdbx_host_org_cell_line            ? 
_entity_src_gen.pdbx_host_org_atcc                 ? 
_entity_src_gen.pdbx_host_org_culture_collection   ? 
_entity_src_gen.pdbx_host_org_cell                 ? 
_entity_src_gen.pdbx_host_org_organelle            ? 
_entity_src_gen.pdbx_host_org_cellular_location    ? 
_entity_src_gen.pdbx_host_org_vector_type          plasmid 
_entity_src_gen.pdbx_host_org_vector               ? 
_entity_src_gen.host_org_details                   ? 
_entity_src_gen.expression_system_id               ? 
_entity_src_gen.plasmid_name                       pET11b 
_entity_src_gen.plasmid_details                    ? 
_entity_src_gen.pdbx_description                   ? 
# 
loop_
_chem_comp.id 
_chem_comp.type 
_chem_comp.mon_nstd_flag 
_chem_comp.name 
_chem_comp.pdbx_synonyms 
_chem_comp.formula 
_chem_comp.formula_weight 
ALA 'L-peptide linking' y ALANINE                            ? 'C3 H7 N O2'     89.093  
ARG 'L-peptide linking' y ARGININE                           ? 'C6 H15 N4 O2 1' 175.209 
ASN 'L-peptide linking' y ASPARAGINE                         ? 'C4 H8 N2 O3'    132.118 
ASP 'L-peptide linking' y 'ASPARTIC ACID'                    ? 'C4 H7 N O4'     133.103 
CA  non-polymer         . 'CALCIUM ION'                      ? 'Ca 2'           40.078  
CYS 'L-peptide linking' y CYSTEINE                           ? 'C3 H7 N O2 S'   121.158 
GLN 'L-peptide linking' y GLUTAMINE                          ? 'C5 H10 N2 O3'   146.144 
GLU 'L-peptide linking' y 'GLUTAMIC ACID'                    ? 'C5 H9 N O4'     147.129 
GLY 'peptide linking'   y GLYCINE                            ? 'C2 H5 N O2'     75.067  
HIS 'L-peptide linking' y HISTIDINE                          ? 'C6 H10 N3 O2 1' 156.162 
HOH non-polymer         . WATER                              ? 'H2 O'           18.015  
ILE 'L-peptide linking' y ISOLEUCINE                         ? 'C6 H13 N O2'    131.173 
LEU 'L-peptide linking' y LEUCINE                            ? 'C6 H13 N O2'    131.173 
LYS 'L-peptide linking' y LYSINE                             ? 'C6 H15 N2 O2 1' 147.195 
MET 'L-peptide linking' y METHIONINE                         ? 'C5 H11 N O2 S'  149.211 
PHE 'L-peptide linking' y PHENYLALANINE                      ? 'C9 H11 N O2'    165.189 
PNT non-polymer         . '1,5-BIS(4-AMIDINOPHENOXY)PENTANE' ? 'C19 H24 N4 O2'  340.419 
SER 'L-peptide linking' y SERINE                             ? 'C3 H7 N O3'     105.093 
THR 'L-peptide linking' y THREONINE                          ? 'C4 H9 N O3'     119.119 
TYR 'L-peptide linking' y TYROSINE                           ? 'C9 H11 N O3'    181.189 
VAL 'L-peptide linking' y VALINE                             ? 'C5 H11 N O2'    117.146 
ZN  non-polymer         . 'ZINC ION'                         ? 'Zn 2'           65.409  
# 
loop_
_pdbx_poly_seq_scheme.asym_id 
_pdbx_poly_seq_scheme.entity_id 
_pdbx_poly_seq_scheme.seq_id 
_pdbx_poly_seq_scheme.mon_id 
_pdbx_poly_seq_scheme.ndb_seq_num 
_pdbx_poly_seq_scheme.pdb_seq_num 
_pdbx_poly_seq_scheme.auth_seq_num 
_pdbx_poly_seq_scheme.pdb_mon_id 
_pdbx_poly_seq_scheme.auth_mon_id 
_pdbx_poly_seq_scheme.pdb_strand_id 
_pdbx_poly_seq_scheme.pdb_ins_code 
_pdbx_poly_seq_scheme.hetero 
A 1 1  MET 1  0  0  MET MET X . n 
A 1 2  SER 2  1  1  SER SER X . n 
A 1 3  GLU 3  2  2  GLU GLU X . n 
A 1 4  LEU 4  3  3  LEU LEU X . n 
A 1 5  GLU 5  4  4  GLU GLU X . n 
A 1 6  LYS 6  5  5  LYS LYS X . n 
A 1 7  ALA 7  6  6  ALA ALA X . n 
A 1 8  VAL 8  7  7  VAL VAL X . n 
A 1 9  VAL 9  8  8  VAL VAL X . n 
A 1 10 ALA 10 9  9  ALA ALA X . n 
A 1 11 LEU 11 10 10 LEU LEU X . n 
A 1 12 ILE 12 11 11 ILE ILE X . n 
A 1 13 ASP 13 12 12 ASP ASP X . n 
A 1 14 VAL 14 13 13 VAL VAL X . n 
A 1 15 PHE 15 14 14 PHE PHE X . n 
A 1 16 HIS 16 15 15 HIS HIS X . n 
A 1 17 GLN 17 16 16 GLN GLN X . n 
A 1 18 TYR 18 17 17 TYR TYR X . n 
A 1 19 SER 19 18 18 SER SER X . n 
A 1 20 GLY 20 19 19 GLY GLY X . n 
A 1 21 ARG 21 20 20 ARG ARG X . n 
A 1 22 GLU 22 21 21 GLU GLU X . n 
A 1 23 GLY 23 22 22 GLY GLY X . n 
A 1 24 ASP 24 23 23 ASP ASP X . n 
A 1 25 LYS 25 24 24 LYS LYS X . n 
A 1 26 HIS 26 25 25 HIS HIS X . n 
A 1 27 LYS 27 26 26 LYS LYS X . n 
A 1 28 LEU 28 27 27 LEU LEU X . n 
A 1 29 LYS 29 28 28 LYS LYS X . n 
A 1 30 LYS 30 29 29 LYS LYS X . n 
A 1 31 SER 31 30 30 SER SER X . n 
A 1 32 GLU 32 31 31 GLU GLU X . n 
A 1 33 LEU 33 32 32 LEU LEU X . n 
A 1 34 LYS 34 33 33 LYS LYS X . n 
A 1 35 GLU 35 34 34 GLU GLU X . n 
A 1 36 LEU 36 35 35 LEU LEU X . n 
A 1 37 ILE 37 36 36 ILE ILE X . n 
A 1 38 ASN 38 37 37 ASN ASN X . n 
A 1 39 ASN 39 38 38 ASN ASN X . n 
A 1 40 GLU 40 39 39 GLU GLU X . n 
A 1 41 LEU 41 40 40 LEU LEU X . n 
A 1 42 SER 42 41 41 SER SER X . n 
A 1 43 HIS 43 42 42 HIS HIS X . n 
A 1 44 PHE 44 43 43 PHE PHE X . n 
A 1 45 LEU 45 44 44 LEU LEU X . n 
A 1 46 GLU 46 45 45 GLU GLU X . n 
A 1 47 GLU 47 46 46 GLU GLU X . n 
A 1 48 ILE 48 47 47 ILE ILE X . n 
A 1 49 LYS 49 48 48 LYS LYS X . n 
A 1 50 GLU 50 49 49 GLU GLU X . n 
A 1 51 GLN 51 50 50 GLN GLN X . n 
A 1 52 GLU 52 51 51 GLU GLU X . n 
A 1 53 VAL 53 52 52 VAL VAL X . n 
A 1 54 VAL 54 53 53 VAL VAL X . n 
A 1 55 ASP 55 54 54 ASP ASP X . n 
A 1 56 LYS 56 55 55 LYS LYS X . n 
A 1 57 VAL 57 56 56 VAL VAL X . n 
A 1 58 MET 58 57 57 MET MET X . n 
A 1 59 GLU 59 58 58 GLU GLU X . n 
A 1 60 THR 60 59 59 THR THR X . n 
A 1 61 LEU 61 60 60 LEU LEU X . n 
A 1 62 ASP 62 61 61 ASP ASP X . n 
A 1 63 SER 63 62 62 SER SER X . n 
A 1 64 ASP 64 63 63 ASP ASP X . n 
A 1 65 GLY 65 64 64 GLY GLY X . n 
A 1 66 ASP 66 65 65 ASP ASP X . n 
A 1 67 GLY 67 66 66 GLY GLY X . n 
A 1 68 GLU 68 67 67 GLU GLU X . n 
A 1 69 CYS 69 68 68 CYS CYS X . n 
A 1 70 ASP 70 69 69 ASP ASP X . n 
A 1 71 PHE 71 70 70 PHE PHE X . n 
A 1 72 GLN 72 71 71 GLN GLN X . n 
A 1 73 GLU 73 72 72 GLU GLU X . n 
A 1 74 PHE 74 73 73 PHE PHE X . n 
A 1 75 MET 75 74 74 MET MET X . n 
A 1 76 ALA 76 75 75 ALA ALA X . n 
A 1 77 PHE 77 76 76 PHE PHE X . n 
A 1 78 VAL 78 77 77 VAL VAL X . n 
A 1 79 ALA 79 78 78 ALA ALA X . n 
A 1 80 MET 80 79 79 MET MET X . n 
A 1 81 ILE 81 80 80 ILE ILE X . n 
A 1 82 THR 82 81 81 THR THR X . n 
A 1 83 THR 83 82 82 THR THR X . n 
A 1 84 ALA 84 83 83 ALA ALA X . n 
A 1 85 CYS 85 84 84 CYS CYS X . n 
A 1 86 HIS 86 85 85 HIS HIS X . n 
A 1 87 GLU 87 86 86 GLU GLU X . n 
A 1 88 PHE 88 87 87 PHE PHE X . n 
A 1 89 PHE 89 88 88 PHE PHE X . n 
A 1 90 GLU 90 89 89 GLU GLU X . n 
A 1 91 HIS 91 90 90 HIS HIS X . n 
A 1 92 GLU 92 91 ?  ?   ?   X . n 
# 
loop_
_pdbx_nonpoly_scheme.asym_id 
_pdbx_nonpoly_scheme.entity_id 
_pdbx_nonpoly_scheme.mon_id 
_pdbx_nonpoly_scheme.ndb_seq_num 
_pdbx_nonpoly_scheme.pdb_seq_num 
_pdbx_nonpoly_scheme.auth_seq_num 
_pdbx_nonpoly_scheme.pdb_mon_id 
_pdbx_nonpoly_scheme.auth_mon_id 
_pdbx_nonpoly_scheme.pdb_strand_id 
_pdbx_nonpoly_scheme.pdb_ins_code 
B 2 PNT 1  94  94 PNT PNT X . 
C 2 PNT 1  95  95 PNT PNT X . 
D 3 ZN  1  96  91 ZN  ZN  X . 
E 4 CA  1  92  92 CA  CA  X . 
F 4 CA  1  93  93 CA  CA  X . 
G 5 HOH 1  97  1  HOH HOH X . 
G 5 HOH 2  98  2  HOH HOH X . 
G 5 HOH 3  99  3  HOH HOH X . 
G 5 HOH 4  100 4  HOH HOH X . 
G 5 HOH 5  101 5  HOH HOH X . 
G 5 HOH 6  102 6  HOH HOH X . 
G 5 HOH 7  103 7  HOH HOH X . 
G 5 HOH 8  104 8  HOH HOH X . 
G 5 HOH 9  105 9  HOH HOH X . 
G 5 HOH 10 106 10 HOH HOH X . 
G 5 HOH 11 107 11 HOH HOH X . 
G 5 HOH 12 108 12 HOH HOH X . 
G 5 HOH 13 109 13 HOH HOH X . 
G 5 HOH 14 110 14 HOH HOH X . 
G 5 HOH 15 111 15 HOH HOH X . 
G 5 HOH 16 112 16 HOH HOH X . 
G 5 HOH 17 113 17 HOH HOH X . 
G 5 HOH 18 114 18 HOH HOH X . 
G 5 HOH 19 115 19 HOH HOH X . 
G 5 HOH 20 116 20 HOH HOH X . 
G 5 HOH 21 117 21 HOH HOH X . 
G 5 HOH 22 118 22 HOH HOH X . 
G 5 HOH 23 119 23 HOH HOH X . 
G 5 HOH 24 120 24 HOH HOH X . 
G 5 HOH 25 121 25 HOH HOH X . 
G 5 HOH 26 122 26 HOH HOH X . 
G 5 HOH 27 123 27 HOH HOH X . 
G 5 HOH 28 124 28 HOH HOH X . 
G 5 HOH 29 125 29 HOH HOH X . 
G 5 HOH 30 126 30 HOH HOH X . 
G 5 HOH 31 127 31 HOH HOH X . 
G 5 HOH 32 128 32 HOH HOH X . 
G 5 HOH 33 129 33 HOH HOH X . 
G 5 HOH 34 130 34 HOH HOH X . 
G 5 HOH 35 131 35 HOH HOH X . 
G 5 HOH 36 132 36 HOH HOH X . 
G 5 HOH 37 133 37 HOH HOH X . 
G 5 HOH 38 134 38 HOH HOH X . 
G 5 HOH 39 135 39 HOH HOH X . 
G 5 HOH 40 136 40 HOH HOH X . 
G 5 HOH 41 137 41 HOH HOH X . 
G 5 HOH 42 138 42 HOH HOH X . 
G 5 HOH 43 139 43 HOH HOH X . 
G 5 HOH 44 140 44 HOH HOH X . 
G 5 HOH 45 141 45 HOH HOH X . 
G 5 HOH 46 142 46 HOH HOH X . 
G 5 HOH 47 143 47 HOH HOH X . 
G 5 HOH 48 144 48 HOH HOH X . 
G 5 HOH 49 145 49 HOH HOH X . 
G 5 HOH 50 146 50 HOH HOH X . 
G 5 HOH 51 147 51 HOH HOH X . 
G 5 HOH 52 148 52 HOH HOH X . 
G 5 HOH 53 149 53 HOH HOH X . 
G 5 HOH 54 150 54 HOH HOH X . 
G 5 HOH 55 151 55 HOH HOH X . 
G 5 HOH 56 152 56 HOH HOH X . 
G 5 HOH 57 153 57 HOH HOH X . 
G 5 HOH 58 154 58 HOH HOH X . 
G 5 HOH 59 155 59 HOH HOH X . 
G 5 HOH 60 156 60 HOH HOH X . 
G 5 HOH 61 157 61 HOH HOH X . 
G 5 HOH 62 158 62 HOH HOH X . 
G 5 HOH 63 159 63 HOH HOH X . 
G 5 HOH 64 160 64 HOH HOH X . 
G 5 HOH 65 161 65 HOH HOH X . 
G 5 HOH 66 162 66 HOH HOH X . 
G 5 HOH 67 163 67 HOH HOH X . 
G 5 HOH 68 164 68 HOH HOH X . 
G 5 HOH 69 165 69 HOH HOH X . 
G 5 HOH 70 166 70 HOH HOH X . 
G 5 HOH 71 167 71 HOH HOH X . 
G 5 HOH 72 168 72 HOH HOH X . 
G 5 HOH 73 169 73 HOH HOH X . 
G 5 HOH 74 170 74 HOH HOH X . 
G 5 HOH 75 171 75 HOH HOH X . 
G 5 HOH 76 172 76 HOH HOH X . 
G 5 HOH 77 173 77 HOH HOH X . 
G 5 HOH 78 174 78 HOH HOH X . 
G 5 HOH 79 175 79 HOH HOH X . 
G 5 HOH 80 176 80 HOH HOH X . 
G 5 HOH 81 177 81 HOH HOH X . 
G 5 HOH 82 178 82 HOH HOH X . 
# 
loop_
_pdbx_unobs_or_zero_occ_atoms.id 
_pdbx_unobs_or_zero_occ_atoms.PDB_model_num 
_pdbx_unobs_or_zero_occ_atoms.polymer_flag 
_pdbx_unobs_or_zero_occ_atoms.occupancy_flag 
_pdbx_unobs_or_zero_occ_atoms.auth_asym_id 
_pdbx_unobs_or_zero_occ_atoms.auth_comp_id 
_pdbx_unobs_or_zero_occ_atoms.auth_seq_id 
_pdbx_unobs_or_zero_occ_atoms.PDB_ins_code 
_pdbx_unobs_or_zero_occ_atoms.auth_atom_id 
_pdbx_unobs_or_zero_occ_atoms.label_alt_id 
_pdbx_unobs_or_zero_occ_atoms.label_asym_id 
_pdbx_unobs_or_zero_occ_atoms.label_comp_id 
_pdbx_unobs_or_zero_occ_atoms.label_seq_id 
_pdbx_unobs_or_zero_occ_atoms.label_atom_id 
1  1 Y 1 X GLU 34 ? OE1 ? A GLU 35 OE1 
2  1 Y 1 X GLU 45 ? CD  ? A GLU 46 CD  
3  1 Y 1 X GLU 45 ? OE1 ? A GLU 46 OE1 
4  1 Y 1 X GLU 45 ? OE2 ? A GLU 46 OE2 
5  1 Y 1 X LYS 48 ? CE  ? A LYS 49 CE  
6  1 Y 1 X LYS 48 ? NZ  ? A LYS 49 NZ  
7  1 Y 1 X GLU 51 ? CG  ? A GLU 52 CG  
8  1 Y 1 X GLU 51 ? CD  ? A GLU 52 CD  
9  1 Y 1 X GLU 51 ? OE1 ? A GLU 52 OE1 
10 1 Y 1 X GLU 51 ? OE2 ? A GLU 52 OE2 
11 1 Y 1 X LYS 55 ? CD  ? A LYS 56 CD  
12 1 Y 1 X LYS 55 ? CE  ? A LYS 56 CE  
13 1 Y 1 X LYS 55 ? NZ  ? A LYS 56 NZ  
14 1 Y 1 X GLN 71 ? NE2 ? A GLN 72 NE2 
# 
loop_
_software.name 
_software.version 
_software.date 
_software.type 
_software.contact_author 
_software.contact_author_email 
_software.classification 
_software.location 
_software.language 
_software.citation_id 
_software.pdbx_ordinal 
DENZO       .     ?                    package 'Zbyszek Otwinowski' zbyszek@mix.swmed.edu    'data reduction'  
http://www.lnls.br/infra/linhasluz/denzo-hkl.htm ?          ? 1 
SCALEPACK   .     ?                    package 'Zbyszek Otwinowski' zbyszek@mix.swmed.edu    'data scaling'    
http://www.lnls.br/infra/linhasluz/denzo-hkl.htm ?          ? 2 
MOLREP      .     ?                    other   'A. Vagin'           alexei@ysbl.york.ac.uk   phasing           
http://www.ccp4.ac.uk/dist/html/molrep.html      Fortran_77 ? 3 
REFMAC      .     ?                    program 'Murshudov, G.N.'    ccp4@dl.ac.uk            refinement        
http://www.ccp4.ac.uk/main.html                  Fortran_77 ? 4 
PDB_EXTRACT 3.005 'September 10, 2007' package PDB                  sw-help@rcsb.rutgers.edu 'data extraction' 
http://pdb.rutgers.edu/software/                 C++        ? 5 
Blu-Ice     .     ?                    ?       ?                    ?                        'data collection' ? ?          ? 6 
# 
_cell.length_a           62.883 
_cell.length_b           62.883 
_cell.length_c           50.084 
_cell.angle_alpha        90.000 
_cell.angle_beta         90.000 
_cell.angle_gamma        90.000 
_cell.entry_id           3CR5 
_cell.pdbx_unique_axis   ? 
_cell.Z_PDB              8 
_cell.length_a_esd       ? 
_cell.length_b_esd       ? 
_cell.length_c_esd       ? 
_cell.angle_alpha_esd    ? 
_cell.angle_beta_esd     ? 
_cell.angle_gamma_esd    ? 
# 
_symmetry.space_group_name_H-M             'P 41 21 2' 
_symmetry.entry_id                         3CR5 
_symmetry.Int_Tables_number                92 
_symmetry.pdbx_full_space_group_name_H-M   ? 
_symmetry.cell_setting                     ? 
_symmetry.space_group_name_Hall            ? 
# 
_exptl.crystals_number   1 
_exptl.entry_id          3CR5 
_exptl.method            'X-RAY DIFFRACTION' 
# 
_exptl_crystal.id                    1 
_exptl_crystal.density_Matthews      2.32 
_exptl_crystal.density_meas          ? 
_exptl_crystal.density_percent_sol   46.93 
_exptl_crystal.description           ? 
_exptl_crystal.F_000                 ? 
_exptl_crystal.preparation           ? 
# 
_exptl_crystal_grow.crystal_id      1 
_exptl_crystal_grow.method          'VAPOR DIFFUSION, SITTING DROP' 
_exptl_crystal_grow.pH              7.6 
_exptl_crystal_grow.temp            298 
_exptl_crystal_grow.pdbx_details    
'PEG3350, Pentamidine, CaCl2, ZnCl2, Cacodylate buffer, pH 7.6, VAPOR DIFFUSION, SITTING DROP, temperature 298K' 
_exptl_crystal_grow.temp_details    ? 
_exptl_crystal_grow.pdbx_pH_range   . 
# 
_diffrn.id                     1 
_diffrn.ambient_temp           100 
_diffrn.ambient_temp_details   ? 
_diffrn.crystal_id             1 
# 
_diffrn_detector.diffrn_id              1 
_diffrn_detector.detector               CCD 
_diffrn_detector.type                   'ADSC QUANTUM 315r' 
_diffrn_detector.pdbx_collection_date   2007-05-17 
_diffrn_detector.details                ? 
# 
_diffrn_radiation.diffrn_id                        1 
_diffrn_radiation.pdbx_diffrn_protocol             'SINGLE WAVELENGTH' 
_diffrn_radiation.monochromator                    ? 
_diffrn_radiation.wavelength_id                    1 
_diffrn_radiation.pdbx_monochromatic_or_laue_m_l   M 
_diffrn_radiation.pdbx_scattering_type             x-ray 
# 
_diffrn_radiation_wavelength.id           1 
_diffrn_radiation_wavelength.wavelength   0.98 
_diffrn_radiation_wavelength.wt           1.0 
# 
_diffrn_source.diffrn_id                   1 
_diffrn_source.source                      SYNCHROTRON 
_diffrn_source.type                        'SSRL BEAMLINE BL9-1' 
_diffrn_source.pdbx_wavelength_list        0.98 
_diffrn_source.pdbx_wavelength             ? 
_diffrn_source.pdbx_synchrotron_site       SSRL 
_diffrn_source.pdbx_synchrotron_beamline   BL9-1 
# 
_reflns.entry_id                     3CR5 
_reflns.d_resolution_high            1.850 
_reflns.d_resolution_low             45.000 
_reflns.number_obs                   8906 
_reflns.pdbx_Rmerge_I_obs            0.132 
_reflns.pdbx_netI_over_sigmaI        16.100 
_reflns.pdbx_chi_squared             1.154 
_reflns.pdbx_redundancy              12.900 
_reflns.percent_possible_obs         98.800 
_reflns.observed_criterion_sigma_F   ? 
_reflns.observed_criterion_sigma_I   ? 
_reflns.number_all                   ? 
_reflns.pdbx_Rsym_value              ? 
_reflns.B_iso_Wilson_estimate        ? 
_reflns.R_free_details               ? 
_reflns.limit_h_max                  ? 
_reflns.limit_h_min                  ? 
_reflns.limit_k_max                  ? 
_reflns.limit_k_min                  ? 
_reflns.limit_l_max                  ? 
_reflns.limit_l_min                  ? 
_reflns.observed_criterion_F_max     ? 
_reflns.observed_criterion_F_min     ? 
_reflns.pdbx_scaling_rejects         ? 
_reflns.pdbx_ordinal                 1 
_reflns.pdbx_diffrn_id               1 
# 
loop_
_reflns_shell.d_res_high 
_reflns_shell.d_res_low 
_reflns_shell.number_measured_obs 
_reflns_shell.number_measured_all 
_reflns_shell.number_unique_obs 
_reflns_shell.Rmerge_I_obs 
_reflns_shell.meanI_over_sigI_obs 
_reflns_shell.pdbx_Rsym_value 
_reflns_shell.pdbx_chi_squared 
_reflns_shell.pdbx_redundancy 
_reflns_shell.percent_possible_obs 
_reflns_shell.number_unique_all 
_reflns_shell.percent_possible_all 
_reflns_shell.pdbx_ordinal 
_reflns_shell.pdbx_diffrn_id 
1.85 1.92  ? ? ? 0.358 ? ? 0.937 8.90  ? 821 94.30  1  1 
1.92 1.99  ? ? ? 0.247 ? ? 1.142 11.60 ? 854 99.40  2  1 
1.99 2.08  ? ? ? 0.217 ? ? 1.335 13.30 ? 886 100.00 3  1 
2.08 2.19  ? ? ? 0.171 ? ? 1.153 13.90 ? 883 100.00 4  1 
2.19 2.33  ? ? ? 0.149 ? ? 1.181 14.10 ? 892 100.00 5  1 
2.33 2.51  ? ? ? 0.133 ? ? 1.110 14.00 ? 892 100.00 6  1 
2.51 2.76  ? ? ? 0.129 ? ? 1.171 13.90 ? 894 100.00 7  1 
2.76 3.16  ? ? ? 0.131 ? ? 1.169 13.80 ? 904 100.00 8  1 
3.16 3.98  ? ? ? 0.131 ? ? 1.111 13.30 ? 922 99.90  9  1 
3.98 45.00 ? ? ? 0.128 ? ? 1.143 12.20 ? 958 94.90  10 1 
# 
_refine.entry_id                                 3CR5 
_refine.ls_d_res_high                            1.850 
_refine.ls_d_res_low                             44.460 
_refine.pdbx_ls_sigma_F                          0.00 
_refine.ls_percent_reflns_obs                    98.840 
_refine.ls_number_reflns_obs                     8872 
_refine.pdbx_ls_cross_valid_method               THROUGHOUT 
_refine.pdbx_R_Free_selection_details            RANDOM 
_refine.ls_R_factor_obs                          0.194 
_refine.ls_R_factor_R_work                       0.192 
_refine.ls_R_factor_R_free                       0.243 
_refine.ls_percent_reflns_R_free                 4.700 
_refine.ls_number_reflns_R_free                  416 
_refine.B_iso_mean                               40.164 
_refine.aniso_B[1][1]                            -0.800 
_refine.aniso_B[2][2]                            -0.800 
_refine.aniso_B[3][3]                            1.600 
_refine.aniso_B[1][2]                            0.000 
_refine.aniso_B[1][3]                            0.000 
_refine.aniso_B[2][3]                            0.000 
_refine.correlation_coeff_Fo_to_Fc               0.959 
_refine.correlation_coeff_Fo_to_Fc_free          0.931 
_refine.pdbx_overall_ESU_R                       0.150 
_refine.pdbx_overall_ESU_R_Free                  0.146 
_refine.overall_SU_ML                            0.091 
_refine.overall_SU_B                             6.636 
_refine.solvent_model_details                    MASK 
_refine.pdbx_solvent_vdw_probe_radii             1.200 
_refine.pdbx_solvent_ion_probe_radii             0.800 
_refine.pdbx_solvent_shrinkage_radii             0.800 
_refine.pdbx_method_to_determine_struct          'MOLECULAR REPLACEMENT' 
_refine.pdbx_stereochemistry_target_values       'MAXIMUM LIKELIHOOD' 
_refine.pdbx_ls_sigma_I                          ? 
_refine.ls_number_reflns_all                     ? 
_refine.ls_R_factor_all                          ? 
_refine.ls_redundancy_reflns_obs                 ? 
_refine.pdbx_data_cutoff_high_absF               ? 
_refine.pdbx_data_cutoff_low_absF                ? 
_refine.ls_number_parameters                     ? 
_refine.ls_number_restraints                     ? 
_refine.ls_R_factor_R_free_error                 ? 
_refine.ls_R_factor_R_free_error_details         ? 
_refine.pdbx_starting_model                      ? 
_refine.pdbx_stereochem_target_val_spec_case     ? 
_refine.solvent_model_param_bsol                 ? 
_refine.solvent_model_param_ksol                 ? 
_refine.occupancy_max                            ? 
_refine.occupancy_min                            ? 
_refine.pdbx_isotropic_thermal_model             ? 
_refine.details                                  ? 
_refine.B_iso_min                                ? 
_refine.B_iso_max                                ? 
_refine.overall_SU_R_Cruickshank_DPI             ? 
_refine.overall_SU_R_free                        ? 
_refine.pdbx_data_cutoff_high_rms_absF           ? 
_refine.ls_wR_factor_R_free                      ? 
_refine.ls_wR_factor_R_work                      ? 
_refine.overall_FOM_free_R_set                   ? 
_refine.overall_FOM_work_R_set                   ? 
_refine.pdbx_overall_phase_error                 ? 
_refine.pdbx_refine_id                           'X-RAY DIFFRACTION' 
_refine.pdbx_TLS_residual_ADP_flag               'LIKELY RESIDUAL' 
_refine.pdbx_diffrn_id                           1 
_refine.pdbx_overall_SU_R_free_Cruickshank_DPI   ? 
_refine.pdbx_overall_SU_R_Blow_DPI               ? 
_refine.pdbx_overall_SU_R_free_Blow_DPI          ? 
# 
_refine_hist.pdbx_refine_id                   'X-RAY DIFFRACTION' 
_refine_hist.cycle_id                         LAST 
_refine_hist.pdbx_number_atoms_protein        723 
_refine_hist.pdbx_number_atoms_nucleic_acid   0 
_refine_hist.pdbx_number_atoms_ligand         53 
_refine_hist.number_atoms_solvent             82 
_refine_hist.number_atoms_total               858 
_refine_hist.d_res_high                       1.850 
_refine_hist.d_res_low                        44.460 
# 
loop_
_refine_ls_restr.type 
_refine_ls_restr.number 
_refine_ls_restr.dev_ideal 
_refine_ls_restr.dev_ideal_target 
_refine_ls_restr.weight 
_refine_ls_restr.pdbx_refine_id 
_refine_ls_restr.pdbx_restraint_function 
r_bond_refined_d             787  0.015  0.021  ? 'X-RAY DIFFRACTION' ? 
r_angle_refined_deg          1050 1.484  2.009  ? 'X-RAY DIFFRACTION' ? 
r_dihedral_angle_1_deg       90   4.702  5.000  ? 'X-RAY DIFFRACTION' ? 
r_dihedral_angle_2_deg       38   37.555 26.053 ? 'X-RAY DIFFRACTION' ? 
r_dihedral_angle_3_deg       138  14.981 15.000 ? 'X-RAY DIFFRACTION' ? 
r_dihedral_angle_4_deg       1    9.375  15.000 ? 'X-RAY DIFFRACTION' ? 
r_chiral_restr               109  0.149  0.200  ? 'X-RAY DIFFRACTION' ? 
r_gen_planes_refined         592  0.007  0.020  ? 'X-RAY DIFFRACTION' ? 
r_nbd_refined                377  0.274  0.200  ? 'X-RAY DIFFRACTION' ? 
r_nbtor_refined              545  0.321  0.200  ? 'X-RAY DIFFRACTION' ? 
r_xyhbond_nbd_refined        70   0.161  0.200  ? 'X-RAY DIFFRACTION' ? 
r_metal_ion_refined          9    0.103  0.200  ? 'X-RAY DIFFRACTION' ? 
r_symmetry_vdw_refined       93   0.371  0.200  ? 'X-RAY DIFFRACTION' ? 
r_symmetry_hbond_refined     19   0.127  0.200  ? 'X-RAY DIFFRACTION' ? 
r_symmetry_metal_ion_refined 2    0.112  0.200  ? 'X-RAY DIFFRACTION' ? 
r_mcbond_it                  469  1.130  1.500  ? 'X-RAY DIFFRACTION' ? 
r_mcangle_it                 721  1.439  2.000  ? 'X-RAY DIFFRACTION' ? 
r_scbond_it                  359  2.469  3.000  ? 'X-RAY DIFFRACTION' ? 
r_scangle_it                 329  3.768  4.500  ? 'X-RAY DIFFRACTION' ? 
# 
_refine_ls_shell.d_res_high                       1.852 
_refine_ls_shell.d_res_low                        1.900 
_refine_ls_shell.pdbx_total_number_of_bins_used   20 
_refine_ls_shell.percent_reflns_obs               93.200 
_refine_ls_shell.number_reflns_R_work             560 
_refine_ls_shell.R_factor_all                     ? 
_refine_ls_shell.R_factor_R_work                  0.212 
_refine_ls_shell.R_factor_R_free                  0.229 
_refine_ls_shell.percent_reflns_R_free            ? 
_refine_ls_shell.number_reflns_R_free             29 
_refine_ls_shell.R_factor_R_free_error            ? 
_refine_ls_shell.number_reflns_all                589 
_refine_ls_shell.number_reflns_obs                ? 
_refine_ls_shell.redundancy_reflns_obs            ? 
_refine_ls_shell.pdbx_refine_id                   'X-RAY DIFFRACTION' 
# 
_struct.entry_id                  3CR5 
_struct.title                     'X-ray structure of bovine Pnt-Zn(2+),Ca(2+)-S100B' 
_struct.pdbx_model_details        ? 
_struct.pdbx_CASP_flag            ? 
_struct.pdbx_model_type_details   ? 
# 
_struct_keywords.entry_id        3CR5 
_struct_keywords.text            'EF hand, Alpha helical, Metal-binding, Nucleus, METAL BINDING PROTEIN' 
_struct_keywords.pdbx_keywords   'METAL BINDING PROTEIN' 
# 
loop_
_struct_asym.id 
_struct_asym.pdbx_blank_PDB_chainid_flag 
_struct_asym.pdbx_modified 
_struct_asym.entity_id 
_struct_asym.details 
A N N 1 ? 
B N N 2 ? 
C N N 2 ? 
D N N 3 ? 
E N N 4 ? 
F N N 4 ? 
G N N 5 ? 
# 
_struct_ref.id                         1 
_struct_ref.db_name                    UNP 
_struct_ref.db_code                    S100B_BOVIN 
_struct_ref.pdbx_db_accession          P02638 
_struct_ref.entity_id                  1 
_struct_ref.pdbx_seq_one_letter_code   
;MSELEKAVVALIDVFHQYSGREGDKHKLKKSELKELINNELSHFLEEIKEQEVVDKVMETLDSDGDGECDFQEFMAFVAM
ITTACHEFFEHE
;
_struct_ref.pdbx_align_begin           1 
_struct_ref.pdbx_db_isoform            ? 
# 
_struct_ref_seq.align_id                      1 
_struct_ref_seq.ref_id                        1 
_struct_ref_seq.pdbx_PDB_id_code              3CR5 
_struct_ref_seq.pdbx_strand_id                X 
_struct_ref_seq.seq_align_beg                 1 
_struct_ref_seq.pdbx_seq_align_beg_ins_code   ? 
_struct_ref_seq.seq_align_end                 92 
_struct_ref_seq.pdbx_seq_align_end_ins_code   ? 
_struct_ref_seq.pdbx_db_accession             P02638 
_struct_ref_seq.db_align_beg                  1 
_struct_ref_seq.pdbx_db_align_beg_ins_code    ? 
_struct_ref_seq.db_align_end                  92 
_struct_ref_seq.pdbx_db_align_end_ins_code    ? 
_struct_ref_seq.pdbx_auth_seq_align_beg       0 
_struct_ref_seq.pdbx_auth_seq_align_end       91 
# 
_pdbx_struct_assembly.id                   1 
_pdbx_struct_assembly.details              author_and_software_defined_assembly 
_pdbx_struct_assembly.method_details       PISA 
_pdbx_struct_assembly.oligomeric_details   dimeric 
_pdbx_struct_assembly.oligomeric_count     2 
# 
loop_
_pdbx_struct_assembly_prop.biol_id 
_pdbx_struct_assembly_prop.type 
_pdbx_struct_assembly_prop.value 
_pdbx_struct_assembly_prop.details 
1 'ABSA (A^2)' 4460   ? 
1 MORE         -148.1 ? 
1 'SSA (A^2)'  10820  ? 
# 
_pdbx_struct_assembly_gen.assembly_id       1 
_pdbx_struct_assembly_gen.oper_expression   1,2 
_pdbx_struct_assembly_gen.asym_id_list      A,B,C,D,E,F,G 
# 
loop_
_pdbx_struct_oper_list.id 
_pdbx_struct_oper_list.type 
_pdbx_struct_oper_list.name 
_pdbx_struct_oper_list.symmetry_operation 
_pdbx_struct_oper_list.matrix[1][1] 
_pdbx_struct_oper_list.matrix[1][2] 
_pdbx_struct_oper_list.matrix[1][3] 
_pdbx_struct_oper_list.vector[1] 
_pdbx_struct_oper_list.matrix[2][1] 
_pdbx_struct_oper_list.matrix[2][2] 
_pdbx_struct_oper_list.matrix[2][3] 
_pdbx_struct_oper_list.vector[2] 
_pdbx_struct_oper_list.matrix[3][1] 
_pdbx_struct_oper_list.matrix[3][2] 
_pdbx_struct_oper_list.matrix[3][3] 
_pdbx_struct_oper_list.vector[3] 
1 'identity operation'         1_555 x,y,z        1.0000000000  0.0000000000 0.0000000000 0.0000000000  0.0000000000 1.0000000000  0.0000000000 0.0000000000   0.0000000000 0.0000000000 1.0000000000 0.0000000000 
2 'crystal symmetry operation' 8_555 -y,-x,-z+1/2 -0.5327755077 0.1254263893 0.8369100784 -6.4460193583 0.1254263893 -0.9663292927 0.2246684645 -19.0163467330 0.8369100784 0.2246684645 0.4991048004 6.4485898423 
# 
_struct_biol.id        1 
_struct_biol.details   ? 
# 
loop_
_struct_conf.conf_type_id 
_struct_conf.id 
_struct_conf.pdbx_PDB_helix_id 
_struct_conf.beg_label_comp_id 
_struct_conf.beg_label_asym_id 
_struct_conf.beg_label_seq_id 
_struct_conf.pdbx_beg_PDB_ins_code 
_struct_conf.end_label_comp_id 
_struct_conf.end_label_asym_id 
_struct_conf.end_label_seq_id 
_struct_conf.pdbx_end_PDB_ins_code 
_struct_conf.beg_auth_comp_id 
_struct_conf.beg_auth_asym_id 
_struct_conf.beg_auth_seq_id 
_struct_conf.end_auth_comp_id 
_struct_conf.end_auth_asym_id 
_struct_conf.end_auth_seq_id 
_struct_conf.pdbx_PDB_helix_class 
_struct_conf.details 
_struct_conf.pdbx_PDB_helix_length 
HELX_P HELX_P1 1 SER A 2  ? GLY A 20 ? SER X 1  GLY X 19 1 ? 19 
HELX_P HELX_P2 2 LYS A 29 ? LEU A 41 ? LYS X 28 LEU X 40 1 ? 13 
HELX_P HELX_P3 3 GLU A 50 ? ASP A 62 ? GLU X 49 ASP X 61 1 ? 13 
HELX_P HELX_P4 4 ASP A 70 ? PHE A 89 ? ASP X 69 PHE X 88 1 ? 20 
# 
_struct_conf_type.id          HELX_P 
_struct_conf_type.criteria    ? 
_struct_conf_type.reference   ? 
# 
loop_
_struct_conn.id 
_struct_conn.conn_type_id 
_struct_conn.pdbx_leaving_atom_flag 
_struct_conn.pdbx_PDB_id 
_struct_conn.ptnr1_label_asym_id 
_struct_conn.ptnr1_label_comp_id 
_struct_conn.ptnr1_label_seq_id 
_struct_conn.ptnr1_label_atom_id 
_struct_conn.pdbx_ptnr1_label_alt_id 
_struct_conn.pdbx_ptnr1_PDB_ins_code 
_struct_conn.pdbx_ptnr1_standard_comp_id 
_struct_conn.ptnr1_symmetry 
_struct_conn.ptnr2_label_asym_id 
_struct_conn.ptnr2_label_comp_id 
_struct_conn.ptnr2_label_seq_id 
_struct_conn.ptnr2_label_atom_id 
_struct_conn.pdbx_ptnr2_label_alt_id 
_struct_conn.pdbx_ptnr2_PDB_ins_code 
_struct_conn.ptnr1_auth_asym_id 
_struct_conn.ptnr1_auth_comp_id 
_struct_conn.ptnr1_auth_seq_id 
_struct_conn.ptnr2_auth_asym_id 
_struct_conn.ptnr2_auth_comp_id 
_struct_conn.ptnr2_auth_seq_id 
_struct_conn.ptnr2_symmetry 
_struct_conn.pdbx_ptnr3_label_atom_id 
_struct_conn.pdbx_ptnr3_label_seq_id 
_struct_conn.pdbx_ptnr3_label_comp_id 
_struct_conn.pdbx_ptnr3_label_asym_id 
_struct_conn.pdbx_ptnr3_label_alt_id 
_struct_conn.pdbx_ptnr3_PDB_ins_code 
_struct_conn.details 
_struct_conn.pdbx_dist_value 
_struct_conn.pdbx_value_order 
_struct_conn.pdbx_role 
metalc1  metalc ? ? A HIS 16 NE2 ? ? ? 1_555 D ZN  . ZN ? ? X HIS 15 X ZN  96  1_555 ? ? ? ? ? ? ? 1.995 ? ? 
metalc2  metalc ? ? A SER 19 O   ? ? ? 1_555 E CA  . CA ? ? X SER 18 X CA  92  1_555 ? ? ? ? ? ? ? 2.383 ? ? 
metalc3  metalc ? ? A GLU 22 O   ? ? ? 1_555 E CA  . CA ? ? X GLU 21 X CA  92  1_555 ? ? ? ? ? ? ? 2.453 ? ? 
metalc4  metalc ? ? A ASP 24 O   ? ? ? 1_555 E CA  . CA ? ? X ASP 23 X CA  92  1_555 ? ? ? ? ? ? ? 2.423 ? ? 
metalc5  metalc ? ? A HIS 26 NE2 ? ? ? 1_555 D ZN  . ZN ? ? X HIS 25 X ZN  96  1_555 ? ? ? ? ? ? ? 2.237 ? ? 
metalc6  metalc ? ? A LYS 27 O   ? ? ? 1_555 E CA  . CA ? ? X LYS 26 X CA  92  1_555 ? ? ? ? ? ? ? 2.408 ? ? 
metalc7  metalc ? ? A GLU 32 OE1 ? ? ? 1_555 E CA  . CA ? ? X GLU 31 X CA  92  1_555 ? ? ? ? ? ? ? 2.255 ? ? 
metalc8  metalc ? ? A GLU 32 OE2 ? ? ? 1_555 E CA  . CA ? ? X GLU 31 X CA  92  1_555 ? ? ? ? ? ? ? 2.468 ? ? 
metalc9  metalc ? ? A ASP 62 OD1 ? ? ? 1_555 F CA  . CA ? ? X ASP 61 X CA  93  1_555 ? ? ? ? ? ? ? 2.329 ? ? 
metalc10 metalc ? ? A ASP 64 OD1 ? ? ? 1_555 F CA  . CA ? ? X ASP 63 X CA  93  1_555 ? ? ? ? ? ? ? 2.315 ? ? 
metalc11 metalc ? ? A ASP 66 OD1 ? ? ? 1_555 F CA  . CA ? ? X ASP 65 X CA  93  1_555 ? ? ? ? ? ? ? 2.286 ? ? 
metalc12 metalc ? ? A GLU 68 O   ? ? ? 1_555 F CA  . CA ? ? X GLU 67 X CA  93  1_555 ? ? ? ? ? ? ? 2.324 ? ? 
metalc13 metalc ? ? A GLU 73 OE1 ? ? ? 1_555 F CA  . CA ? ? X GLU 72 X CA  93  1_555 ? ? ? ? ? ? ? 2.465 ? ? 
metalc14 metalc ? ? A GLU 73 OE2 ? ? ? 1_555 F CA  . CA ? ? X GLU 72 X CA  93  1_555 ? ? ? ? ? ? ? 2.640 ? ? 
metalc15 metalc ? ? E CA  .  CA  ? ? ? 1_555 G HOH . O  ? ? X CA  92 X HOH 98  1_555 ? ? ? ? ? ? ? 2.435 ? ? 
metalc16 metalc ? ? F CA  .  CA  ? ? ? 1_555 G HOH . O  ? ? X CA  93 X HOH 101 1_555 ? ? ? ? ? ? ? 2.292 ? ? 
# 
_struct_conn_type.id          metalc 
_struct_conn_type.criteria    ? 
_struct_conn_type.reference   ? 
# 
loop_
_pdbx_struct_conn_angle.id 
_pdbx_struct_conn_angle.ptnr1_label_atom_id 
_pdbx_struct_conn_angle.ptnr1_label_alt_id 
_pdbx_struct_conn_angle.ptnr1_label_asym_id 
_pdbx_struct_conn_angle.ptnr1_label_comp_id 
_pdbx_struct_conn_angle.ptnr1_label_seq_id 
_pdbx_struct_conn_angle.ptnr1_auth_atom_id 
_pdbx_struct_conn_angle.ptnr1_auth_asym_id 
_pdbx_struct_conn_angle.ptnr1_auth_comp_id 
_pdbx_struct_conn_angle.ptnr1_auth_seq_id 
_pdbx_struct_conn_angle.ptnr1_PDB_ins_code 
_pdbx_struct_conn_angle.ptnr1_symmetry 
_pdbx_struct_conn_angle.ptnr2_label_atom_id 
_pdbx_struct_conn_angle.ptnr2_label_alt_id 
_pdbx_struct_conn_angle.ptnr2_label_asym_id 
_pdbx_struct_conn_angle.ptnr2_label_comp_id 
_pdbx_struct_conn_angle.ptnr2_label_seq_id 
_pdbx_struct_conn_angle.ptnr2_auth_atom_id 
_pdbx_struct_conn_angle.ptnr2_auth_asym_id 
_pdbx_struct_conn_angle.ptnr2_auth_comp_id 
_pdbx_struct_conn_angle.ptnr2_auth_seq_id 
_pdbx_struct_conn_angle.ptnr2_PDB_ins_code 
_pdbx_struct_conn_angle.ptnr2_symmetry 
_pdbx_struct_conn_angle.ptnr3_label_atom_id 
_pdbx_struct_conn_angle.ptnr3_label_alt_id 
_pdbx_struct_conn_angle.ptnr3_label_asym_id 
_pdbx_struct_conn_angle.ptnr3_label_comp_id 
_pdbx_struct_conn_angle.ptnr3_label_seq_id 
_pdbx_struct_conn_angle.ptnr3_auth_atom_id 
_pdbx_struct_conn_angle.ptnr3_auth_asym_id 
_pdbx_struct_conn_angle.ptnr3_auth_comp_id 
_pdbx_struct_conn_angle.ptnr3_auth_seq_id 
_pdbx_struct_conn_angle.ptnr3_PDB_ins_code 
_pdbx_struct_conn_angle.ptnr3_symmetry 
_pdbx_struct_conn_angle.value 
_pdbx_struct_conn_angle.value_esd 
1  NE2 ? A HIS 16 ? X HIS 15 ? 1_555 ZN ? D ZN . ? X ZN 96 ? 1_555 NE2 ? A HIS 26 ? X HIS 25  ? 1_555 126.5 ? 
2  O   ? A SER 19 ? X SER 18 ? 1_555 CA ? E CA . ? X CA 92 ? 1_555 O   ? A GLU 22 ? X GLU 21  ? 1_555 102.3 ? 
3  O   ? A SER 19 ? X SER 18 ? 1_555 CA ? E CA . ? X CA 92 ? 1_555 O   ? A ASP 24 ? X ASP 23  ? 1_555 84.9  ? 
4  O   ? A GLU 22 ? X GLU 21 ? 1_555 CA ? E CA . ? X CA 92 ? 1_555 O   ? A ASP 24 ? X ASP 23  ? 1_555 87.2  ? 
5  O   ? A SER 19 ? X SER 18 ? 1_555 CA ? E CA . ? X CA 92 ? 1_555 O   ? A LYS 27 ? X LYS 26  ? 1_555 92.4  ? 
6  O   ? A GLU 22 ? X GLU 21 ? 1_555 CA ? E CA . ? X CA 92 ? 1_555 O   ? A LYS 27 ? X LYS 26  ? 1_555 160.8 ? 
7  O   ? A ASP 24 ? X ASP 23 ? 1_555 CA ? E CA . ? X CA 92 ? 1_555 O   ? A LYS 27 ? X LYS 26  ? 1_555 81.9  ? 
8  O   ? A SER 19 ? X SER 18 ? 1_555 CA ? E CA . ? X CA 92 ? 1_555 OE1 ? A GLU 32 ? X GLU 31  ? 1_555 102.7 ? 
9  O   ? A GLU 22 ? X GLU 21 ? 1_555 CA ? E CA . ? X CA 92 ? 1_555 OE1 ? A GLU 32 ? X GLU 31  ? 1_555 112.1 ? 
10 O   ? A ASP 24 ? X ASP 23 ? 1_555 CA ? E CA . ? X CA 92 ? 1_555 OE1 ? A GLU 32 ? X GLU 31  ? 1_555 156.6 ? 
11 O   ? A LYS 27 ? X LYS 26 ? 1_555 CA ? E CA . ? X CA 92 ? 1_555 OE1 ? A GLU 32 ? X GLU 31  ? 1_555 75.8  ? 
12 O   ? A SER 19 ? X SER 18 ? 1_555 CA ? E CA . ? X CA 92 ? 1_555 OE2 ? A GLU 32 ? X GLU 31  ? 1_555 73.8  ? 
13 O   ? A GLU 22 ? X GLU 21 ? 1_555 CA ? E CA . ? X CA 92 ? 1_555 OE2 ? A GLU 32 ? X GLU 31  ? 1_555 75.0  ? 
14 O   ? A ASP 24 ? X ASP 23 ? 1_555 CA ? E CA . ? X CA 92 ? 1_555 OE2 ? A GLU 32 ? X GLU 31  ? 1_555 148.2 ? 
15 O   ? A LYS 27 ? X LYS 26 ? 1_555 CA ? E CA . ? X CA 92 ? 1_555 OE2 ? A GLU 32 ? X GLU 31  ? 1_555 121.5 ? 
16 OE1 ? A GLU 32 ? X GLU 31 ? 1_555 CA ? E CA . ? X CA 92 ? 1_555 OE2 ? A GLU 32 ? X GLU 31  ? 1_555 54.1  ? 
17 O   ? A SER 19 ? X SER 18 ? 1_555 CA ? E CA . ? X CA 92 ? 1_555 O   ? G HOH .  ? X HOH 98  ? 1_555 169.4 ? 
18 O   ? A GLU 22 ? X GLU 21 ? 1_555 CA ? E CA . ? X CA 92 ? 1_555 O   ? G HOH .  ? X HOH 98  ? 1_555 82.5  ? 
19 O   ? A ASP 24 ? X ASP 23 ? 1_555 CA ? E CA . ? X CA 92 ? 1_555 O   ? G HOH .  ? X HOH 98  ? 1_555 85.9  ? 
20 O   ? A LYS 27 ? X LYS 26 ? 1_555 CA ? E CA . ? X CA 92 ? 1_555 O   ? G HOH .  ? X HOH 98  ? 1_555 81.1  ? 
21 OE1 ? A GLU 32 ? X GLU 31 ? 1_555 CA ? E CA . ? X CA 92 ? 1_555 O   ? G HOH .  ? X HOH 98  ? 1_555 83.8  ? 
22 OE2 ? A GLU 32 ? X GLU 31 ? 1_555 CA ? E CA . ? X CA 92 ? 1_555 O   ? G HOH .  ? X HOH 98  ? 1_555 116.7 ? 
23 OD1 ? A ASP 62 ? X ASP 61 ? 1_555 CA ? F CA . ? X CA 93 ? 1_555 OD1 ? A ASP 64 ? X ASP 63  ? 1_555 81.9  ? 
24 OD1 ? A ASP 62 ? X ASP 61 ? 1_555 CA ? F CA . ? X CA 93 ? 1_555 OD1 ? A ASP 66 ? X ASP 65  ? 1_555 84.2  ? 
25 OD1 ? A ASP 64 ? X ASP 63 ? 1_555 CA ? F CA . ? X CA 93 ? 1_555 OD1 ? A ASP 66 ? X ASP 65  ? 1_555 84.1  ? 
26 OD1 ? A ASP 62 ? X ASP 61 ? 1_555 CA ? F CA . ? X CA 93 ? 1_555 O   ? A GLU 68 ? X GLU 67  ? 1_555 84.7  ? 
27 OD1 ? A ASP 64 ? X ASP 63 ? 1_555 CA ? F CA . ? X CA 93 ? 1_555 O   ? A GLU 68 ? X GLU 67  ? 1_555 160.6 ? 
28 OD1 ? A ASP 66 ? X ASP 65 ? 1_555 CA ? F CA . ? X CA 93 ? 1_555 O   ? A GLU 68 ? X GLU 67  ? 1_555 80.7  ? 
29 OD1 ? A ASP 62 ? X ASP 61 ? 1_555 CA ? F CA . ? X CA 93 ? 1_555 OE1 ? A GLU 73 ? X GLU 72  ? 1_555 114.4 ? 
30 OD1 ? A ASP 64 ? X ASP 63 ? 1_555 CA ? F CA . ? X CA 93 ? 1_555 OE1 ? A GLU 73 ? X GLU 72  ? 1_555 123.0 ? 
31 OD1 ? A ASP 66 ? X ASP 65 ? 1_555 CA ? F CA . ? X CA 93 ? 1_555 OE1 ? A GLU 73 ? X GLU 72  ? 1_555 147.8 ? 
32 O   ? A GLU 68 ? X GLU 67 ? 1_555 CA ? F CA . ? X CA 93 ? 1_555 OE1 ? A GLU 73 ? X GLU 72  ? 1_555 75.4  ? 
33 OD1 ? A ASP 62 ? X ASP 61 ? 1_555 CA ? F CA . ? X CA 93 ? 1_555 OE2 ? A GLU 73 ? X GLU 72  ? 1_555 87.5  ? 
34 OD1 ? A ASP 64 ? X ASP 63 ? 1_555 CA ? F CA . ? X CA 93 ? 1_555 OE2 ? A GLU 73 ? X GLU 72  ? 1_555 77.5  ? 
35 OD1 ? A ASP 66 ? X ASP 65 ? 1_555 CA ? F CA . ? X CA 93 ? 1_555 OE2 ? A GLU 73 ? X GLU 72  ? 1_555 160.7 ? 
36 O   ? A GLU 68 ? X GLU 67 ? 1_555 CA ? F CA . ? X CA 93 ? 1_555 OE2 ? A GLU 73 ? X GLU 72  ? 1_555 115.8 ? 
37 OE1 ? A GLU 73 ? X GLU 72 ? 1_555 CA ? F CA . ? X CA 93 ? 1_555 OE2 ? A GLU 73 ? X GLU 72  ? 1_555 51.2  ? 
38 OD1 ? A ASP 62 ? X ASP 61 ? 1_555 CA ? F CA . ? X CA 93 ? 1_555 O   ? G HOH .  ? X HOH 101 ? 1_555 160.1 ? 
39 OD1 ? A ASP 64 ? X ASP 63 ? 1_555 CA ? F CA . ? X CA 93 ? 1_555 O   ? G HOH .  ? X HOH 101 ? 1_555 88.7  ? 
40 OD1 ? A ASP 66 ? X ASP 65 ? 1_555 CA ? F CA . ? X CA 93 ? 1_555 O   ? G HOH .  ? X HOH 101 ? 1_555 77.3  ? 
41 O   ? A GLU 68 ? X GLU 67 ? 1_555 CA ? F CA . ? X CA 93 ? 1_555 O   ? G HOH .  ? X HOH 101 ? 1_555 99.5  ? 
42 OE1 ? A GLU 73 ? X GLU 72 ? 1_555 CA ? F CA . ? X CA 93 ? 1_555 O   ? G HOH .  ? X HOH 101 ? 1_555 85.5  ? 
43 OE2 ? A GLU 73 ? X GLU 72 ? 1_555 CA ? F CA . ? X CA 93 ? 1_555 O   ? G HOH .  ? X HOH 101 ? 1_555 107.7 ? 
# 
loop_
_struct_site.id 
_struct_site.pdbx_evidence_code 
_struct_site.pdbx_auth_asym_id 
_struct_site.pdbx_auth_comp_id 
_struct_site.pdbx_auth_seq_id 
_struct_site.pdbx_auth_ins_code 
_struct_site.pdbx_num_residues 
_struct_site.details 
AC1 Software X PNT 94 ? 6 'BINDING SITE FOR RESIDUE PNT X 94' 
AC2 Software X PNT 95 ? 5 'BINDING SITE FOR RESIDUE PNT X 95' 
AC3 Software X ZN  96 ? 4 'BINDING SITE FOR RESIDUE ZN X 96'  
AC4 Software X CA  92 ? 6 'BINDING SITE FOR RESIDUE CA X 92'  
AC5 Software X CA  93 ? 6 'BINDING SITE FOR RESIDUE CA X 93'  
# 
loop_
_struct_site_gen.id 
_struct_site_gen.site_id 
_struct_site_gen.pdbx_num_res 
_struct_site_gen.label_comp_id 
_struct_site_gen.label_asym_id 
_struct_site_gen.label_seq_id 
_struct_site_gen.pdbx_auth_ins_code 
_struct_site_gen.auth_comp_id 
_struct_site_gen.auth_asym_id 
_struct_site_gen.auth_seq_id 
_struct_site_gen.label_atom_id 
_struct_site_gen.label_alt_id 
_struct_site_gen.symmetry 
_struct_site_gen.details 
1  AC1 6 ILE A 12 ? ILE X 11  . ? 8_555 ? 
2  AC1 6 ASP A 13 ? ASP X 12  . ? 8_555 ? 
3  AC1 6 PHE A 44 ? PHE X 43  . ? 7_556 ? 
4  AC1 6 CYS A 85 ? CYS X 84  . ? 1_555 ? 
5  AC1 6 PHE A 89 ? PHE X 88  . ? 7_556 ? 
6  AC1 6 HOH G .  ? HOH X 119 . ? 1_555 ? 
7  AC2 5 HIS A 43 ? HIS X 42  . ? 7_556 ? 
8  AC2 5 PHE A 44 ? PHE X 43  . ? 1_555 ? 
9  AC2 5 CYS A 85 ? CYS X 84  . ? 1_555 ? 
10 AC2 5 PHE A 88 ? PHE X 87  . ? 7_556 ? 
11 AC2 5 PHE A 89 ? PHE X 88  . ? 7_556 ? 
12 AC3 4 HIS A 16 ? HIS X 15  . ? 1_555 ? 
13 AC3 4 HIS A 26 ? HIS X 25  . ? 1_555 ? 
14 AC3 4 HIS A 86 ? HIS X 85  . ? 8_555 ? 
15 AC3 4 GLU A 90 ? GLU X 89  . ? 8_555 ? 
16 AC4 6 SER A 19 ? SER X 18  . ? 1_555 ? 
17 AC4 6 GLU A 22 ? GLU X 21  . ? 1_555 ? 
18 AC4 6 ASP A 24 ? ASP X 23  . ? 1_555 ? 
19 AC4 6 LYS A 27 ? LYS X 26  . ? 1_555 ? 
20 AC4 6 GLU A 32 ? GLU X 31  . ? 1_555 ? 
21 AC4 6 HOH G .  ? HOH X 98  . ? 1_555 ? 
22 AC5 6 ASP A 62 ? ASP X 61  . ? 1_555 ? 
23 AC5 6 ASP A 64 ? ASP X 63  . ? 1_555 ? 
24 AC5 6 ASP A 66 ? ASP X 65  . ? 1_555 ? 
25 AC5 6 GLU A 68 ? GLU X 67  . ? 1_555 ? 
26 AC5 6 GLU A 73 ? GLU X 72  . ? 1_555 ? 
27 AC5 6 HOH G .  ? HOH X 101 . ? 1_555 ? 
# 
_pdbx_validate_rmsd_angle.id                         1 
_pdbx_validate_rmsd_angle.PDB_model_num              1 
_pdbx_validate_rmsd_angle.auth_atom_id_1             CG1 
_pdbx_validate_rmsd_angle.auth_asym_id_1             X 
_pdbx_validate_rmsd_angle.auth_comp_id_1             VAL 
_pdbx_validate_rmsd_angle.auth_seq_id_1              13 
_pdbx_validate_rmsd_angle.PDB_ins_code_1             ? 
_pdbx_validate_rmsd_angle.label_alt_id_1             ? 
_pdbx_validate_rmsd_angle.auth_atom_id_2             CB 
_pdbx_validate_rmsd_angle.auth_asym_id_2             X 
_pdbx_validate_rmsd_angle.auth_comp_id_2             VAL 
_pdbx_validate_rmsd_angle.auth_seq_id_2              13 
_pdbx_validate_rmsd_angle.PDB_ins_code_2             ? 
_pdbx_validate_rmsd_angle.label_alt_id_2             ? 
_pdbx_validate_rmsd_angle.auth_atom_id_3             CG2 
_pdbx_validate_rmsd_angle.auth_asym_id_3             X 
_pdbx_validate_rmsd_angle.auth_comp_id_3             VAL 
_pdbx_validate_rmsd_angle.auth_seq_id_3              13 
_pdbx_validate_rmsd_angle.PDB_ins_code_3             ? 
_pdbx_validate_rmsd_angle.label_alt_id_3             ? 
_pdbx_validate_rmsd_angle.angle_value                121.44 
_pdbx_validate_rmsd_angle.angle_target_value         110.90 
_pdbx_validate_rmsd_angle.angle_deviation            10.54 
_pdbx_validate_rmsd_angle.angle_standard_deviation   1.60 
_pdbx_validate_rmsd_angle.linker_flag                N 
# 
_pdbx_refine_tls.id               1 
_pdbx_refine_tls.details          ? 
_pdbx_refine_tls.method           refined 
_pdbx_refine_tls.origin_x         0.3901 
_pdbx_refine_tls.origin_y         -0.4214 
_pdbx_refine_tls.origin_z         0.4080 
_pdbx_refine_tls.T[1][1]          0.0168 
_pdbx_refine_tls.T[2][2]          -0.1162 
_pdbx_refine_tls.T[3][3]          -0.1040 
_pdbx_refine_tls.T[1][2]          -0.0307 
_pdbx_refine_tls.T[1][3]          0.0412 
_pdbx_refine_tls.T[2][3]          -0.0405 
_pdbx_refine_tls.L[1][1]          1.9549 
_pdbx_refine_tls.L[2][2]          3.5188 
_pdbx_refine_tls.L[3][3]          2.2618 
_pdbx_refine_tls.L[1][2]          0.0530 
_pdbx_refine_tls.L[1][3]          1.3542 
_pdbx_refine_tls.L[2][3]          -0.9328 
_pdbx_refine_tls.S[1][1]          -0.1577 
_pdbx_refine_tls.S[2][2]          0.1335 
_pdbx_refine_tls.S[3][3]          0.0242 
_pdbx_refine_tls.S[1][2]          0.1832 
_pdbx_refine_tls.S[1][3]          -0.0428 
_pdbx_refine_tls.S[2][3]          -0.2044 
_pdbx_refine_tls.S[2][1]          -0.1294 
_pdbx_refine_tls.S[3][1]          -0.4385 
_pdbx_refine_tls.S[3][2]          0.2278 
_pdbx_refine_tls.pdbx_refine_id   'X-RAY DIFFRACTION' 
# 
loop_
_pdbx_refine_tls_group.id 
_pdbx_refine_tls_group.refine_tls_id 
_pdbx_refine_tls_group.beg_auth_asym_id 
_pdbx_refine_tls_group.end_auth_asym_id 
_pdbx_refine_tls_group.end_auth_seq_id 
_pdbx_refine_tls_group.selection 
_pdbx_refine_tls_group.beg_auth_seq_id 
_pdbx_refine_tls_group.beg_label_asym_id 
_pdbx_refine_tls_group.beg_label_seq_id 
_pdbx_refine_tls_group.end_label_asym_id 
_pdbx_refine_tls_group.end_label_seq_id 
_pdbx_refine_tls_group.pdbx_refine_id 
_pdbx_refine_tls_group.selection_details 
1 1 X X 95  ? 0  A 1 C 1  'X-RAY DIFFRACTION' ? 
2 1 X X 178 ? 97 G 1 G 82 'X-RAY DIFFRACTION' ? 
# 
_pdbx_phasing_MR.entry_id                     3CR5 
_pdbx_phasing_MR.method_rotation              ? 
_pdbx_phasing_MR.method_translation           ? 
_pdbx_phasing_MR.model_details                ? 
_pdbx_phasing_MR.R_factor                     ? 
_pdbx_phasing_MR.R_rigid_body                 ? 
_pdbx_phasing_MR.correlation_coeff_Fo_to_Fc   ? 
_pdbx_phasing_MR.correlation_coeff_Io_to_Ic   ? 
_pdbx_phasing_MR.d_res_high_rotation          2.180 
_pdbx_phasing_MR.d_res_low_rotation           31.440 
_pdbx_phasing_MR.d_res_high_translation       2.180 
_pdbx_phasing_MR.d_res_low_translation        31.440 
_pdbx_phasing_MR.packing                      ? 
_pdbx_phasing_MR.reflns_percent_rotation      ? 
_pdbx_phasing_MR.reflns_percent_translation   ? 
_pdbx_phasing_MR.sigma_F_rotation             ? 
_pdbx_phasing_MR.sigma_F_translation          ? 
_pdbx_phasing_MR.sigma_I_rotation             ? 
_pdbx_phasing_MR.sigma_I_translation          ? 
# 
_phasing.method   MR 
# 
_pdbx_unobs_or_zero_occ_residues.id               1 
_pdbx_unobs_or_zero_occ_residues.PDB_model_num    1 
_pdbx_unobs_or_zero_occ_residues.polymer_flag     Y 
_pdbx_unobs_or_zero_occ_residues.occupancy_flag   1 
_pdbx_unobs_or_zero_occ_residues.auth_asym_id     X 
_pdbx_unobs_or_zero_occ_residues.auth_comp_id     GLU 
_pdbx_unobs_or_zero_occ_residues.auth_seq_id      91 
_pdbx_unobs_or_zero_occ_residues.PDB_ins_code     ? 
_pdbx_unobs_or_zero_occ_residues.label_asym_id    A 
_pdbx_unobs_or_zero_occ_residues.label_comp_id    GLU 
_pdbx_unobs_or_zero_occ_residues.label_seq_id     92 
# 
loop_
_chem_comp_atom.comp_id 
_chem_comp_atom.atom_id 
_chem_comp_atom.type_symbol 
_chem_comp_atom.pdbx_aromatic_flag 
_chem_comp_atom.pdbx_stereo_config 
_chem_comp_atom.pdbx_ordinal 
ALA N      N  N N 1   
ALA CA     C  N S 2   
ALA C      C  N N 3   
ALA O      O  N N 4   
ALA CB     C  N N 5   
ALA OXT    O  N N 6   
ALA H      H  N N 7   
ALA H2     H  N N 8   
ALA HA     H  N N 9   
ALA HB1    H  N N 10  
ALA HB2    H  N N 11  
ALA HB3    H  N N 12  
ALA HXT    H  N N 13  
ARG N      N  N N 14  
ARG CA     C  N S 15  
ARG C      C  N N 16  
ARG O      O  N N 17  
ARG CB     C  N N 18  
ARG CG     C  N N 19  
ARG CD     C  N N 20  
ARG NE     N  N N 21  
ARG CZ     C  N N 22  
ARG NH1    N  N N 23  
ARG NH2    N  N N 24  
ARG OXT    O  N N 25  
ARG H      H  N N 26  
ARG H2     H  N N 27  
ARG HA     H  N N 28  
ARG HB2    H  N N 29  
ARG HB3    H  N N 30  
ARG HG2    H  N N 31  
ARG HG3    H  N N 32  
ARG HD2    H  N N 33  
ARG HD3    H  N N 34  
ARG HE     H  N N 35  
ARG HH11   H  N N 36  
ARG HH12   H  N N 37  
ARG HH21   H  N N 38  
ARG HH22   H  N N 39  
ARG HXT    H  N N 40  
ASN N      N  N N 41  
ASN CA     C  N S 42  
ASN C      C  N N 43  
ASN O      O  N N 44  
ASN CB     C  N N 45  
ASN CG     C  N N 46  
ASN OD1    O  N N 47  
ASN ND2    N  N N 48  
ASN OXT    O  N N 49  
ASN H      H  N N 50  
ASN H2     H  N N 51  
ASN HA     H  N N 52  
ASN HB2    H  N N 53  
ASN HB3    H  N N 54  
ASN HD21   H  N N 55  
ASN HD22   H  N N 56  
ASN HXT    H  N N 57  
ASP N      N  N N 58  
ASP CA     C  N S 59  
ASP C      C  N N 60  
ASP O      O  N N 61  
ASP CB     C  N N 62  
ASP CG     C  N N 63  
ASP OD1    O  N N 64  
ASP OD2    O  N N 65  
ASP OXT    O  N N 66  
ASP H      H  N N 67  
ASP H2     H  N N 68  
ASP HA     H  N N 69  
ASP HB2    H  N N 70  
ASP HB3    H  N N 71  
ASP HD2    H  N N 72  
ASP HXT    H  N N 73  
CA  CA     CA N N 74  
CYS N      N  N N 75  
CYS CA     C  N R 76  
CYS C      C  N N 77  
CYS O      O  N N 78  
CYS CB     C  N N 79  
CYS SG     S  N N 80  
CYS OXT    O  N N 81  
CYS H      H  N N 82  
CYS H2     H  N N 83  
CYS HA     H  N N 84  
CYS HB2    H  N N 85  
CYS HB3    H  N N 86  
CYS HG     H  N N 87  
CYS HXT    H  N N 88  
GLN N      N  N N 89  
GLN CA     C  N S 90  
GLN C      C  N N 91  
GLN O      O  N N 92  
GLN CB     C  N N 93  
GLN CG     C  N N 94  
GLN CD     C  N N 95  
GLN OE1    O  N N 96  
GLN NE2    N  N N 97  
GLN OXT    O  N N 98  
GLN H      H  N N 99  
GLN H2     H  N N 100 
GLN HA     H  N N 101 
GLN HB2    H  N N 102 
GLN HB3    H  N N 103 
GLN HG2    H  N N 104 
GLN HG3    H  N N 105 
GLN HE21   H  N N 106 
GLN HE22   H  N N 107 
GLN HXT    H  N N 108 
GLU N      N  N N 109 
GLU CA     C  N S 110 
GLU C      C  N N 111 
GLU O      O  N N 112 
GLU CB     C  N N 113 
GLU CG     C  N N 114 
GLU CD     C  N N 115 
GLU OE1    O  N N 116 
GLU OE2    O  N N 117 
GLU OXT    O  N N 118 
GLU H      H  N N 119 
GLU H2     H  N N 120 
GLU HA     H  N N 121 
GLU HB2    H  N N 122 
GLU HB3    H  N N 123 
GLU HG2    H  N N 124 
GLU HG3    H  N N 125 
GLU HE2    H  N N 126 
GLU HXT    H  N N 127 
GLY N      N  N N 128 
GLY CA     C  N N 129 
GLY C      C  N N 130 
GLY O      O  N N 131 
GLY OXT    O  N N 132 
GLY H      H  N N 133 
GLY H2     H  N N 134 
GLY HA2    H  N N 135 
GLY HA3    H  N N 136 
GLY HXT    H  N N 137 
HIS N      N  N N 138 
HIS CA     C  N S 139 
HIS C      C  N N 140 
HIS O      O  N N 141 
HIS CB     C  N N 142 
HIS CG     C  Y N 143 
HIS ND1    N  Y N 144 
HIS CD2    C  Y N 145 
HIS CE1    C  Y N 146 
HIS NE2    N  Y N 147 
HIS OXT    O  N N 148 
HIS H      H  N N 149 
HIS H2     H  N N 150 
HIS HA     H  N N 151 
HIS HB2    H  N N 152 
HIS HB3    H  N N 153 
HIS HD1    H  N N 154 
HIS HD2    H  N N 155 
HIS HE1    H  N N 156 
HIS HE2    H  N N 157 
HIS HXT    H  N N 158 
HOH O      O  N N 159 
HOH H1     H  N N 160 
HOH H2     H  N N 161 
ILE N      N  N N 162 
ILE CA     C  N S 163 
ILE C      C  N N 164 
ILE O      O  N N 165 
ILE CB     C  N S 166 
ILE CG1    C  N N 167 
ILE CG2    C  N N 168 
ILE CD1    C  N N 169 
ILE OXT    O  N N 170 
ILE H      H  N N 171 
ILE H2     H  N N 172 
ILE HA     H  N N 173 
ILE HB     H  N N 174 
ILE HG12   H  N N 175 
ILE HG13   H  N N 176 
ILE HG21   H  N N 177 
ILE HG22   H  N N 178 
ILE HG23   H  N N 179 
ILE HD11   H  N N 180 
ILE HD12   H  N N 181 
ILE HD13   H  N N 182 
ILE HXT    H  N N 183 
LEU N      N  N N 184 
LEU CA     C  N S 185 
LEU C      C  N N 186 
LEU O      O  N N 187 
LEU CB     C  N N 188 
LEU CG     C  N N 189 
LEU CD1    C  N N 190 
LEU CD2    C  N N 191 
LEU OXT    O  N N 192 
LEU H      H  N N 193 
LEU H2     H  N N 194 
LEU HA     H  N N 195 
LEU HB2    H  N N 196 
LEU HB3    H  N N 197 
LEU HG     H  N N 198 
LEU HD11   H  N N 199 
LEU HD12   H  N N 200 
LEU HD13   H  N N 201 
LEU HD21   H  N N 202 
LEU HD22   H  N N 203 
LEU HD23   H  N N 204 
LEU HXT    H  N N 205 
LYS N      N  N N 206 
LYS CA     C  N S 207 
LYS C      C  N N 208 
LYS O      O  N N 209 
LYS CB     C  N N 210 
LYS CG     C  N N 211 
LYS CD     C  N N 212 
LYS CE     C  N N 213 
LYS NZ     N  N N 214 
LYS OXT    O  N N 215 
LYS H      H  N N 216 
LYS H2     H  N N 217 
LYS HA     H  N N 218 
LYS HB2    H  N N 219 
LYS HB3    H  N N 220 
LYS HG2    H  N N 221 
LYS HG3    H  N N 222 
LYS HD2    H  N N 223 
LYS HD3    H  N N 224 
LYS HE2    H  N N 225 
LYS HE3    H  N N 226 
LYS HZ1    H  N N 227 
LYS HZ2    H  N N 228 
LYS HZ3    H  N N 229 
LYS HXT    H  N N 230 
MET N      N  N N 231 
MET CA     C  N S 232 
MET C      C  N N 233 
MET O      O  N N 234 
MET CB     C  N N 235 
MET CG     C  N N 236 
MET SD     S  N N 237 
MET CE     C  N N 238 
MET OXT    O  N N 239 
MET H      H  N N 240 
MET H2     H  N N 241 
MET HA     H  N N 242 
MET HB2    H  N N 243 
MET HB3    H  N N 244 
MET HG2    H  N N 245 
MET HG3    H  N N 246 
MET HE1    H  N N 247 
MET HE2    H  N N 248 
MET HE3    H  N N 249 
MET HXT    H  N N 250 
PHE N      N  N N 251 
PHE CA     C  N S 252 
PHE C      C  N N 253 
PHE O      O  N N 254 
PHE CB     C  N N 255 
PHE CG     C  Y N 256 
PHE CD1    C  Y N 257 
PHE CD2    C  Y N 258 
PHE CE1    C  Y N 259 
PHE CE2    C  Y N 260 
PHE CZ     C  Y N 261 
PHE OXT    O  N N 262 
PHE H      H  N N 263 
PHE H2     H  N N 264 
PHE HA     H  N N 265 
PHE HB2    H  N N 266 
PHE HB3    H  N N 267 
PHE HD1    H  N N 268 
PHE HD2    H  N N 269 
PHE HE1    H  N N 270 
PHE HE2    H  N N 271 
PHE HZ     H  N N 272 
PHE HXT    H  N N 273 
PNT C1     C  Y N 274 
PNT C2     C  Y N 275 
PNT C3     C  Y N 276 
PNT C4     C  Y N 277 
PNT C5     C  Y N 278 
PNT C6     C  Y N 279 
PNT C7     C  N N 280 
PNT C8     C  N N 281 
PNT C9     C  N N 282 
PNT C10    C  N N 283 
PNT "C1'"  C  Y N 284 
PNT "C2'"  C  Y N 285 
PNT "C3'"  C  Y N 286 
PNT "C4'"  C  Y N 287 
PNT "C5'"  C  Y N 288 
PNT "C6'"  C  Y N 289 
PNT "C7'"  C  N N 290 
PNT "C8'"  C  N N 291 
PNT "C9'"  C  N N 292 
PNT O1     O  N N 293 
PNT "O1'"  O  N N 294 
PNT N1     N  N N 295 
PNT N2     N  N N 296 
PNT "N1'"  N  N N 297 
PNT "N2'"  N  N N 298 
PNT H2     H  N N 299 
PNT H3     H  N N 300 
PNT H5     H  N N 301 
PNT H6     H  N N 302 
PNT H71    H  N N 303 
PNT H72    H  N N 304 
PNT H81    H  N N 305 
PNT H82    H  N N 306 
PNT H101   H  N N 307 
PNT H102   H  N N 308 
PNT "H2'"  H  N N 309 
PNT "H3'"  H  N N 310 
PNT "H5'"  H  N N 311 
PNT "H6'"  H  N N 312 
PNT "H7'1" H  N N 313 
PNT "H7'2" H  N N 314 
PNT "H8'1" H  N N 315 
PNT "H8'2" H  N N 316 
PNT HN1    H  N N 317 
PNT HN2    H  N N 318 
PNT HN3    H  N N 319 
PNT "HN'1" H  N N 320 
PNT "HN'2" H  N N 321 
PNT "HN'3" H  N N 322 
SER N      N  N N 323 
SER CA     C  N S 324 
SER C      C  N N 325 
SER O      O  N N 326 
SER CB     C  N N 327 
SER OG     O  N N 328 
SER OXT    O  N N 329 
SER H      H  N N 330 
SER H2     H  N N 331 
SER HA     H  N N 332 
SER HB2    H  N N 333 
SER HB3    H  N N 334 
SER HG     H  N N 335 
SER HXT    H  N N 336 
THR N      N  N N 337 
THR CA     C  N S 338 
THR C      C  N N 339 
THR O      O  N N 340 
THR CB     C  N R 341 
THR OG1    O  N N 342 
THR CG2    C  N N 343 
THR OXT    O  N N 344 
THR H      H  N N 345 
THR H2     H  N N 346 
THR HA     H  N N 347 
THR HB     H  N N 348 
THR HG1    H  N N 349 
THR HG21   H  N N 350 
THR HG22   H  N N 351 
THR HG23   H  N N 352 
THR HXT    H  N N 353 
TYR N      N  N N 354 
TYR CA     C  N S 355 
TYR C      C  N N 356 
TYR O      O  N N 357 
TYR CB     C  N N 358 
TYR CG     C  Y N 359 
TYR CD1    C  Y N 360 
TYR CD2    C  Y N 361 
TYR CE1    C  Y N 362 
TYR CE2    C  Y N 363 
TYR CZ     C  Y N 364 
TYR OH     O  N N 365 
TYR OXT    O  N N 366 
TYR H      H  N N 367 
TYR H2     H  N N 368 
TYR HA     H  N N 369 
TYR HB2    H  N N 370 
TYR HB3    H  N N 371 
TYR HD1    H  N N 372 
TYR HD2    H  N N 373 
TYR HE1    H  N N 374 
TYR HE2    H  N N 375 
TYR HH     H  N N 376 
TYR HXT    H  N N 377 
VAL N      N  N N 378 
VAL CA     C  N S 379 
VAL C      C  N N 380 
VAL O      O  N N 381 
VAL CB     C  N N 382 
VAL CG1    C  N N 383 
VAL CG2    C  N N 384 
VAL OXT    O  N N 385 
VAL H      H  N N 386 
VAL H2     H  N N 387 
VAL HA     H  N N 388 
VAL HB     H  N N 389 
VAL HG11   H  N N 390 
VAL HG12   H  N N 391 
VAL HG13   H  N N 392 
VAL HG21   H  N N 393 
VAL HG22   H  N N 394 
VAL HG23   H  N N 395 
VAL HXT    H  N N 396 
ZN  ZN     ZN N N 397 
# 
loop_
_chem_comp_bond.comp_id 
_chem_comp_bond.atom_id_1 
_chem_comp_bond.atom_id_2 
_chem_comp_bond.value_order 
_chem_comp_bond.pdbx_aromatic_flag 
_chem_comp_bond.pdbx_stereo_config 
_chem_comp_bond.pdbx_ordinal 
ALA N     CA     sing N N 1   
ALA N     H      sing N N 2   
ALA N     H2     sing N N 3   
ALA CA    C      sing N N 4   
ALA CA    CB     sing N N 5   
ALA CA    HA     sing N N 6   
ALA C     O      doub N N 7   
ALA C     OXT    sing N N 8   
ALA CB    HB1    sing N N 9   
ALA CB    HB2    sing N N 10  
ALA CB    HB3    sing N N 11  
ALA OXT   HXT    sing N N 12  
ARG N     CA     sing N N 13  
ARG N     H      sing N N 14  
ARG N     H2     sing N N 15  
ARG CA    C      sing N N 16  
ARG CA    CB     sing N N 17  
ARG CA    HA     sing N N 18  
ARG C     O      doub N N 19  
ARG C     OXT    sing N N 20  
ARG CB    CG     sing N N 21  
ARG CB    HB2    sing N N 22  
ARG CB    HB3    sing N N 23  
ARG CG    CD     sing N N 24  
ARG CG    HG2    sing N N 25  
ARG CG    HG3    sing N N 26  
ARG CD    NE     sing N N 27  
ARG CD    HD2    sing N N 28  
ARG CD    HD3    sing N N 29  
ARG NE    CZ     sing N N 30  
ARG NE    HE     sing N N 31  
ARG CZ    NH1    sing N N 32  
ARG CZ    NH2    doub N N 33  
ARG NH1   HH11   sing N N 34  
ARG NH1   HH12   sing N N 35  
ARG NH2   HH21   sing N N 36  
ARG NH2   HH22   sing N N 37  
ARG OXT   HXT    sing N N 38  
ASN N     CA     sing N N 39  
ASN N     H      sing N N 40  
ASN N     H2     sing N N 41  
ASN CA    C      sing N N 42  
ASN CA    CB     sing N N 43  
ASN CA    HA     sing N N 44  
ASN C     O      doub N N 45  
ASN C     OXT    sing N N 46  
ASN CB    CG     sing N N 47  
ASN CB    HB2    sing N N 48  
ASN CB    HB3    sing N N 49  
ASN CG    OD1    doub N N 50  
ASN CG    ND2    sing N N 51  
ASN ND2   HD21   sing N N 52  
ASN ND2   HD22   sing N N 53  
ASN OXT   HXT    sing N N 54  
ASP N     CA     sing N N 55  
ASP N     H      sing N N 56  
ASP N     H2     sing N N 57  
ASP CA    C      sing N N 58  
ASP CA    CB     sing N N 59  
ASP CA    HA     sing N N 60  
ASP C     O      doub N N 61  
ASP C     OXT    sing N N 62  
ASP CB    CG     sing N N 63  
ASP CB    HB2    sing N N 64  
ASP CB    HB3    sing N N 65  
ASP CG    OD1    doub N N 66  
ASP CG    OD2    sing N N 67  
ASP OD2   HD2    sing N N 68  
ASP OXT   HXT    sing N N 69  
CYS N     CA     sing N N 70  
CYS N     H      sing N N 71  
CYS N     H2     sing N N 72  
CYS CA    C      sing N N 73  
CYS CA    CB     sing N N 74  
CYS CA    HA     sing N N 75  
CYS C     O      doub N N 76  
CYS C     OXT    sing N N 77  
CYS CB    SG     sing N N 78  
CYS CB    HB2    sing N N 79  
CYS CB    HB3    sing N N 80  
CYS SG    HG     sing N N 81  
CYS OXT   HXT    sing N N 82  
GLN N     CA     sing N N 83  
GLN N     H      sing N N 84  
GLN N     H2     sing N N 85  
GLN CA    C      sing N N 86  
GLN CA    CB     sing N N 87  
GLN CA    HA     sing N N 88  
GLN C     O      doub N N 89  
GLN C     OXT    sing N N 90  
GLN CB    CG     sing N N 91  
GLN CB    HB2    sing N N 92  
GLN CB    HB3    sing N N 93  
GLN CG    CD     sing N N 94  
GLN CG    HG2    sing N N 95  
GLN CG    HG3    sing N N 96  
GLN CD    OE1    doub N N 97  
GLN CD    NE2    sing N N 98  
GLN NE2   HE21   sing N N 99  
GLN NE2   HE22   sing N N 100 
GLN OXT   HXT    sing N N 101 
GLU N     CA     sing N N 102 
GLU N     H      sing N N 103 
GLU N     H2     sing N N 104 
GLU CA    C      sing N N 105 
GLU CA    CB     sing N N 106 
GLU CA    HA     sing N N 107 
GLU C     O      doub N N 108 
GLU C     OXT    sing N N 109 
GLU CB    CG     sing N N 110 
GLU CB    HB2    sing N N 111 
GLU CB    HB3    sing N N 112 
GLU CG    CD     sing N N 113 
GLU CG    HG2    sing N N 114 
GLU CG    HG3    sing N N 115 
GLU CD    OE1    doub N N 116 
GLU CD    OE2    sing N N 117 
GLU OE2   HE2    sing N N 118 
GLU OXT   HXT    sing N N 119 
GLY N     CA     sing N N 120 
GLY N     H      sing N N 121 
GLY N     H2     sing N N 122 
GLY CA    C      sing N N 123 
GLY CA    HA2    sing N N 124 
GLY CA    HA3    sing N N 125 
GLY C     O      doub N N 126 
GLY C     OXT    sing N N 127 
GLY OXT   HXT    sing N N 128 
HIS N     CA     sing N N 129 
HIS N     H      sing N N 130 
HIS N     H2     sing N N 131 
HIS CA    C      sing N N 132 
HIS CA    CB     sing N N 133 
HIS CA    HA     sing N N 134 
HIS C     O      doub N N 135 
HIS C     OXT    sing N N 136 
HIS CB    CG     sing N N 137 
HIS CB    HB2    sing N N 138 
HIS CB    HB3    sing N N 139 
HIS CG    ND1    sing Y N 140 
HIS CG    CD2    doub Y N 141 
HIS ND1   CE1    doub Y N 142 
HIS ND1   HD1    sing N N 143 
HIS CD2   NE2    sing Y N 144 
HIS CD2   HD2    sing N N 145 
HIS CE1   NE2    sing Y N 146 
HIS CE1   HE1    sing N N 147 
HIS NE2   HE2    sing N N 148 
HIS OXT   HXT    sing N N 149 
HOH O     H1     sing N N 150 
HOH O     H2     sing N N 151 
ILE N     CA     sing N N 152 
ILE N     H      sing N N 153 
ILE N     H2     sing N N 154 
ILE CA    C      sing N N 155 
ILE CA    CB     sing N N 156 
ILE CA    HA     sing N N 157 
ILE C     O      doub N N 158 
ILE C     OXT    sing N N 159 
ILE CB    CG1    sing N N 160 
ILE CB    CG2    sing N N 161 
ILE CB    HB     sing N N 162 
ILE CG1   CD1    sing N N 163 
ILE CG1   HG12   sing N N 164 
ILE CG1   HG13   sing N N 165 
ILE CG2   HG21   sing N N 166 
ILE CG2   HG22   sing N N 167 
ILE CG2   HG23   sing N N 168 
ILE CD1   HD11   sing N N 169 
ILE CD1   HD12   sing N N 170 
ILE CD1   HD13   sing N N 171 
ILE OXT   HXT    sing N N 172 
LEU N     CA     sing N N 173 
LEU N     H      sing N N 174 
LEU N     H2     sing N N 175 
LEU CA    C      sing N N 176 
LEU CA    CB     sing N N 177 
LEU CA    HA     sing N N 178 
LEU C     O      doub N N 179 
LEU C     OXT    sing N N 180 
LEU CB    CG     sing N N 181 
LEU CB    HB2    sing N N 182 
LEU CB    HB3    sing N N 183 
LEU CG    CD1    sing N N 184 
LEU CG    CD2    sing N N 185 
LEU CG    HG     sing N N 186 
LEU CD1   HD11   sing N N 187 
LEU CD1   HD12   sing N N 188 
LEU CD1   HD13   sing N N 189 
LEU CD2   HD21   sing N N 190 
LEU CD2   HD22   sing N N 191 
LEU CD2   HD23   sing N N 192 
LEU OXT   HXT    sing N N 193 
LYS N     CA     sing N N 194 
LYS N     H      sing N N 195 
LYS N     H2     sing N N 196 
LYS CA    C      sing N N 197 
LYS CA    CB     sing N N 198 
LYS CA    HA     sing N N 199 
LYS C     O      doub N N 200 
LYS C     OXT    sing N N 201 
LYS CB    CG     sing N N 202 
LYS CB    HB2    sing N N 203 
LYS CB    HB3    sing N N 204 
LYS CG    CD     sing N N 205 
LYS CG    HG2    sing N N 206 
LYS CG    HG3    sing N N 207 
LYS CD    CE     sing N N 208 
LYS CD    HD2    sing N N 209 
LYS CD    HD3    sing N N 210 
LYS CE    NZ     sing N N 211 
LYS CE    HE2    sing N N 212 
LYS CE    HE3    sing N N 213 
LYS NZ    HZ1    sing N N 214 
LYS NZ    HZ2    sing N N 215 
LYS NZ    HZ3    sing N N 216 
LYS OXT   HXT    sing N N 217 
MET N     CA     sing N N 218 
MET N     H      sing N N 219 
MET N     H2     sing N N 220 
MET CA    C      sing N N 221 
MET CA    CB     sing N N 222 
MET CA    HA     sing N N 223 
MET C     O      doub N N 224 
MET C     OXT    sing N N 225 
MET CB    CG     sing N N 226 
MET CB    HB2    sing N N 227 
MET CB    HB3    sing N N 228 
MET CG    SD     sing N N 229 
MET CG    HG2    sing N N 230 
MET CG    HG3    sing N N 231 
MET SD    CE     sing N N 232 
MET CE    HE1    sing N N 233 
MET CE    HE2    sing N N 234 
MET CE    HE3    sing N N 235 
MET OXT   HXT    sing N N 236 
PHE N     CA     sing N N 237 
PHE N     H      sing N N 238 
PHE N     H2     sing N N 239 
PHE CA    C      sing N N 240 
PHE CA    CB     sing N N 241 
PHE CA    HA     sing N N 242 
PHE C     O      doub N N 243 
PHE C     OXT    sing N N 244 
PHE CB    CG     sing N N 245 
PHE CB    HB2    sing N N 246 
PHE CB    HB3    sing N N 247 
PHE CG    CD1    doub Y N 248 
PHE CG    CD2    sing Y N 249 
PHE CD1   CE1    sing Y N 250 
PHE CD1   HD1    sing N N 251 
PHE CD2   CE2    doub Y N 252 
PHE CD2   HD2    sing N N 253 
PHE CE1   CZ     doub Y N 254 
PHE CE1   HE1    sing N N 255 
PHE CE2   CZ     sing Y N 256 
PHE CE2   HE2    sing N N 257 
PHE CZ    HZ     sing N N 258 
PHE OXT   HXT    sing N N 259 
PNT C1    C2     doub Y N 260 
PNT C1    C6     sing Y N 261 
PNT C1    O1     sing N N 262 
PNT C2    C3     sing Y N 263 
PNT C2    H2     sing N N 264 
PNT C3    C4     doub Y N 265 
PNT C3    H3     sing N N 266 
PNT C4    C5     sing Y N 267 
PNT C4    C9     sing N N 268 
PNT C5    C6     doub Y N 269 
PNT C5    H5     sing N N 270 
PNT C6    H6     sing N N 271 
PNT C7    C8     sing N N 272 
PNT C7    O1     sing N N 273 
PNT C7    H71    sing N N 274 
PNT C7    H72    sing N N 275 
PNT C8    C10    sing N N 276 
PNT C8    H81    sing N N 277 
PNT C8    H82    sing N N 278 
PNT C9    N1     doub N N 279 
PNT C9    N2     sing N N 280 
PNT C10   "C8'"  sing N N 281 
PNT C10   H101   sing N N 282 
PNT C10   H102   sing N N 283 
PNT "C1'" "C2'"  doub Y N 284 
PNT "C1'" "C6'"  sing Y N 285 
PNT "C1'" "O1'"  sing N N 286 
PNT "C2'" "C3'"  sing Y N 287 
PNT "C2'" "H2'"  sing N N 288 
PNT "C3'" "C4'"  doub Y N 289 
PNT "C3'" "H3'"  sing N N 290 
PNT "C4'" "C5'"  sing Y N 291 
PNT "C4'" "C9'"  sing N N 292 
PNT "C5'" "C6'"  doub Y N 293 
PNT "C5'" "H5'"  sing N N 294 
PNT "C6'" "H6'"  sing N N 295 
PNT "C7'" "C8'"  sing N N 296 
PNT "C7'" "O1'"  sing N N 297 
PNT "C7'" "H7'1" sing N N 298 
PNT "C7'" "H7'2" sing N N 299 
PNT "C8'" "H8'1" sing N N 300 
PNT "C8'" "H8'2" sing N N 301 
PNT "C9'" "N1'"  doub N N 302 
PNT "C9'" "N2'"  sing N N 303 
PNT N1    HN1    sing N N 304 
PNT N2    HN2    sing N N 305 
PNT N2    HN3    sing N N 306 
PNT "N1'" "HN'1" sing N N 307 
PNT "N2'" "HN'2" sing N N 308 
PNT "N2'" "HN'3" sing N N 309 
SER N     CA     sing N N 310 
SER N     H      sing N N 311 
SER N     H2     sing N N 312 
SER CA    C      sing N N 313 
SER CA    CB     sing N N 314 
SER CA    HA     sing N N 315 
SER C     O      doub N N 316 
SER C     OXT    sing N N 317 
SER CB    OG     sing N N 318 
SER CB    HB2    sing N N 319 
SER CB    HB3    sing N N 320 
SER OG    HG     sing N N 321 
SER OXT   HXT    sing N N 322 
THR N     CA     sing N N 323 
THR N     H      sing N N 324 
THR N     H2     sing N N 325 
THR CA    C      sing N N 326 
THR CA    CB     sing N N 327 
THR CA    HA     sing N N 328 
THR C     O      doub N N 329 
THR C     OXT    sing N N 330 
THR CB    OG1    sing N N 331 
THR CB    CG2    sing N N 332 
THR CB    HB     sing N N 333 
THR OG1   HG1    sing N N 334 
THR CG2   HG21   sing N N 335 
THR CG2   HG22   sing N N 336 
THR CG2   HG23   sing N N 337 
THR OXT   HXT    sing N N 338 
TYR N     CA     sing N N 339 
TYR N     H      sing N N 340 
TYR N     H2     sing N N 341 
TYR CA    C      sing N N 342 
TYR CA    CB     sing N N 343 
TYR CA    HA     sing N N 344 
TYR C     O      doub N N 345 
TYR C     OXT    sing N N 346 
TYR CB    CG     sing N N 347 
TYR CB    HB2    sing N N 348 
TYR CB    HB3    sing N N 349 
TYR CG    CD1    doub Y N 350 
TYR CG    CD2    sing Y N 351 
TYR CD1   CE1    sing Y N 352 
TYR CD1   HD1    sing N N 353 
TYR CD2   CE2    doub Y N 354 
TYR CD2   HD2    sing N N 355 
TYR CE1   CZ     doub Y N 356 
TYR CE1   HE1    sing N N 357 
TYR CE2   CZ     sing Y N 358 
TYR CE2   HE2    sing N N 359 
TYR CZ    OH     sing N N 360 
TYR OH    HH     sing N N 361 
TYR OXT   HXT    sing N N 362 
VAL N     CA     sing N N 363 
VAL N     H      sing N N 364 
VAL N     H2     sing N N 365 
VAL CA    C      sing N N 366 
VAL CA    CB     sing N N 367 
VAL CA    HA     sing N N 368 
VAL C     O      doub N N 369 
VAL C     OXT    sing N N 370 
VAL CB    CG1    sing N N 371 
VAL CB    CG2    sing N N 372 
VAL CB    HB     sing N N 373 
VAL CG1   HG11   sing N N 374 
VAL CG1   HG12   sing N N 375 
VAL CG1   HG13   sing N N 376 
VAL CG2   HG21   sing N N 377 
VAL CG2   HG22   sing N N 378 
VAL CG2   HG23   sing N N 379 
VAL OXT   HXT    sing N N 380 
# 
_atom_sites.entry_id                    3CR5 
_atom_sites.fract_transf_matrix[1][1]   0.00002740 
_atom_sites.fract_transf_matrix[1][2]   0.00734569 
_atom_sites.fract_transf_matrix[1][3]   -0.01410481 
_atom_sites.fract_transf_matrix[2][1]   0.01089771 
_atom_sites.fract_transf_matrix[2][2]   0.01026382 
_atom_sites.fract_transf_matrix[2][3]   0.00536650 
_atom_sites.fract_transf_matrix[3][1]   0.01454114 
_atom_sites.fract_transf_matrix[3][2]   -0.01214649 
_atom_sites.fract_transf_matrix[3][3]   -0.00629756 
_atom_sites.fract_transf_vector[1]      0.219143 
_atom_sites.fract_transf_vector[2]      0.011678 
_atom_sites.fract_transf_vector[3]      0.201675 
# 
loop_
_atom_type.symbol 
C  
CA 
N  
O  
S  
ZN 
# 
loop_
_atom_site.group_PDB 
_atom_site.id 
_atom_site.type_symbol 
_atom_site.label_atom_id 
_atom_site.label_alt_id 
_atom_site.label_comp_id 
_atom_site.label_asym_id 
_atom_site.label_entity_id 
_atom_site.label_seq_id 
_atom_site.pdbx_PDB_ins_code 
_atom_site.Cartn_x 
_atom_site.Cartn_y 
_atom_site.Cartn_z 
_atom_site.occupancy 
_atom_site.B_iso_or_equiv 
_atom_site.pdbx_formal_charge 
_atom_site.auth_seq_id 
_atom_site.auth_comp_id 
_atom_site.auth_asym_id 
_atom_site.auth_atom_id 
_atom_site.pdbx_PDB_model_num 
ATOM   1   N  N     . MET A 1 1  ? -4.513  -12.027 21.480  1.00 43.16 ? 0   MET X N     1 
ATOM   2   C  CA    . MET A 1 1  ? -4.685  -12.192 19.989  1.00 41.89 ? 0   MET X CA    1 
ATOM   3   C  C     . MET A 1 1  ? -3.511  -12.942 19.450  1.00 40.43 ? 0   MET X C     1 
ATOM   4   O  O     . MET A 1 1  ? -2.416  -12.791 19.966  1.00 41.05 ? 0   MET X O     1 
ATOM   5   C  CB    . MET A 1 1  ? -4.721  -10.860 19.248  1.00 42.46 ? 0   MET X CB    1 
ATOM   6   C  CG    . MET A 1 1  ? -5.764  -9.899  19.716  1.00 47.31 ? 0   MET X CG    1 
ATOM   7   S  SD    . MET A 1 1  ? -6.849  -9.393  18.392  1.00 57.17 ? 0   MET X SD    1 
ATOM   8   C  CE    . MET A 1 1  ? -8.156  -10.544 18.770  1.00 55.00 ? 0   MET X CE    1 
ATOM   9   N  N     . SER A 1 2  ? -3.723  -13.719 18.391  1.00 38.19 ? 1   SER X N     1 
ATOM   10  C  CA    . SER A 1 2  ? -2.636  -14.463 17.764  1.00 36.62 ? 1   SER X CA    1 
ATOM   11  C  C     . SER A 1 2  ? -1.776  -13.490 16.939  1.00 36.57 ? 1   SER X C     1 
ATOM   12  O  O     . SER A 1 2  ? -2.137  -12.320 16.756  1.00 36.32 ? 1   SER X O     1 
ATOM   13  C  CB    . SER A 1 2  ? -3.204  -15.555 16.855  1.00 36.04 ? 1   SER X CB    1 
ATOM   14  O  OG    . SER A 1 2  ? -3.721  -14.951 15.658  1.00 34.50 ? 1   SER X OG    1 
ATOM   15  N  N     . GLU A 1 3  ? -0.648  -13.974 16.439  1.00 35.61 ? 2   GLU X N     1 
ATOM   16  C  CA    . GLU A 1 3  ? 0.189   -13.198 15.532  1.00 36.42 ? 2   GLU X CA    1 
ATOM   17  C  C     . GLU A 1 3  ? -0.576  -12.819 14.254  1.00 36.44 ? 2   GLU X C     1 
ATOM   18  O  O     . GLU A 1 3  ? -0.448  -11.688 13.741  1.00 35.42 ? 2   GLU X O     1 
ATOM   19  C  CB    . GLU A 1 3  ? 1.439   -13.996 15.175  1.00 37.99 ? 2   GLU X CB    1 
ATOM   20  C  CG    . GLU A 1 3  ? 2.464   -14.010 16.308  1.00 40.72 ? 2   GLU X CG    1 
ATOM   21  C  CD    . GLU A 1 3  ? 3.125   -12.654 16.503  1.00 49.75 ? 2   GLU X CD    1 
ATOM   22  O  OE1   . GLU A 1 3  ? 3.989   -12.249 15.671  1.00 53.42 ? 2   GLU X OE1   1 
ATOM   23  O  OE2   . GLU A 1 3  ? 2.769   -11.975 17.481  1.00 50.33 ? 2   GLU X OE2   1 
ATOM   24  N  N     . LEU A 1 4  ? -1.381  -13.759 13.770  1.00 35.07 ? 3   LEU X N     1 
ATOM   25  C  CA    . LEU A 1 4  ? -2.153  -13.529 12.558  1.00 33.84 ? 3   LEU X CA    1 
ATOM   26  C  C     . LEU A 1 4  ? -3.183  -12.417 12.813  1.00 34.16 ? 3   LEU X C     1 
ATOM   27  O  O     . LEU A 1 4  ? -3.338  -11.507 12.003  1.00 35.03 ? 3   LEU X O     1 
ATOM   28  C  CB    . LEU A 1 4  ? -2.827  -14.845 12.136  1.00 32.39 ? 3   LEU X CB    1 
ATOM   29  C  CG    . LEU A 1 4  ? -3.804  -14.757 10.957  1.00 34.15 ? 3   LEU X CG    1 
ATOM   30  C  CD1   . LEU A 1 4  ? -3.220  -14.038 9.736   1.00 33.91 ? 3   LEU X CD1   1 
ATOM   31  C  CD2   . LEU A 1 4  ? -4.304  -16.148 10.589  1.00 34.22 ? 3   LEU X CD2   1 
ATOM   32  N  N     . GLU A 1 5  ? -3.898  -12.520 13.927  1.00 33.95 ? 4   GLU X N     1 
ATOM   33  C  CA    . GLU A 1 5  ? -4.856  -11.508 14.333  1.00 34.37 ? 4   GLU X CA    1 
ATOM   34  C  C     . GLU A 1 5  ? -4.214  -10.128 14.491  1.00 35.02 ? 4   GLU X C     1 
ATOM   35  O  O     . GLU A 1 5  ? -4.766  -9.117  13.976  1.00 34.31 ? 4   GLU X O     1 
ATOM   36  C  CB    . GLU A 1 5  ? -5.628  -11.951 15.579  1.00 35.37 ? 4   GLU X CB    1 
ATOM   37  C  CG    . GLU A 1 5  ? -6.638  -13.076 15.280  1.00 34.23 ? 4   GLU X CG    1 
ATOM   38  C  CD    . GLU A 1 5  ? -7.162  -13.806 16.483  1.00 35.20 ? 4   GLU X CD    1 
ATOM   39  O  OE1   . GLU A 1 5  ? -6.474  -13.904 17.528  1.00 35.24 ? 4   GLU X OE1   1 
ATOM   40  O  OE2   . GLU A 1 5  ? -8.289  -14.334 16.366  1.00 37.67 ? 4   GLU X OE2   1 
ATOM   41  N  N     . LYS A 1 6  ? -3.064  -10.038 15.176  1.00 33.54 ? 5   LYS X N     1 
ATOM   42  C  CA    . LYS A 1 6  ? -2.366  -8.722  15.239  1.00 33.13 ? 5   LYS X CA    1 
ATOM   43  C  C     . LYS A 1 6  ? -1.895  -8.241  13.865  1.00 33.87 ? 5   LYS X C     1 
ATOM   44  O  O     . LYS A 1 6  ? -1.919  -7.039  13.593  1.00 33.45 ? 5   LYS X O     1 
ATOM   45  C  CB    . LYS A 1 6  ? -1.181  -8.768  16.230  1.00 33.89 ? 5   LYS X CB    1 
ATOM   46  C  CG    . LYS A 1 6  ? -1.616  -9.126  17.642  1.00 33.72 ? 5   LYS X CG    1 
ATOM   47  C  CD    . LYS A 1 6  ? -0.424  -9.107  18.622  1.00 34.11 ? 5   LYS X CD    1 
ATOM   48  C  CE    . LYS A 1 6  ? -0.844  -9.695  19.976  1.00 39.41 ? 5   LYS X CE    1 
ATOM   49  N  NZ    . LYS A 1 6  ? -0.034  -9.145  21.124  1.00 43.83 ? 5   LYS X NZ    1 
ATOM   50  N  N     . ALA A 1 7  ? -1.464  -9.160  12.987  1.00 33.73 ? 6   ALA X N     1 
ATOM   51  C  CA    . ALA A 1 7  ? -1.047  -8.780  11.637  1.00 34.99 ? 6   ALA X CA    1 
ATOM   52  C  C     . ALA A 1 7  ? -2.212  -8.152  10.866  1.00 36.41 ? 6   ALA X C     1 
ATOM   53  O  O     . ALA A 1 7  ? -2.051  -7.132  10.187  1.00 34.73 ? 6   ALA X O     1 
ATOM   54  C  CB    . ALA A 1 7  ? -0.519  -9.989  10.886  1.00 36.01 ? 6   ALA X CB    1 
ATOM   55  N  N     . VAL A 1 8  ? -3.388  -8.781  10.970  1.00 35.03 ? 7   VAL X N     1 
ATOM   56  C  CA    . VAL A 1 8  ? -4.563  -8.267  10.310  1.00 35.79 ? 7   VAL X CA    1 
ATOM   57  C  C     . VAL A 1 8  ? -4.872  -6.817  10.783  1.00 35.68 ? 7   VAL X C     1 
ATOM   58  O  O     . VAL A 1 8  ? -5.156  -5.925  9.981   1.00 34.96 ? 7   VAL X O     1 
ATOM   59  C  CB    . VAL A 1 8  ? -5.775  -9.191  10.622  1.00 35.05 ? 7   VAL X CB    1 
ATOM   60  C  CG1   . VAL A 1 8  ? -7.061  -8.471  10.337  1.00 33.31 ? 7   VAL X CG1   1 
ATOM   61  C  CG2   . VAL A 1 8  ? -5.666  -10.518 9.811   1.00 37.44 ? 7   VAL X CG2   1 
ATOM   62  N  N     . VAL A 1 9  ? -4.759  -6.572  12.071  1.00 35.50 ? 8   VAL X N     1 
ATOM   63  C  CA    . VAL A 1 9  ? -5.084  -5.242  12.604  1.00 36.44 ? 8   VAL X CA    1 
ATOM   64  C  C     . VAL A 1 9  ? -4.023  -4.221  12.172  1.00 36.52 ? 8   VAL X C     1 
ATOM   65  O  O     . VAL A 1 9  ? -4.324  -3.026  11.942  1.00 34.89 ? 8   VAL X O     1 
ATOM   66  C  CB    . VAL A 1 9  ? -5.244  -5.313  14.154  1.00 36.16 ? 8   VAL X CB    1 
ATOM   67  C  CG1   . VAL A 1 9  ? -5.373  -3.956  14.738  1.00 37.81 ? 8   VAL X CG1   1 
ATOM   68  C  CG2   . VAL A 1 9  ? -6.450  -6.170  14.512  1.00 37.76 ? 8   VAL X CG2   1 
ATOM   69  N  N     . ALA A 1 10 ? -2.785  -4.685  12.031  1.00 35.84 ? 9   ALA X N     1 
ATOM   70  C  CA    . ALA A 1 10 ? -1.696  -3.818  11.561  1.00 34.46 ? 9   ALA X CA    1 
ATOM   71  C  C     . ALA A 1 10 ? -1.934  -3.352  10.124  1.00 34.88 ? 9   ALA X C     1 
ATOM   72  O  O     . ALA A 1 10 ? -1.627  -2.196  9.796   1.00 34.19 ? 9   ALA X O     1 
ATOM   73  C  CB    . ALA A 1 10 ? -0.331  -4.554  11.687  1.00 35.02 ? 9   ALA X CB    1 
ATOM   74  N  N     . LEU A 1 11 ? -2.449  -4.241  9.259   1.00 34.88 ? 10  LEU X N     1 
ATOM   75  C  CA    . LEU A 1 11 ? -2.821  -3.841  7.891   1.00 35.93 ? 10  LEU X CA    1 
ATOM   76  C  C     . LEU A 1 11 ? -3.870  -2.729  7.900   1.00 36.58 ? 10  LEU X C     1 
ATOM   77  O  O     . LEU A 1 11 ? -3.755  -1.731  7.172   1.00 37.27 ? 10  LEU X O     1 
ATOM   78  C  CB    . LEU A 1 11 ? -3.374  -5.028  7.126   1.00 36.46 ? 10  LEU X CB    1 
ATOM   79  C  CG    . LEU A 1 11 ? -2.431  -6.240  7.027   1.00 37.14 ? 10  LEU X CG    1 
ATOM   80  C  CD1   . LEU A 1 11 ? -3.047  -7.321  6.170   1.00 37.90 ? 10  LEU X CD1   1 
ATOM   81  C  CD2   . LEU A 1 11 ? -1.100  -5.800  6.444   1.00 36.28 ? 10  LEU X CD2   1 
ATOM   82  N  N     . ILE A 1 12 ? -4.890  -2.910  8.731   1.00 35.65 ? 11  ILE X N     1 
ATOM   83  C  CA    . ILE A 1 12 ? -5.932  -1.876  8.915   1.00 36.28 ? 11  ILE X CA    1 
ATOM   84  C  C     . ILE A 1 12 ? -5.334  -0.579  9.419   1.00 36.28 ? 11  ILE X C     1 
ATOM   85  O  O     . ILE A 1 12 ? -5.627  0.470   8.853   1.00 36.57 ? 11  ILE X O     1 
ATOM   86  C  CB    . ILE A 1 12 ? -7.075  -2.338  9.838   1.00 36.16 ? 11  ILE X CB    1 
ATOM   87  C  CG1   . ILE A 1 12 ? -7.765  -3.553  9.217   1.00 35.12 ? 11  ILE X CG1   1 
ATOM   88  C  CG2   . ILE A 1 12 ? -8.039  -1.163  10.121  1.00 37.70 ? 11  ILE X CG2   1 
ATOM   89  C  CD1   . ILE A 1 12 ? -8.512  -4.414  10.258  1.00 32.15 ? 11  ILE X CD1   1 
ATOM   90  N  N     . ASP A 1 13 ? -4.484  -0.642  10.442  1.00 36.13 ? 12  ASP X N     1 
ATOM   91  C  CA    . ASP A 1 13 ? -3.888  0.574   11.024  1.00 36.73 ? 12  ASP X CA    1 
ATOM   92  C  C     . ASP A 1 13 ? -2.968  1.306   10.038  1.00 36.13 ? 12  ASP X C     1 
ATOM   93  O  O     . ASP A 1 13 ? -3.005  2.537   9.985   1.00 35.04 ? 12  ASP X O     1 
ATOM   94  C  CB    . ASP A 1 13 ? -3.088  0.256   12.282  1.00 35.92 ? 12  ASP X CB    1 
ATOM   95  C  CG    . ASP A 1 13 ? -3.978  -0.048  13.448  1.00 42.92 ? 12  ASP X CG    1 
ATOM   96  O  OD1   . ASP A 1 13 ? -5.162  0.267   13.300  1.00 46.74 ? 12  ASP X OD1   1 
ATOM   97  O  OD2   . ASP A 1 13 ? -3.532  -0.597  14.485  1.00 43.88 ? 12  ASP X OD2   1 
ATOM   98  N  N     . VAL A 1 14 ? -2.144  0.584   9.277   1.00 35.68 ? 13  VAL X N     1 
ATOM   99  C  CA    . VAL A 1 14 ? -1.297  1.340   8.310   1.00 36.56 ? 13  VAL X CA    1 
ATOM   100 C  C     . VAL A 1 14 ? -2.113  1.996   7.223   1.00 36.89 ? 13  VAL X C     1 
ATOM   101 O  O     . VAL A 1 14 ? -1.729  3.082   6.733   1.00 37.34 ? 13  VAL X O     1 
ATOM   102 C  CB    . VAL A 1 14 ? -0.251  0.569   7.448   1.00 38.16 ? 13  VAL X CB    1 
ATOM   103 C  CG1   . VAL A 1 14 ? 1.212   0.901   7.790   1.00 42.16 ? 13  VAL X CG1   1 
ATOM   104 C  CG2   . VAL A 1 14 ? -0.640  -0.759  6.955   1.00 34.71 ? 13  VAL X CG2   1 
ATOM   105 N  N     . PHE A 1 15 ? -3.204  1.342   6.817   1.00 35.46 ? 14  PHE X N     1 
ATOM   106 C  CA    . PHE A 1 15 ? -4.036  1.935   5.783   1.00 35.70 ? 14  PHE X CA    1 
ATOM   107 C  C     . PHE A 1 15 ? -4.624  3.230   6.298   1.00 36.26 ? 14  PHE X C     1 
ATOM   108 O  O     . PHE A 1 15 ? -4.499  4.280   5.621   1.00 36.84 ? 14  PHE X O     1 
ATOM   109 C  CB    . PHE A 1 15 ? -5.155  1.012   5.349   1.00 36.37 ? 14  PHE X CB    1 
ATOM   110 C  CG    . PHE A 1 15 ? -6.083  1.646   4.323   1.00 36.04 ? 14  PHE X CG    1 
ATOM   111 C  CD1   . PHE A 1 15 ? -5.721  1.703   2.966   1.00 37.15 ? 14  PHE X CD1   1 
ATOM   112 C  CD2   . PHE A 1 15 ? -7.284  2.225   4.727   1.00 37.99 ? 14  PHE X CD2   1 
ATOM   113 C  CE1   . PHE A 1 15 ? -6.561  2.273   2.020   1.00 35.40 ? 14  PHE X CE1   1 
ATOM   114 C  CE2   . PHE A 1 15 ? -8.126  2.850   3.765   1.00 36.06 ? 14  PHE X CE2   1 
ATOM   115 C  CZ    . PHE A 1 15 ? -7.758  2.860   2.434   1.00 34.70 ? 14  PHE X CZ    1 
ATOM   116 N  N     . HIS A 1 16 ? -5.205  3.188   7.510   1.00 35.80 ? 15  HIS X N     1 
ATOM   117 C  CA    . HIS A 1 16 ? -5.813  4.408   8.100   1.00 36.99 ? 15  HIS X CA    1 
ATOM   118 C  C     . HIS A 1 16 ? -4.774  5.472   8.415   1.00 37.47 ? 15  HIS X C     1 
ATOM   119 O  O     . HIS A 1 16 ? -5.048  6.680   8.333   1.00 37.28 ? 15  HIS X O     1 
ATOM   120 C  CB    . HIS A 1 16 ? -6.554  4.097   9.399   1.00 37.97 ? 15  HIS X CB    1 
ATOM   121 C  CG    . HIS A 1 16 ? -7.857  3.378   9.227   1.00 43.04 ? 15  HIS X CG    1 
ATOM   122 N  ND1   . HIS A 1 16 ? -8.308  2.464   10.162  1.00 47.20 ? 15  HIS X ND1   1 
ATOM   123 C  CD2   . HIS A 1 16 ? -8.844  3.490   8.305   1.00 43.00 ? 15  HIS X CD2   1 
ATOM   124 C  CE1   . HIS A 1 16 ? -9.495  2.012   9.797   1.00 48.04 ? 15  HIS X CE1   1 
ATOM   125 N  NE2   . HIS A 1 16 ? -9.835  2.605   8.664   1.00 46.81 ? 15  HIS X NE2   1 
ATOM   126 N  N     . GLN A 1 17 ? -3.576  5.056   8.806   1.00 36.69 ? 16  GLN X N     1 
ATOM   127 C  CA    . GLN A 1 17 ? -2.506  6.003   9.080   1.00 38.27 ? 16  GLN X CA    1 
ATOM   128 C  C     . GLN A 1 17 ? -2.248  6.958   7.923   1.00 37.04 ? 16  GLN X C     1 
ATOM   129 O  O     . GLN A 1 17 ? -2.022  8.148   8.142   1.00 36.56 ? 16  GLN X O     1 
ATOM   130 C  CB    . GLN A 1 17 ? -1.253  5.246   9.491   1.00 37.44 ? 16  GLN X CB    1 
ATOM   131 C  CG    . GLN A 1 17 ? 0.043   6.025   9.694   1.00 39.15 ? 16  GLN X CG    1 
ATOM   132 C  CD    . GLN A 1 17 ? 1.067   5.226   10.498  1.00 42.52 ? 16  GLN X CD    1 
ATOM   133 O  OE1   . GLN A 1 17 ? 2.055   5.790   10.988  1.00 49.27 ? 16  GLN X OE1   1 
ATOM   134 N  NE2   . GLN A 1 17 ? 0.811   3.894   10.691  1.00 46.65 ? 16  GLN X NE2   1 
ATOM   135 N  N     . TYR A 1 18 ? -2.293  6.441   6.697   1.00 36.45 ? 17  TYR X N     1 
ATOM   136 C  CA    . TYR A 1 18 ? -1.962  7.235   5.498   1.00 36.75 ? 17  TYR X CA    1 
ATOM   137 C  C     . TYR A 1 18 ? -3.205  7.757   4.780   1.00 37.13 ? 17  TYR X C     1 
ATOM   138 O  O     . TYR A 1 18 ? -3.183  8.862   4.240   1.00 35.62 ? 17  TYR X O     1 
ATOM   139 C  CB    . TYR A 1 18 ? -0.997  6.454   4.559   1.00 35.92 ? 17  TYR X CB    1 
ATOM   140 C  CG    . TYR A 1 18 ? 0.364   6.388   5.202   1.00 35.66 ? 17  TYR X CG    1 
ATOM   141 C  CD1   . TYR A 1 18 ? 0.703   5.351   6.048   1.00 36.34 ? 17  TYR X CD1   1 
ATOM   142 C  CD2   . TYR A 1 18 ? 1.281   7.423   5.034   1.00 34.24 ? 17  TYR X CD2   1 
ATOM   143 C  CE1   . TYR A 1 18 ? 1.945   5.332   6.713   1.00 35.72 ? 17  TYR X CE1   1 
ATOM   144 C  CE2   . TYR A 1 18 ? 2.498   7.411   5.667   1.00 35.31 ? 17  TYR X CE2   1 
ATOM   145 C  CZ    . TYR A 1 18 ? 2.839   6.358   6.477   1.00 36.12 ? 17  TYR X CZ    1 
ATOM   146 O  OH    . TYR A 1 18 ? 4.046   6.369   7.113   1.00 35.30 ? 17  TYR X OH    1 
ATOM   147 N  N     . SER A 1 19 ? -4.299  6.995   4.819   1.00 37.05 ? 18  SER X N     1 
ATOM   148 C  CA    . SER A 1 19 ? -5.503  7.418   4.090   1.00 37.38 ? 18  SER X CA    1 
ATOM   149 C  C     . SER A 1 19 ? -6.173  8.656   4.665   1.00 36.90 ? 18  SER X C     1 
ATOM   150 O  O     . SER A 1 19 ? -6.843  9.406   3.956   1.00 35.56 ? 18  SER X O     1 
ATOM   151 C  CB    . SER A 1 19 ? -6.504  6.257   3.997   1.00 37.68 ? 18  SER X CB    1 
ATOM   152 O  OG    . SER A 1 19 ? -7.016  6.035   5.287   1.00 38.63 ? 18  SER X OG    1 
ATOM   153 N  N     . GLY A 1 20 ? -5.975  8.883   5.955   1.00 36.44 ? 19  GLY X N     1 
ATOM   154 C  CA    . GLY A 1 20 ? -6.731  9.915   6.658   1.00 36.71 ? 19  GLY X CA    1 
ATOM   155 C  C     . GLY A 1 20 ? -6.097  11.284  6.562   1.00 37.26 ? 19  GLY X C     1 
ATOM   156 O  O     . GLY A 1 20 ? -6.681  12.275  7.012   1.00 39.04 ? 19  GLY X O     1 
ATOM   157 N  N     . ARG A 1 21 ? -4.924  11.355  5.947   1.00 36.85 ? 20  ARG X N     1 
ATOM   158 C  CA    . ARG A 1 21 ? -4.123  12.588  5.938   1.00 37.77 ? 20  ARG X CA    1 
ATOM   159 C  C     . ARG A 1 21 ? -4.718  13.663  5.043   1.00 35.82 ? 20  ARG X C     1 
ATOM   160 O  O     . ARG A 1 21 ? -4.660  14.832  5.388   1.00 34.60 ? 20  ARG X O     1 
ATOM   161 C  CB    . ARG A 1 21 ? -2.680  12.293  5.494   1.00 38.69 ? 20  ARG X CB    1 
ATOM   162 C  CG    . ARG A 1 21 ? -1.924  11.256  6.373   1.00 40.72 ? 20  ARG X CG    1 
ATOM   163 C  CD    . ARG A 1 21 ? -0.396  11.184  6.054   1.00 42.14 ? 20  ARG X CD    1 
ATOM   164 N  NE    . ARG A 1 21 ? 0.332   10.438  7.095   1.00 46.14 ? 20  ARG X NE    1 
ATOM   165 C  CZ    . ARG A 1 21 ? 1.656   10.347  7.213   1.00 47.00 ? 20  ARG X CZ    1 
ATOM   166 N  NH1   . ARG A 1 21 ? 2.461   10.938  6.332   1.00 44.40 ? 20  ARG X NH1   1 
ATOM   167 N  NH2   . ARG A 1 21 ? 2.181   9.627   8.218   1.00 47.11 ? 20  ARG X NH2   1 
ATOM   168 N  N     . GLU A 1 22 ? -5.265  13.268  3.888   1.00 34.84 ? 21  GLU X N     1 
ATOM   169 C  CA    . GLU A 1 22 ? -5.734  14.224  2.862   1.00 34.79 ? 21  GLU X CA    1 
ATOM   170 C  C     . GLU A 1 22 ? -7.006  13.775  2.179   1.00 34.77 ? 21  GLU X C     1 
ATOM   171 O  O     . GLU A 1 22 ? -7.207  12.578  1.958   1.00 34.35 ? 21  GLU X O     1 
ATOM   172 C  CB    . GLU A 1 22 ? -4.698  14.344  1.757   1.00 34.58 ? 21  GLU X CB    1 
ATOM   173 C  CG    . GLU A 1 22 ? -3.308  14.821  2.158   1.00 36.49 ? 21  GLU X CG    1 
ATOM   174 C  CD    . GLU A 1 22 ? -2.412  14.747  0.941   1.00 39.57 ? 21  GLU X CD    1 
ATOM   175 O  OE1   . GLU A 1 22 ? -2.571  15.611  0.069   1.00 39.61 ? 21  GLU X OE1   1 
ATOM   176 O  OE2   . GLU A 1 22 ? -1.640  13.761  0.820   1.00 40.08 ? 21  GLU X OE2   1 
ATOM   177 N  N     . GLY A 1 23 ? -7.816  14.738  1.743   1.00 34.67 ? 22  GLY X N     1 
ATOM   178 C  CA    . GLY A 1 23 ? -8.989  14.424  0.932   1.00 35.31 ? 22  GLY X CA    1 
ATOM   179 C  C     . GLY A 1 23 ? -9.905  13.346  1.504   1.00 35.91 ? 22  GLY X C     1 
ATOM   180 O  O     . GLY A 1 23 ? -10.239 13.350  2.685   1.00 35.69 ? 22  GLY X O     1 
ATOM   181 N  N     . ASP A 1 24 ? -10.270 12.368  0.676   1.00 36.94 ? 23  ASP X N     1 
ATOM   182 C  CA    . ASP A 1 24 ? -11.126 11.271  1.114   1.00 37.16 ? 23  ASP X CA    1 
ATOM   183 C  C     . ASP A 1 24 ? -10.383 10.524  2.199   1.00 38.04 ? 23  ASP X C     1 
ATOM   184 O  O     . ASP A 1 24 ? -9.328  9.968   1.948   1.00 37.04 ? 23  ASP X O     1 
ATOM   185 C  CB    . ASP A 1 24 ? -11.394 10.326  -0.093  1.00 38.10 ? 23  ASP X CB    1 
ATOM   186 C  CG    . ASP A 1 24 ? -12.374 9.181   0.221   1.00 39.05 ? 23  ASP X CG    1 
ATOM   187 O  OD1   . ASP A 1 24 ? -12.409 8.620   1.343   1.00 39.49 ? 23  ASP X OD1   1 
ATOM   188 O  OD2   . ASP A 1 24 ? -13.092 8.781   -0.720  1.00 41.60 ? 23  ASP X OD2   1 
ATOM   189 N  N     . LYS A 1 25 ? -10.942 10.467  3.399   1.00 38.54 ? 24  LYS X N     1 
ATOM   190 C  CA    . LYS A 1 25 ? -10.204 9.880   4.527   1.00 39.62 ? 24  LYS X CA    1 
ATOM   191 C  C     . LYS A 1 25 ? -10.110 8.356   4.475   1.00 39.90 ? 24  LYS X C     1 
ATOM   192 O  O     . LYS A 1 25 ? -9.398  7.736   5.278   1.00 39.34 ? 24  LYS X O     1 
ATOM   193 C  CB    . LYS A 1 25 ? -10.805 10.334  5.863   1.00 40.58 ? 24  LYS X CB    1 
ATOM   194 C  CG    . LYS A 1 25 ? -10.618 11.804  6.137   1.00 41.54 ? 24  LYS X CG    1 
ATOM   195 C  CD    . LYS A 1 25 ? -11.334 12.121  7.424   1.00 48.28 ? 24  LYS X CD    1 
ATOM   196 C  CE    . LYS A 1 25 ? -11.652 13.586  7.536   1.00 51.62 ? 24  LYS X CE    1 
ATOM   197 N  NZ    . LYS A 1 25 ? -10.519 14.398  8.044   1.00 53.97 ? 24  LYS X NZ    1 
ATOM   198 N  N     . HIS A 1 26 ? -10.789 7.757   3.492   1.00 40.23 ? 25  HIS X N     1 
ATOM   199 C  CA    . HIS A 1 26 ? -10.828 6.300   3.346   1.00 40.77 ? 25  HIS X CA    1 
ATOM   200 C  C     . HIS A 1 26 ? -10.200 5.775   2.061   1.00 39.89 ? 25  HIS X C     1 
ATOM   201 O  O     . HIS A 1 26 ? -10.369 4.616   1.695   1.00 40.14 ? 25  HIS X O     1 
ATOM   202 C  CB    . HIS A 1 26 ? -12.271 5.849   3.414   1.00 42.66 ? 25  HIS X CB    1 
ATOM   203 C  CG    . HIS A 1 26 ? -12.506 4.756   4.396   1.00 46.20 ? 25  HIS X CG    1 
ATOM   204 N  ND1   . HIS A 1 26 ? -13.692 4.058   4.458   1.00 51.65 ? 25  HIS X ND1   1 
ATOM   205 C  CD2   . HIS A 1 26 ? -11.709 4.238   5.364   1.00 48.62 ? 25  HIS X CD2   1 
ATOM   206 C  CE1   . HIS A 1 26 ? -13.610 3.148   5.414   1.00 52.56 ? 25  HIS X CE1   1 
ATOM   207 N  NE2   . HIS A 1 26 ? -12.417 3.237   5.975   1.00 53.04 ? 25  HIS X NE2   1 
ATOM   208 N  N     . LYS A 1 27 ? -9.448  6.634   1.385   1.00 37.13 ? 26  LYS X N     1 
ATOM   209 C  CA    . LYS A 1 27 ? -8.710  6.211   0.224   1.00 37.70 ? 26  LYS X CA    1 
ATOM   210 C  C     . LYS A 1 27 ? -7.344  6.842   0.273   1.00 36.55 ? 26  LYS X C     1 
ATOM   211 O  O     . LYS A 1 27 ? -7.183  7.913   0.856   1.00 37.36 ? 26  LYS X O     1 
ATOM   212 C  CB    . LYS A 1 27 ? -9.429  6.632   -1.055  1.00 36.71 ? 26  LYS X CB    1 
ATOM   213 C  CG    . LYS A 1 27 ? -10.768 5.908   -1.320  1.00 37.04 ? 26  LYS X CG    1 
ATOM   214 C  CD    . LYS A 1 27 ? -11.462 6.532   -2.530  1.00 37.50 ? 26  LYS X CD    1 
ATOM   215 C  CE    . LYS A 1 27 ? -12.864 5.952   -2.723  1.00 39.31 ? 26  LYS X CE    1 
ATOM   216 N  NZ    . LYS A 1 27 ? -13.733 6.197   -1.521  1.00 44.93 ? 26  LYS X NZ    1 
ATOM   217 N  N     . LEU A 1 28 ? -6.367  6.150   -0.313  1.00 36.94 ? 27  LEU X N     1 
ATOM   218 C  CA    . LEU A 1 28 ? -5.017  6.693   -0.518  1.00 35.59 ? 27  LEU X CA    1 
ATOM   219 C  C     . LEU A 1 28 ? -4.955  7.410   -1.856  1.00 36.42 ? 27  LEU X C     1 
ATOM   220 O  O     . LEU A 1 28 ? -5.073  6.779   -2.885  1.00 36.34 ? 27  LEU X O     1 
ATOM   221 C  CB    . LEU A 1 28 ? -3.977  5.566   -0.515  1.00 35.61 ? 27  LEU X CB    1 
ATOM   222 C  CG    . LEU A 1 28 ? -3.843  4.729   0.765   1.00 33.87 ? 27  LEU X CG    1 
ATOM   223 C  CD1   . LEU A 1 28 ? -3.053  3.445   0.451   1.00 34.22 ? 27  LEU X CD1   1 
ATOM   224 C  CD2   . LEU A 1 28 ? -3.209  5.554   1.902   1.00 31.01 ? 27  LEU X CD2   1 
ATOM   225 N  N     . LYS A 1 29 ? -4.781  8.724   -1.856  1.00 35.21 ? 28  LYS X N     1 
ATOM   226 C  CA    . LYS A 1 29 ? -4.483  9.395   -3.118  1.00 36.27 ? 28  LYS X CA    1 
ATOM   227 C  C     . LYS A 1 29 ? -3.013  9.169   -3.370  1.00 35.76 ? 28  LYS X C     1 
ATOM   228 O  O     . LYS A 1 29 ? -2.320  8.631   -2.496  1.00 37.46 ? 28  LYS X O     1 
ATOM   229 C  CB    . LYS A 1 29 ? -4.821  10.902  -3.072  1.00 36.41 ? 28  LYS X CB    1 
ATOM   230 C  CG    . LYS A 1 29 ? -4.079  11.728  -2.046  1.00 37.18 ? 28  LYS X CG    1 
ATOM   231 C  CD    . LYS A 1 29 ? -4.842  13.071  -1.815  1.00 36.15 ? 28  LYS X CD    1 
ATOM   232 C  CE    . LYS A 1 29 ? -4.897  13.946  -3.047  1.00 40.11 ? 28  LYS X CE    1 
ATOM   233 N  NZ    . LYS A 1 29 ? -3.858  15.027  -3.022  1.00 39.70 ? 28  LYS X NZ    1 
ATOM   234 N  N     . LYS A 1 30 ? -2.527  9.553   -4.537  1.00 35.41 ? 29  LYS X N     1 
ATOM   235 C  CA    . LYS A 1 30 ? -1.132  9.265   -4.885  1.00 35.29 ? 29  LYS X CA    1 
ATOM   236 C  C     . LYS A 1 30 ? -0.138  9.789   -3.869  1.00 35.46 ? 29  LYS X C     1 
ATOM   237 O  O     . LYS A 1 30 ? 0.838   9.105   -3.526  1.00 34.46 ? 29  LYS X O     1 
ATOM   238 C  CB    . LYS A 1 30 ? -0.804  9.725   -6.315  1.00 33.75 ? 29  LYS X CB    1 
ATOM   239 C  CG    . LYS A 1 30 ? -1.467  8.793   -7.376  1.00 35.59 ? 29  LYS X CG    1 
ATOM   240 C  CD    . LYS A 1 30 ? -1.165  9.301   -8.786  1.00 35.72 ? 29  LYS X CD    1 
ATOM   241 C  CE    . LYS A 1 30 ? -1.649  10.751  -8.990  1.00 41.88 ? 29  LYS X CE    1 
ATOM   242 N  NZ    . LYS A 1 30 ? -3.085  10.815  -9.414  1.00 45.86 ? 29  LYS X NZ    1 
ATOM   243 N  N     . SER A 1 31 ? -0.377  10.998  -3.361  1.00 35.69 ? 30  SER X N     1 
ATOM   244 C  CA    . SER A 1 31 ? 0.517   11.553  -2.346  1.00 34.80 ? 30  SER X CA    1 
ATOM   245 C  C     . SER A 1 31 ? 0.605   10.682  -1.096  1.00 35.10 ? 30  SER X C     1 
ATOM   246 O  O     . SER A 1 31 ? 1.708   10.477  -0.580  1.00 34.11 ? 30  SER X O     1 
ATOM   247 C  CB    . SER A 1 31 ? 0.181   13.046  -2.034  1.00 35.54 ? 30  SER X CB    1 
ATOM   248 O  OG    . SER A 1 31 ? -1.195  13.189  -1.647  1.00 33.93 ? 30  SER X OG    1 
ATOM   249 N  N     . GLU A 1 32 ? -0.531  10.143  -0.632  1.00 33.48 ? 31  GLU X N     1 
ATOM   250 C  CA    . GLU A 1 32 ? -0.568  9.327   0.575   1.00 34.35 ? 31  GLU X CA    1 
ATOM   251 C  C     . GLU A 1 32 ? 0.086   7.962   0.321   1.00 34.18 ? 31  GLU X C     1 
ATOM   252 O  O     . GLU A 1 32 ? 0.823   7.443   1.149   1.00 35.15 ? 31  GLU X O     1 
ATOM   253 C  CB    . GLU A 1 32 ? -2.015  9.145   1.059   1.00 33.99 ? 31  GLU X CB    1 
ATOM   254 C  CG    . GLU A 1 32 ? -2.686  10.440  1.579   1.00 32.48 ? 31  GLU X CG    1 
ATOM   255 C  CD    . GLU A 1 32 ? -4.212  10.319  1.721   1.00 33.89 ? 31  GLU X CD    1 
ATOM   256 O  OE1   . GLU A 1 32 ? -4.877  9.616   0.919   1.00 34.19 ? 31  GLU X OE1   1 
ATOM   257 O  OE2   . GLU A 1 32 ? -4.775  10.952  2.608   1.00 35.52 ? 31  GLU X OE2   1 
ATOM   258 N  N     . LEU A 1 33 ? -0.141  7.415   -0.865  1.00 33.90 ? 32  LEU X N     1 
ATOM   259 C  CA    . LEU A 1 33 ? 0.442   6.142   -1.238  1.00 33.67 ? 32  LEU X CA    1 
ATOM   260 C  C     . LEU A 1 33 ? 1.970   6.234   -1.306  1.00 33.22 ? 32  LEU X C     1 
ATOM   261 O  O     . LEU A 1 33 ? 2.667   5.309   -0.884  1.00 33.87 ? 32  LEU X O     1 
ATOM   262 C  CB    . LEU A 1 33 ? -0.130  5.692   -2.590  1.00 33.78 ? 32  LEU X CB    1 
ATOM   263 C  CG    . LEU A 1 33 ? 0.480   4.393   -3.119  1.00 34.52 ? 32  LEU X CG    1 
ATOM   264 C  CD1   . LEU A 1 33 ? 0.140   3.146   -2.191  1.00 32.82 ? 32  LEU X CD1   1 
ATOM   265 C  CD2   . LEU A 1 33 ? 0.066   4.203   -4.623  1.00 34.23 ? 32  LEU X CD2   1 
ATOM   266 N  N     . LYS A 1 34 ? 2.487   7.344   -1.825  1.00 32.95 ? 33  LYS X N     1 
ATOM   267 C  CA    . LYS A 1 34 ? 3.921   7.545   -1.893  1.00 31.92 ? 33  LYS X CA    1 
ATOM   268 C  C     . LYS A 1 34 ? 4.514   7.567   -0.495  1.00 32.33 ? 33  LYS X C     1 
ATOM   269 O  O     . LYS A 1 34 ? 5.555   6.978   -0.250  1.00 33.07 ? 33  LYS X O     1 
ATOM   270 C  CB    . LYS A 1 34 ? 4.227   8.875   -2.605  1.00 31.87 ? 33  LYS X CB    1 
ATOM   271 C  CG    . LYS A 1 34 ? 5.698   9.240   -2.598  1.00 31.82 ? 33  LYS X CG    1 
ATOM   272 C  CD    . LYS A 1 34 ? 5.953   10.557  -3.377  1.00 32.49 ? 33  LYS X CD    1 
ATOM   273 C  CE    . LYS A 1 34 ? 7.367   11.049  -3.102  1.00 36.53 ? 33  LYS X CE    1 
ATOM   274 N  NZ    . LYS A 1 34 ? 7.730   12.278  -3.878  1.00 40.99 ? 33  LYS X NZ    1 
ATOM   275 N  N     . GLU A 1 35 ? 3.857   8.269   0.421   1.00 32.79 ? 34  GLU X N     1 
ATOM   276 C  CA    . GLU A 1 35 ? 4.325   8.337   1.797   1.00 34.09 ? 34  GLU X CA    1 
ATOM   277 C  C     . GLU A 1 35 ? 4.321   6.982   2.473   1.00 33.49 ? 34  GLU X C     1 
ATOM   278 O  O     . GLU A 1 35 ? 5.231   6.657   3.224   1.00 34.72 ? 34  GLU X O     1 
ATOM   279 C  CB    . GLU A 1 35 ? 3.448   9.292   2.596   1.00 34.50 ? 34  GLU X CB    1 
ATOM   280 C  CG    . GLU A 1 35 ? 3.669   10.785  2.237   1.00 38.63 ? 34  GLU X CG    1 
ATOM   281 C  CD    . GLU A 1 35 ? 4.842   11.380  2.984   1.00 47.72 ? 34  GLU X CD    1 
ATOM   282 O  OE2   . GLU A 1 35 ? 5.995   10.957  2.732   1.00 51.51 ? 34  GLU X OE2   1 
ATOM   283 N  N     . LEU A 1 36 ? 3.271   6.199   2.222   1.00 34.55 ? 35  LEU X N     1 
ATOM   284 C  CA    . LEU A 1 36 ? 3.152   4.856   2.799   1.00 33.66 ? 35  LEU X CA    1 
ATOM   285 C  C     . LEU A 1 36 ? 4.300   3.959   2.333   1.00 33.66 ? 35  LEU X C     1 
ATOM   286 O  O     . LEU A 1 36 ? 4.993   3.342   3.142   1.00 34.20 ? 35  LEU X O     1 
ATOM   287 C  CB    . LEU A 1 36 ? 1.800   4.248   2.437   1.00 34.64 ? 35  LEU X CB    1 
ATOM   288 C  CG    . LEU A 1 36 ? 1.475   2.909   3.117   1.00 31.81 ? 35  LEU X CG    1 
ATOM   289 C  CD1   . LEU A 1 36 ? -0.013  2.730   3.175   1.00 35.26 ? 35  LEU X CD1   1 
ATOM   290 C  CD2   . LEU A 1 36 ? 2.073   1.758   2.328   1.00 33.28 ? 35  LEU X CD2   1 
ATOM   291 N  N     . ILE A 1 37 ? 4.502   3.898   1.023   1.00 33.20 ? 36  ILE X N     1 
ATOM   292 C  CA    . ILE A 1 37 ? 5.612   3.117   0.449   1.00 34.12 ? 36  ILE X CA    1 
ATOM   293 C  C     . ILE A 1 37 ? 7.001   3.516   0.981   1.00 33.96 ? 36  ILE X C     1 
ATOM   294 O  O     . ILE A 1 37 ? 7.791   2.638   1.378   1.00 33.30 ? 36  ILE X O     1 
ATOM   295 C  CB    . ILE A 1 37 ? 5.576   3.150   -1.117  1.00 34.54 ? 36  ILE X CB    1 
ATOM   296 C  CG1   . ILE A 1 37 ? 4.373   2.349   -1.604  1.00 35.20 ? 36  ILE X CG1   1 
ATOM   297 C  CG2   . ILE A 1 37 ? 6.908   2.642   -1.732  1.00 36.13 ? 36  ILE X CG2   1 
ATOM   298 C  CD1   . ILE A 1 37 ? 3.902   2.738   -3.036  1.00 32.33 ? 36  ILE X CD1   1 
ATOM   299 N  N     . ASN A 1 38 ? 7.272   4.826   1.010   1.00 34.38 ? 37  ASN X N     1 
ATOM   300 C  CA    . ASN A 1 38 ? 8.583   5.353   1.427   1.00 34.92 ? 37  ASN X CA    1 
ATOM   301 C  C     . ASN A 1 38 ? 8.832   5.163   2.910   1.00 35.65 ? 37  ASN X C     1 
ATOM   302 O  O     . ASN A 1 38 ? 9.976   4.888   3.319   1.00 35.63 ? 37  ASN X O     1 
ATOM   303 C  CB    . ASN A 1 38 ? 8.741   6.843   1.045   1.00 34.43 ? 37  ASN X CB    1 
ATOM   304 C  CG    . ASN A 1 38 ? 8.845   7.065   -0.462  1.00 35.31 ? 37  ASN X CG    1 
ATOM   305 O  OD1   . ASN A 1 38 ? 8.741   8.215   -0.948  1.00 37.60 ? 37  ASN X OD1   1 
ATOM   306 N  ND2   . ASN A 1 38 ? 9.075   5.994   -1.207  1.00 32.49 ? 37  ASN X ND2   1 
ATOM   307 N  N     . ASN A 1 39 ? 7.778   5.286   3.725   1.00 35.19 ? 38  ASN X N     1 
ATOM   308 C  CA    . ASN A 1 39 ? 7.971   5.199   5.193   1.00 35.89 ? 38  ASN X CA    1 
ATOM   309 C  C     . ASN A 1 39 ? 7.750   3.800   5.778   1.00 36.01 ? 38  ASN X C     1 
ATOM   310 O  O     . ASN A 1 39 ? 8.251   3.493   6.873   1.00 35.97 ? 38  ASN X O     1 
ATOM   311 C  CB    . ASN A 1 39 ? 7.034   6.155   5.914   1.00 36.04 ? 38  ASN X CB    1 
ATOM   312 C  CG    . ASN A 1 39 ? 7.344   7.622   5.617   1.00 40.37 ? 38  ASN X CG    1 
ATOM   313 O  OD1   . ASN A 1 39 ? 8.497   8.063   5.675   1.00 43.15 ? 38  ASN X OD1   1 
ATOM   314 N  ND2   . ASN A 1 39 ? 6.312   8.382   5.328   1.00 42.53 ? 38  ASN X ND2   1 
ATOM   315 N  N     . GLU A 1 40 ? 6.971   2.973   5.082   1.00 34.70 ? 39  GLU X N     1 
ATOM   316 C  CA    . GLU A 1 40 ? 6.545   1.686   5.632   1.00 34.47 ? 39  GLU X CA    1 
ATOM   317 C  C     . GLU A 1 40 ? 6.988   0.478   4.815   1.00 35.42 ? 39  GLU X C     1 
ATOM   318 O  O     . GLU A 1 40 ? 6.935   -0.680  5.301   1.00 36.33 ? 39  GLU X O     1 
ATOM   319 C  CB    . GLU A 1 40 ? 5.011   1.661   5.884   1.00 34.73 ? 39  GLU X CB    1 
ATOM   320 C  CG    . GLU A 1 40 ? 4.403   2.917   6.576   1.00 33.91 ? 39  GLU X CG    1 
ATOM   321 C  CD    . GLU A 1 40 ? 4.944   3.204   7.968   1.00 37.94 ? 39  GLU X CD    1 
ATOM   322 O  OE1   . GLU A 1 40 ? 5.473   2.274   8.611   1.00 35.10 ? 39  GLU X OE1   1 
ATOM   323 O  OE2   . GLU A 1 40 ? 4.797   4.364   8.438   1.00 34.86 ? 39  GLU X OE2   1 
ATOM   324 N  N     . LEU A 1 41 ? 7.429   0.701   3.578   1.00 35.19 ? 40  LEU X N     1 
ATOM   325 C  CA    . LEU A 1 41 ? 7.939   -0.413  2.774   1.00 35.36 ? 40  LEU X CA    1 
ATOM   326 C  C     . LEU A 1 41 ? 9.391   -0.229  2.326   1.00 36.38 ? 40  LEU X C     1 
ATOM   327 O  O     . LEU A 1 41 ? 9.801   -0.754  1.279   1.00 36.13 ? 40  LEU X O     1 
ATOM   328 C  CB    . LEU A 1 41 ? 6.989   -0.725  1.613   1.00 34.62 ? 40  LEU X CB    1 
ATOM   329 C  CG    . LEU A 1 41 ? 5.622   -1.186  2.091   1.00 34.05 ? 40  LEU X CG    1 
ATOM   330 C  CD1   . LEU A 1 41 ? 4.583   -1.083  0.949   1.00 35.52 ? 40  LEU X CD1   1 
ATOM   331 C  CD2   . LEU A 1 41 ? 5.692   -2.679  2.526   1.00 34.71 ? 40  LEU X CD2   1 
ATOM   332 N  N     . SER A 1 42 ? 10.156  0.467   3.166   1.00 36.94 ? 41  SER X N     1 
ATOM   333 C  CA    . SER A 1 42 ? 11.543  0.846   2.829   1.00 39.22 ? 41  SER X CA    1 
ATOM   334 C  C     . SER A 1 42 ? 12.499  -0.350  2.713   1.00 39.96 ? 41  SER X C     1 
ATOM   335 O  O     . SER A 1 42 ? 13.594  -0.212  2.176   1.00 40.76 ? 41  SER X O     1 
ATOM   336 C  CB    . SER A 1 42 ? 12.088  1.882   3.810   1.00 39.66 ? 41  SER X CB    1 
ATOM   337 O  OG    . SER A 1 42 ? 12.345  1.311   5.077   1.00 41.62 ? 41  SER X OG    1 
ATOM   338 N  N     . HIS A 1 43 ? 12.098  -1.520  3.203   1.00 40.65 ? 42  HIS X N     1 
ATOM   339 C  CA    . HIS A 1 43 ? 12.951  -2.704  3.091   1.00 42.09 ? 42  HIS X CA    1 
ATOM   340 C  C     . HIS A 1 43 ? 12.510  -3.594  1.955   1.00 42.34 ? 42  HIS X C     1 
ATOM   341 O  O     . HIS A 1 43 ? 13.320  -4.345  1.400   1.00 42.80 ? 42  HIS X O     1 
ATOM   342 C  CB    . HIS A 1 43 ? 12.960  -3.499  4.398   1.00 42.83 ? 42  HIS X CB    1 
ATOM   343 C  CG    . HIS A 1 43 ? 13.510  -2.732  5.560   1.00 42.36 ? 42  HIS X CG    1 
ATOM   344 N  ND1   . HIS A 1 43 ? 12.706  -2.174  6.535   1.00 41.66 ? 42  HIS X ND1   1 
ATOM   345 C  CD2   . HIS A 1 43 ? 14.784  -2.416  5.893   1.00 41.54 ? 42  HIS X CD2   1 
ATOM   346 C  CE1   . HIS A 1 43 ? 13.465  -1.559  7.424   1.00 42.80 ? 42  HIS X CE1   1 
ATOM   347 N  NE2   . HIS A 1 43 ? 14.728  -1.682  7.052   1.00 41.56 ? 42  HIS X NE2   1 
ATOM   348 N  N     . PHE A 1 44 ? 11.239  -3.476  1.593   1.00 41.72 ? 43  PHE X N     1 
ATOM   349 C  CA    . PHE A 1 44 ? 10.649  -4.277  0.522   1.00 42.81 ? 43  PHE X CA    1 
ATOM   350 C  C     . PHE A 1 44 ? 10.647  -3.598  -0.838  1.00 42.49 ? 43  PHE X C     1 
ATOM   351 O  O     . PHE A 1 44 ? 10.691  -4.282  -1.870  1.00 43.56 ? 43  PHE X O     1 
ATOM   352 C  CB    . PHE A 1 44 ? 9.202   -4.675  0.857   1.00 41.91 ? 43  PHE X CB    1 
ATOM   353 C  CG    . PHE A 1 44 ? 9.066   -5.599  2.049   1.00 44.31 ? 43  PHE X CG    1 
ATOM   354 C  CD1   . PHE A 1 44 ? 10.182  -6.151  2.675   1.00 44.86 ? 43  PHE X CD1   1 
ATOM   355 C  CD2   . PHE A 1 44 ? 7.789   -5.951  2.513   1.00 43.92 ? 43  PHE X CD2   1 
ATOM   356 C  CE1   . PHE A 1 44 ? 10.041  -7.015  3.768   1.00 46.95 ? 43  PHE X CE1   1 
ATOM   357 C  CE2   . PHE A 1 44 ? 7.635   -6.819  3.593   1.00 45.09 ? 43  PHE X CE2   1 
ATOM   358 C  CZ    . PHE A 1 44 ? 8.766   -7.346  4.217   1.00 43.93 ? 43  PHE X CZ    1 
ATOM   359 N  N     . LEU A 1 45 ? 10.557  -2.271  -0.852  1.00 42.59 ? 44  LEU X N     1 
ATOM   360 C  CA    . LEU A 1 45 ? 10.387  -1.533  -2.104  1.00 42.62 ? 44  LEU X CA    1 
ATOM   361 C  C     . LEU A 1 45 ? 11.322  -0.333  -2.201  1.00 42.52 ? 44  LEU X C     1 
ATOM   362 O  O     . LEU A 1 45 ? 11.641  0.313   -1.209  1.00 40.38 ? 44  LEU X O     1 
ATOM   363 C  CB    . LEU A 1 45 ? 8.945   -1.040  -2.251  1.00 42.26 ? 44  LEU X CB    1 
ATOM   364 C  CG    . LEU A 1 45 ? 7.793   -2.035  -2.452  1.00 43.38 ? 44  LEU X CG    1 
ATOM   365 C  CD1   . LEU A 1 45 ? 6.455   -1.292  -2.471  1.00 43.28 ? 44  LEU X CD1   1 
ATOM   366 C  CD2   . LEU A 1 45 ? 7.982   -2.898  -3.731  1.00 46.16 ? 44  LEU X CD2   1 
ATOM   367 N  N     . GLU A 1 46 ? 11.726  -0.032  -3.429  1.00 43.54 ? 45  GLU X N     1 
ATOM   368 C  CA    . GLU A 1 46 ? 12.629  1.068   -3.709  1.00 42.89 ? 45  GLU X CA    1 
ATOM   369 C  C     . GLU A 1 46 ? 11.939  2.392   -3.349  1.00 43.36 ? 45  GLU X C     1 
ATOM   370 O  O     . GLU A 1 46 ? 10.749  2.551   -3.591  1.00 43.35 ? 45  GLU X O     1 
ATOM   371 C  CB    . GLU A 1 46 ? 13.002  1.033   -5.204  1.00 44.17 ? 45  GLU X CB    1 
ATOM   372 C  CG    . GLU A 1 46 ? 13.857  -0.181  -5.636  1.00 44.05 ? 45  GLU X CG    1 
ATOM   373 N  N     . GLU A 1 47 ? 12.661  3.335   -2.756  1.00 43.31 ? 46  GLU X N     1 
ATOM   374 C  CA    . GLU A 1 47 ? 12.072  4.649   -2.461  1.00 43.22 ? 46  GLU X CA    1 
ATOM   375 C  C     . GLU A 1 47 ? 11.545  5.312   -3.730  1.00 43.28 ? 46  GLU X C     1 
ATOM   376 O  O     . GLU A 1 47 ? 12.221  5.296   -4.759  1.00 43.79 ? 46  GLU X O     1 
ATOM   377 C  CB    . GLU A 1 47 ? 13.090  5.565   -1.780  1.00 43.09 ? 46  GLU X CB    1 
ATOM   378 C  CG    . GLU A 1 47 ? 12.517  6.885   -1.305  1.00 41.80 ? 46  GLU X CG    1 
ATOM   379 C  CD    . GLU A 1 47 ? 13.596  7.822   -0.786  1.00 42.56 ? 46  GLU X CD    1 
ATOM   380 O  OE1   . GLU A 1 47 ? 14.709  7.338   -0.475  1.00 42.10 ? 46  GLU X OE1   1 
ATOM   381 O  OE2   . GLU A 1 47 ? 13.323  9.047   -0.705  1.00 41.46 ? 46  GLU X OE2   1 
ATOM   382 N  N     . ILE A 1 48 ? 10.340  5.880   -3.662  1.00 43.01 ? 47  ILE X N     1 
ATOM   383 C  CA    . ILE A 1 48 ? 9.775   6.675   -4.776  1.00 42.77 ? 47  ILE X CA    1 
ATOM   384 C  C     . ILE A 1 48 ? 10.108  8.167   -4.644  1.00 43.21 ? 47  ILE X C     1 
ATOM   385 O  O     . ILE A 1 48 ? 9.764   8.809   -3.639  1.00 42.48 ? 47  ILE X O     1 
ATOM   386 C  CB    . ILE A 1 48 ? 8.244   6.537   -4.869  1.00 42.92 ? 47  ILE X CB    1 
ATOM   387 C  CG1   . ILE A 1 48 ? 7.833   5.060   -4.975  1.00 42.41 ? 47  ILE X CG1   1 
ATOM   388 C  CG2   . ILE A 1 48 ? 7.707   7.363   -6.060  1.00 43.48 ? 47  ILE X CG2   1 
ATOM   389 C  CD1   . ILE A 1 48 ? 6.316   4.800   -4.845  1.00 41.74 ? 47  ILE X CD1   1 
ATOM   390 N  N     . LYS A 1 49 ? 10.727  8.710   -5.693  1.00 43.88 ? 48  LYS X N     1 
ATOM   391 C  CA    . LYS A 1 49 ? 11.183  10.108  -5.753  1.00 44.43 ? 48  LYS X CA    1 
ATOM   392 C  C     . LYS A 1 49 ? 10.510  10.915  -6.874  1.00 44.59 ? 48  LYS X C     1 
ATOM   393 O  O     . LYS A 1 49 ? 10.481  12.156  -6.813  1.00 45.34 ? 48  LYS X O     1 
ATOM   394 C  CB    . LYS A 1 49 ? 12.700  10.143  -5.971  1.00 44.62 ? 48  LYS X CB    1 
ATOM   395 C  CG    . LYS A 1 49 ? 13.514  9.937   -4.701  1.00 45.44 ? 48  LYS X CG    1 
ATOM   396 C  CD    . LYS A 1 49 ? 14.075  11.259  -4.194  1.00 46.17 ? 48  LYS X CD    1 
ATOM   397 N  N     . GLU A 1 50 ? 10.007  10.202  -7.887  1.00 43.80 ? 49  GLU X N     1 
ATOM   398 C  CA    . GLU A 1 50 ? 9.413   10.753  -9.106  1.00 43.84 ? 49  GLU X CA    1 
ATOM   399 C  C     . GLU A 1 50 ? 7.902   10.542  -9.215  1.00 43.78 ? 49  GLU X C     1 
ATOM   400 O  O     . GLU A 1 50 ? 7.390   9.457   -8.889  1.00 43.04 ? 49  GLU X O     1 
ATOM   401 C  CB    . GLU A 1 50 ? 10.053  10.088  -10.325 1.00 44.23 ? 49  GLU X CB    1 
ATOM   402 C  CG    . GLU A 1 50 ? 11.479  10.551  -10.630 1.00 46.06 ? 49  GLU X CG    1 
ATOM   403 C  CD    . GLU A 1 50 ? 11.563  12.023  -10.987 1.00 49.68 ? 49  GLU X CD    1 
ATOM   404 O  OE1   . GLU A 1 50 ? 10.896  12.446  -11.964 1.00 52.09 ? 49  GLU X OE1   1 
ATOM   405 O  OE2   . GLU A 1 50 ? 12.323  12.754  -10.307 1.00 49.65 ? 49  GLU X OE2   1 
ATOM   406 N  N     . GLN A 1 51 ? 7.195   11.557  -9.720  1.00 43.14 ? 50  GLN X N     1 
ATOM   407 C  CA    . GLN A 1 51 ? 5.735   11.466  -9.875  1.00 43.12 ? 50  GLN X CA    1 
ATOM   408 C  C     . GLN A 1 51 ? 5.382   10.312  -10.820 1.00 42.63 ? 50  GLN X C     1 
ATOM   409 O  O     . GLN A 1 51 ? 4.411   9.597   -10.605 1.00 42.20 ? 50  GLN X O     1 
ATOM   410 C  CB    . GLN A 1 51 ? 5.130   12.788  -10.379 1.00 43.68 ? 50  GLN X CB    1 
ATOM   411 C  CG    . GLN A 1 51 ? 3.585   12.834  -10.408 1.00 45.43 ? 50  GLN X CG    1 
ATOM   412 C  CD    . GLN A 1 51 ? 2.927   12.876  -9.033  1.00 48.33 ? 50  GLN X CD    1 
ATOM   413 O  OE1   . GLN A 1 51 ? 3.453   13.476  -8.080  1.00 48.45 ? 50  GLN X OE1   1 
ATOM   414 N  NE2   . GLN A 1 51 ? 1.757   12.232  -8.917  1.00 49.59 ? 50  GLN X NE2   1 
ATOM   415 N  N     . GLU A 1 52 ? 6.204   10.155  -11.874 1.00 41.53 ? 51  GLU X N     1 
ATOM   416 C  CA    . GLU A 1 52 ? 6.041   9.055   -12.820 1.00 41.16 ? 51  GLU X CA    1 
ATOM   417 C  C     . GLU A 1 52 ? 5.889   7.706   -12.143 1.00 40.54 ? 51  GLU X C     1 
ATOM   418 O  O     . GLU A 1 52 ? 5.039   6.908   -12.557 1.00 41.00 ? 51  GLU X O     1 
ATOM   419 C  CB    . GLU A 1 52 ? 7.228   8.990   -13.798 1.00 41.60 ? 51  GLU X CB    1 
ATOM   420 N  N     . VAL A 1 53 ? 6.726   7.444   -11.141 1.00 39.88 ? 52  VAL X N     1 
ATOM   421 C  CA    . VAL A 1 53 ? 6.771   6.133   -10.471 1.00 39.55 ? 52  VAL X CA    1 
ATOM   422 C  C     . VAL A 1 53 ? 5.551   5.861   -9.595  1.00 39.40 ? 52  VAL X C     1 
ATOM   423 O  O     . VAL A 1 53 ? 5.014   4.742   -9.611  1.00 38.75 ? 52  VAL X O     1 
ATOM   424 C  CB    . VAL A 1 53 ? 8.085   5.933   -9.663  1.00 39.39 ? 52  VAL X CB    1 
ATOM   425 C  CG1   . VAL A 1 53 ? 8.141   4.562   -9.018  1.00 39.37 ? 52  VAL X CG1   1 
ATOM   426 C  CG2   . VAL A 1 53 ? 9.295   6.133   -10.561 1.00 39.47 ? 52  VAL X CG2   1 
ATOM   427 N  N     . VAL A 1 54 ? 5.098   6.859   -8.830  1.00 39.38 ? 53  VAL X N     1 
ATOM   428 C  CA    . VAL A 1 54 ? 3.861   6.659   -8.080  1.00 39.15 ? 53  VAL X CA    1 
ATOM   429 C  C     . VAL A 1 54 ? 2.652   6.623   -9.033  1.00 39.60 ? 53  VAL X C     1 
ATOM   430 O  O     . VAL A 1 54 ? 1.701   5.891   -8.786  1.00 39.53 ? 53  VAL X O     1 
ATOM   431 C  CB    . VAL A 1 54 ? 3.669   7.659   -6.916  1.00 39.84 ? 53  VAL X CB    1 
ATOM   432 C  CG1   . VAL A 1 54 ? 3.233   9.027   -7.413  1.00 39.93 ? 53  VAL X CG1   1 
ATOM   433 C  CG2   . VAL A 1 54 ? 2.707   7.093   -5.844  1.00 39.52 ? 53  VAL X CG2   1 
ATOM   434 N  N     . ASP A 1 55 ? 2.685   7.399   -10.117 1.00 39.85 ? 54  ASP X N     1 
ATOM   435 C  CA    . ASP A 1 55 ? 1.646   7.267   -11.155 1.00 40.50 ? 54  ASP X CA    1 
ATOM   436 C  C     . ASP A 1 55 ? 1.476   5.809   -11.580 1.00 40.28 ? 54  ASP X C     1 
ATOM   437 O  O     . ASP A 1 55 ? 0.359   5.303   -11.607 1.00 41.30 ? 54  ASP X O     1 
ATOM   438 C  CB    . ASP A 1 55 ? 1.932   8.116   -12.383 1.00 40.76 ? 54  ASP X CB    1 
ATOM   439 C  CG    . ASP A 1 55 ? 1.833   9.602   -12.101 1.00 41.57 ? 54  ASP X CG    1 
ATOM   440 O  OD1   . ASP A 1 55 ? 1.194   10.001  -11.095 1.00 44.00 ? 54  ASP X OD1   1 
ATOM   441 O  OD2   . ASP A 1 55 ? 2.408   10.363  -12.899 1.00 41.68 ? 54  ASP X OD2   1 
ATOM   442 N  N     . LYS A 1 56 ? 2.597   5.156   -11.876 1.00 39.52 ? 55  LYS X N     1 
ATOM   443 C  CA    . LYS A 1 56 ? 2.623   3.776   -12.360 1.00 38.97 ? 55  LYS X CA    1 
ATOM   444 C  C     . LYS A 1 56 ? 2.106   2.811   -11.298 1.00 38.53 ? 55  LYS X C     1 
ATOM   445 O  O     . LYS A 1 56 ? 1.264   1.952   -11.598 1.00 38.17 ? 55  LYS X O     1 
ATOM   446 C  CB    . LYS A 1 56 ? 4.041   3.406   -12.841 1.00 38.99 ? 55  LYS X CB    1 
ATOM   447 C  CG    . LYS A 1 56 ? 4.329   1.895   -12.920 1.00 40.77 ? 55  LYS X CG    1 
ATOM   448 N  N     . VAL A 1 57 ? 2.581   2.929   -10.059 1.00 37.28 ? 56  VAL X N     1 
ATOM   449 C  CA    . VAL A 1 57 ? 2.064   2.089   -8.977  1.00 36.70 ? 56  VAL X CA    1 
ATOM   450 C  C     . VAL A 1 57 ? 0.587   2.303   -8.790  1.00 36.07 ? 56  VAL X C     1 
ATOM   451 O  O     . VAL A 1 57 ? -0.155  1.332   -8.671  1.00 37.16 ? 56  VAL X O     1 
ATOM   452 C  CB    . VAL A 1 57 ? 2.800   2.308   -7.603  1.00 35.95 ? 56  VAL X CB    1 
ATOM   453 C  CG1   . VAL A 1 57 ? 2.252   1.301   -6.541  1.00 37.12 ? 56  VAL X CG1   1 
ATOM   454 C  CG2   . VAL A 1 57 ? 4.259   2.091   -7.797  1.00 38.37 ? 56  VAL X CG2   1 
ATOM   455 N  N     . MET A 1 58 ? 0.129   3.556   -8.787  1.00 35.82 ? 57  MET X N     1 
ATOM   456 C  CA    . MET A 1 58 ? -1.324  3.798   -8.660  1.00 35.70 ? 57  MET X CA    1 
ATOM   457 C  C     . MET A 1 58 ? -2.079  3.198   -9.838  1.00 36.02 ? 57  MET X C     1 
ATOM   458 O  O     . MET A 1 58 ? -3.187  2.677   -9.670  1.00 36.50 ? 57  MET X O     1 
ATOM   459 C  CB    . MET A 1 58 ? -1.665  5.299   -8.521  1.00 35.44 ? 57  MET X CB    1 
ATOM   460 C  CG    . MET A 1 58 ? -3.164  5.582   -8.219  1.00 35.56 ? 57  MET X CG    1 
ATOM   461 S  SD    . MET A 1 58 ? -3.760  4.847   -6.643  1.00 39.74 ? 57  MET X SD    1 
ATOM   462 C  CE    . MET A 1 58 ? -3.256  6.138   -5.515  1.00 35.90 ? 57  MET X CE    1 
ATOM   463 N  N     . GLU A 1 59 ? -1.495  3.250   -11.033 1.00 35.45 ? 58  GLU X N     1 
ATOM   464 C  CA    . GLU A 1 59 ? -2.183  2.663   -12.201 1.00 35.66 ? 58  GLU X CA    1 
ATOM   465 C  C     . GLU A 1 59 ? -2.422  1.177   -11.967 1.00 36.05 ? 58  GLU X C     1 
ATOM   466 O  O     . GLU A 1 59 ? -3.440  0.648   -12.402 1.00 37.73 ? 58  GLU X O     1 
ATOM   467 C  CB    . GLU A 1 59 ? -1.381  2.836   -13.487 1.00 35.14 ? 58  GLU X CB    1 
ATOM   468 C  CG    . GLU A 1 59 ? -2.170  2.499   -14.824 1.00 36.24 ? 58  GLU X CG    1 
ATOM   469 C  CD    . GLU A 1 59 ? -2.123  1.009   -15.248 1.00 39.66 ? 58  GLU X CD    1 
ATOM   470 O  OE1   . GLU A 1 59 ? -2.890  0.625   -16.154 1.00 39.03 ? 58  GLU X OE1   1 
ATOM   471 O  OE2   . GLU A 1 59 ? -1.311  0.223   -14.731 1.00 40.76 ? 58  GLU X OE2   1 
ATOM   472 N  N     . THR A 1 60 ? -1.429  0.496   -11.390 1.00 36.03 ? 59  THR X N     1 
ATOM   473 C  CA    . THR A 1 60 ? -1.484  -0.944  -11.158 1.00 36.87 ? 59  THR X CA    1 
ATOM   474 C  C     . THR A 1 60 ? -2.573  -1.247  -10.131 1.00 36.93 ? 59  THR X C     1 
ATOM   475 O  O     . THR A 1 60 ? -3.385  -2.178  -10.285 1.00 37.00 ? 59  THR X O     1 
ATOM   476 C  CB    . THR A 1 60 ? -0.089  -1.457  -10.711 1.00 37.11 ? 59  THR X CB    1 
ATOM   477 O  OG1   . THR A 1 60 ? 0.849   -1.276  -11.780 1.00 38.77 ? 59  THR X OG1   1 
ATOM   478 C  CG2   . THR A 1 60 ? -0.119  -2.950  -10.350 1.00 39.01 ? 59  THR X CG2   1 
ATOM   479 N  N     . LEU A 1 61 ? -2.612  -0.443  -9.085  1.00 37.74 ? 60  LEU X N     1 
ATOM   480 C  CA    . LEU A 1 61 ? -3.473  -0.714  -7.940  1.00 38.38 ? 60  LEU X CA    1 
ATOM   481 C  C     . LEU A 1 61 ? -4.896  -0.274  -8.145  1.00 39.55 ? 60  LEU X C     1 
ATOM   482 O  O     . LEU A 1 61 ? -5.802  -0.792  -7.483  1.00 38.79 ? 60  LEU X O     1 
ATOM   483 C  CB    . LEU A 1 61 ? -2.967  0.055   -6.716  1.00 38.08 ? 60  LEU X CB    1 
ATOM   484 C  CG    . LEU A 1 61 ? -1.585  -0.308  -6.214  1.00 39.18 ? 60  LEU X CG    1 
ATOM   485 C  CD1   . LEU A 1 61 ? -1.395  0.369   -4.825  1.00 35.41 ? 60  LEU X CD1   1 
ATOM   486 C  CD2   . LEU A 1 61 ? -1.523  -1.812  -6.122  1.00 41.29 ? 60  LEU X CD2   1 
ATOM   487 N  N     . ASP A 1 62 ? -5.097  0.703   -9.026  1.00 39.14 ? 61  ASP X N     1 
ATOM   488 C  CA    . ASP A 1 62 ? -6.404  1.379   -9.100  1.00 40.43 ? 61  ASP X CA    1 
ATOM   489 C  C     . ASP A 1 62 ? -7.397  0.683   -10.030 1.00 40.55 ? 61  ASP X C     1 
ATOM   490 O  O     . ASP A 1 62 ? -7.498  1.046   -11.184 1.00 42.34 ? 61  ASP X O     1 
ATOM   491 C  CB    . ASP A 1 62 ? -6.229  2.879   -9.460  1.00 40.03 ? 61  ASP X CB    1 
ATOM   492 C  CG    . ASP A 1 62 ? -7.557  3.623   -9.611  1.00 40.50 ? 61  ASP X CG    1 
ATOM   493 O  OD1   . ASP A 1 62 ? -8.558  3.194   -9.013  1.00 38.00 ? 61  ASP X OD1   1 
ATOM   494 O  OD2   . ASP A 1 62 ? -7.628  4.633   -10.358 1.00 39.53 ? 61  ASP X OD2   1 
ATOM   495 N  N     . SER A 1 63 ? -8.168  -0.256  -9.511  1.00 39.94 ? 62  SER X N     1 
ATOM   496 C  CA    . SER A 1 63 ? -9.060  -1.080  -10.344 1.00 40.04 ? 62  SER X CA    1 
ATOM   497 C  C     . SER A 1 63 ? -10.367 -0.407  -10.789 1.00 39.96 ? 62  SER X C     1 
ATOM   498 O  O     . SER A 1 63 ? -10.992 -0.841  -11.762 1.00 40.61 ? 62  SER X O     1 
ATOM   499 C  CB    . SER A 1 63 ? -9.348  -2.418  -9.643  1.00 39.55 ? 62  SER X CB    1 
ATOM   500 O  OG    . SER A 1 63 ? -8.150  -3.153  -9.419  1.00 42.66 ? 62  SER X OG    1 
ATOM   501 N  N     . ASP A 1 64 ? -10.808 0.646   -10.107 1.00 39.81 ? 63  ASP X N     1 
ATOM   502 C  CA    . ASP A 1 64 ? -12.031 1.317   -10.525 1.00 40.49 ? 63  ASP X CA    1 
ATOM   503 C  C     . ASP A 1 64 ? -11.809 2.692   -11.145 1.00 41.64 ? 63  ASP X C     1 
ATOM   504 O  O     . ASP A 1 64 ? -12.749 3.478   -11.310 1.00 43.25 ? 63  ASP X O     1 
ATOM   505 C  CB    . ASP A 1 64 ? -13.062 1.378   -9.389  1.00 40.95 ? 63  ASP X CB    1 
ATOM   506 C  CG    . ASP A 1 64 ? -12.566 2.139   -8.183  1.00 40.70 ? 63  ASP X CG    1 
ATOM   507 O  OD1   . ASP A 1 64 ? -11.453 2.687   -8.219  1.00 37.23 ? 63  ASP X OD1   1 
ATOM   508 O  OD2   . ASP A 1 64 ? -13.305 2.183   -7.183  1.00 44.24 ? 63  ASP X OD2   1 
ATOM   509 N  N     . GLY A 1 65 ? -10.568 2.987   -11.512 1.00 41.33 ? 64  GLY X N     1 
ATOM   510 C  CA    . GLY A 1 65 ? -10.288 4.206   -12.256 1.00 40.68 ? 64  GLY X CA    1 
ATOM   511 C  C     . GLY A 1 65 ? -10.583 5.546   -11.587 1.00 40.77 ? 64  GLY X C     1 
ATOM   512 O  O     . GLY A 1 65 ? -10.749 6.550   -12.280 1.00 39.69 ? 64  GLY X O     1 
ATOM   513 N  N     . ASP A 1 66 ? -10.644 5.592   -10.255 1.00 40.08 ? 65  ASP X N     1 
ATOM   514 C  CA    . ASP A 1 66 ? -10.901 6.882   -9.572  1.00 40.04 ? 65  ASP X CA    1 
ATOM   515 C  C     . ASP A 1 66 ? -9.645  7.646   -9.165  1.00 39.14 ? 65  ASP X C     1 
ATOM   516 O  O     . ASP A 1 66 ? -9.712  8.684   -8.495  1.00 40.42 ? 65  ASP X O     1 
ATOM   517 C  CB    . ASP A 1 66 ? -11.832 6.702   -8.372  1.00 40.08 ? 65  ASP X CB    1 
ATOM   518 C  CG    . ASP A 1 66 ? -11.178 5.962   -7.219  1.00 39.50 ? 65  ASP X CG    1 
ATOM   519 O  OD1   . ASP A 1 66 ? -10.101 5.328   -7.390  1.00 41.24 ? 65  ASP X OD1   1 
ATOM   520 O  OD2   . ASP A 1 66 ? -11.772 5.987   -6.124  1.00 38.72 ? 65  ASP X OD2   1 
ATOM   521 N  N     . GLY A 1 67 ? -8.498  7.112   -9.555  1.00 39.23 ? 66  GLY X N     1 
ATOM   522 C  CA    . GLY A 1 67 ? -7.212  7.747   -9.313  1.00 37.73 ? 66  GLY X CA    1 
ATOM   523 C  C     . GLY A 1 67 ? -6.701  7.512   -7.896  1.00 38.04 ? 66  GLY X C     1 
ATOM   524 O  O     . GLY A 1 67 ? -5.660  8.049   -7.519  1.00 37.39 ? 66  GLY X O     1 
ATOM   525 N  N     . GLU A 1 68 ? -7.421  6.708   -7.109  1.00 37.48 ? 67  GLU X N     1 
ATOM   526 C  CA    . GLU A 1 68 ? -7.044  6.473   -5.702  1.00 36.64 ? 67  GLU X CA    1 
ATOM   527 C  C     . GLU A 1 68 ? -7.085  4.964   -5.399  1.00 36.36 ? 67  GLU X C     1 
ATOM   528 O  O     . GLU A 1 68 ? -7.634  4.160   -6.178  1.00 38.03 ? 67  GLU X O     1 
ATOM   529 C  CB    . GLU A 1 68 ? -7.980  7.231   -4.762  1.00 35.44 ? 67  GLU X CB    1 
ATOM   530 C  CG    . GLU A 1 68 ? -8.031  8.780   -5.039  1.00 36.54 ? 67  GLU X CG    1 
ATOM   531 C  CD    . GLU A 1 68 ? -8.352  9.623   -3.799  1.00 36.67 ? 67  GLU X CD    1 
ATOM   532 O  OE1   . GLU A 1 68 ? -8.123  9.139   -2.682  1.00 38.21 ? 67  GLU X OE1   1 
ATOM   533 O  OE2   . GLU A 1 68 ? -8.782  10.803  -3.956  1.00 36.21 ? 67  GLU X OE2   1 
ATOM   534 N  N     . CYS A 1 69 ? -6.502  4.613   -4.261  1.00 36.76 ? 68  CYS X N     1 
ATOM   535 C  CA    . CYS A 1 69 ? -6.422  3.214   -3.800  1.00 36.14 ? 68  CYS X CA    1 
ATOM   536 C  C     . CYS A 1 69 ? -7.318  3.080   -2.570  1.00 36.40 ? 68  CYS X C     1 
ATOM   537 O  O     . CYS A 1 69 ? -7.017  3.656   -1.469  1.00 35.15 ? 68  CYS X O     1 
ATOM   538 C  CB    . CYS A 1 69 ? -4.973  2.897   -3.467  1.00 35.85 ? 68  CYS X CB    1 
ATOM   539 S  SG    . CYS A 1 69 ? -4.764  1.204   -2.874  1.00 37.61 ? 68  CYS X SG    1 
ATOM   540 N  N     . ASP A 1 70 ? -8.447  2.400   -2.743  1.00 36.40 ? 69  ASP X N     1 
ATOM   541 C  CA    . ASP A 1 70 ? -9.370  2.163   -1.610  1.00 36.43 ? 69  ASP X CA    1 
ATOM   542 C  C     . ASP A 1 70 ? -8.900  0.959   -0.777  1.00 37.32 ? 69  ASP X C     1 
ATOM   543 O  O     . ASP A 1 70 ? -7.820  0.409   -1.031  1.00 35.17 ? 69  ASP X O     1 
ATOM   544 C  CB    . ASP A 1 70 ? -10.850 2.088   -2.056  1.00 37.00 ? 69  ASP X CB    1 
ATOM   545 C  CG    . ASP A 1 70 ? -11.178 0.861   -2.859  1.00 39.54 ? 69  ASP X CG    1 
ATOM   546 O  OD1   . ASP A 1 70 ? -10.340 -0.079  -2.928  1.00 39.66 ? 69  ASP X OD1   1 
ATOM   547 O  OD2   . ASP A 1 70 ? -12.310 0.847   -3.410  1.00 39.93 ? 69  ASP X OD2   1 
ATOM   548 N  N     . PHE A 1 71 ? -9.688  0.554   0.220   1.00 36.14 ? 70  PHE X N     1 
ATOM   549 C  CA    . PHE A 1 71 ? -9.194  -0.461  1.137   1.00 35.88 ? 70  PHE X CA    1 
ATOM   550 C  C     . PHE A 1 71 ? -9.067  -1.814  0.394   1.00 36.56 ? 70  PHE X C     1 
ATOM   551 O  O     . PHE A 1 71 ? -8.076  -2.501  0.559   1.00 37.32 ? 70  PHE X O     1 
ATOM   552 C  CB    . PHE A 1 71 ? -10.142 -0.608  2.310   1.00 36.09 ? 70  PHE X CB    1 
ATOM   553 C  CG    . PHE A 1 71 ? -9.608  -1.488  3.391   1.00 38.60 ? 70  PHE X CG    1 
ATOM   554 C  CD1   . PHE A 1 71 ? -8.782  -0.958  4.379   1.00 39.81 ? 70  PHE X CD1   1 
ATOM   555 C  CD2   . PHE A 1 71 ? -9.884  -2.857  3.388   1.00 37.94 ? 70  PHE X CD2   1 
ATOM   556 C  CE1   . PHE A 1 71 ? -8.253  -1.783  5.375   1.00 43.07 ? 70  PHE X CE1   1 
ATOM   557 C  CE2   . PHE A 1 71 ? -9.364  -3.697  4.391   1.00 39.44 ? 70  PHE X CE2   1 
ATOM   558 C  CZ    . PHE A 1 71 ? -8.567  -3.145  5.390   1.00 40.32 ? 70  PHE X CZ    1 
ATOM   559 N  N     . GLN A 1 72 ? -10.066 -2.168  -0.409  1.00 37.54 ? 71  GLN X N     1 
ATOM   560 C  CA    . GLN A 1 72 ? -10.016 -3.388  -1.256  1.00 38.03 ? 71  GLN X CA    1 
ATOM   561 C  C     . GLN A 1 72 ? -8.766  -3.423  -2.164  1.00 37.41 ? 71  GLN X C     1 
ATOM   562 O  O     . GLN A 1 72 ? -8.087  -4.455  -2.286  1.00 36.26 ? 71  GLN X O     1 
ATOM   563 C  CB    . GLN A 1 72 ? -11.295 -3.526  -2.123  1.00 39.14 ? 71  GLN X CB    1 
ATOM   564 C  CG    . GLN A 1 72 ? -11.357 -4.822  -2.970  1.00 39.66 ? 71  GLN X CG    1 
ATOM   565 C  CD    . GLN A 1 72 ? -12.683 -5.013  -3.737  1.00 43.72 ? 71  GLN X CD    1 
ATOM   566 O  OE1   . GLN A 1 72 ? -13.257 -4.043  -4.217  1.00 49.42 ? 71  GLN X OE1   1 
ATOM   567 N  N     . GLU A 1 73 ? -8.507  -2.303  -2.818  1.00 35.41 ? 72  GLU X N     1 
ATOM   568 C  CA    . GLU A 1 73 ? -7.309  -2.127  -3.659  1.00 35.99 ? 72  GLU X CA    1 
ATOM   569 C  C     . GLU A 1 73 ? -6.028  -2.219  -2.858  1.00 34.81 ? 72  GLU X C     1 
ATOM   570 O  O     . GLU A 1 73 ? -5.047  -2.816  -3.318  1.00 35.19 ? 72  GLU X O     1 
ATOM   571 C  CB    . GLU A 1 73 ? -7.387  -0.818  -4.453  1.00 34.75 ? 72  GLU X CB    1 
ATOM   572 C  CG    . GLU A 1 73 ? -8.535  -0.860  -5.469  1.00 33.77 ? 72  GLU X CG    1 
ATOM   573 C  CD    . GLU A 1 73 ? -8.906  0.490   -6.003  1.00 37.02 ? 72  GLU X CD    1 
ATOM   574 O  OE1   . GLU A 1 73 ? -8.617  1.526   -5.344  1.00 36.61 ? 72  GLU X OE1   1 
ATOM   575 O  OE2   . GLU A 1 73 ? -9.535  0.514   -7.084  1.00 36.15 ? 72  GLU X OE2   1 
ATOM   576 N  N     . PHE A 1 74 ? -6.053  -1.691  -1.636  1.00 35.26 ? 73  PHE X N     1 
ATOM   577 C  CA    . PHE A 1 74 ? -4.909  -1.820  -0.749  1.00 34.72 ? 73  PHE X CA    1 
ATOM   578 C  C     . PHE A 1 74 ? -4.697  -3.263  -0.326  1.00 35.83 ? 73  PHE X C     1 
ATOM   579 O  O     . PHE A 1 74 ? -3.559  -3.703  -0.239  1.00 36.89 ? 73  PHE X O     1 
ATOM   580 C  CB    . PHE A 1 74 ? -5.068  -0.961  0.532   1.00 35.66 ? 73  PHE X CB    1 
ATOM   581 C  CG    . PHE A 1 74 ? -3.886  -1.066  1.489   1.00 35.62 ? 73  PHE X CG    1 
ATOM   582 C  CD1   . PHE A 1 74 ? -2.629  -0.505  1.127   1.00 38.87 ? 73  PHE X CD1   1 
ATOM   583 C  CD2   . PHE A 1 74 ? -4.015  -1.664  2.735   1.00 38.15 ? 73  PHE X CD2   1 
ATOM   584 C  CE1   . PHE A 1 74 ? -1.540  -0.585  1.979   1.00 38.88 ? 73  PHE X CE1   1 
ATOM   585 C  CE2   . PHE A 1 74 ? -2.948  -1.721  3.592   1.00 37.05 ? 73  PHE X CE2   1 
ATOM   586 C  CZ    . PHE A 1 74 ? -1.699  -1.178  3.219   1.00 38.65 ? 73  PHE X CZ    1 
ATOM   587 N  N     . MET A 1 75 ? -5.769  -3.995  -0.068  1.00 36.30 ? 74  MET X N     1 
ATOM   588 C  CA    . MET A 1 75 ? -5.633  -5.430  0.234   1.00 36.71 ? 74  MET X CA    1 
ATOM   589 C  C     . MET A 1 75 ? -4.962  -6.186  -0.933  1.00 35.85 ? 74  MET X C     1 
ATOM   590 O  O     . MET A 1 75 ? -4.167  -7.087  -0.700  1.00 36.54 ? 74  MET X O     1 
ATOM   591 C  CB    . MET A 1 75 ? -6.979  -6.073  0.527   1.00 37.93 ? 74  MET X CB    1 
ATOM   592 C  CG    . MET A 1 75 ? -7.630  -5.607  1.810   1.00 41.78 ? 74  MET X CG    1 
ATOM   593 S  SD    . MET A 1 75 ? -6.701  -6.171  3.253   1.00 48.15 ? 74  MET X SD    1 
ATOM   594 C  CE    . MET A 1 75 ? -5.460  -4.958  3.578   1.00 47.65 ? 74  MET X CE    1 
ATOM   595 N  N     . ALA A 1 76 ? -5.292  -5.815  -2.167  1.00 35.25 ? 75  ALA X N     1 
ATOM   596 C  CA    . ALA A 1 76 ? -4.664  -6.435  -3.356  1.00 36.19 ? 75  ALA X CA    1 
ATOM   597 C  C     . ALA A 1 76 ? -3.168  -6.089  -3.402  1.00 36.20 ? 75  ALA X C     1 
ATOM   598 O  O     . ALA A 1 76 ? -2.311  -6.928  -3.742  1.00 36.32 ? 75  ALA X O     1 
ATOM   599 C  CB    . ALA A 1 76 ? -5.375  -5.994  -4.618  1.00 35.89 ? 75  ALA X CB    1 
ATOM   600 N  N     . PHE A 1 77 ? -2.847  -4.854  -3.052  1.00 35.34 ? 76  PHE X N     1 
ATOM   601 C  CA    . PHE A 1 77 ? -1.444  -4.421  -2.931  1.00 35.22 ? 76  PHE X CA    1 
ATOM   602 C  C     . PHE A 1 77 ? -0.675  -5.240  -1.877  1.00 34.84 ? 76  PHE X C     1 
ATOM   603 O  O     . PHE A 1 77 ? 0.414   -5.773  -2.155  1.00 35.12 ? 76  PHE X O     1 
ATOM   604 C  CB    . PHE A 1 77 ? -1.402  -2.907  -2.665  1.00 34.36 ? 76  PHE X CB    1 
ATOM   605 C  CG    . PHE A 1 77 ? -0.020  -2.308  -2.566  1.00 37.17 ? 76  PHE X CG    1 
ATOM   606 C  CD1   . PHE A 1 77 ? 0.924   -2.479  -3.567  1.00 38.64 ? 76  PHE X CD1   1 
ATOM   607 C  CD2   . PHE A 1 77 ? 0.299   -1.485  -1.466  1.00 38.96 ? 76  PHE X CD2   1 
ATOM   608 C  CE1   . PHE A 1 77 ? 2.168   -1.848  -3.487  1.00 39.41 ? 76  PHE X CE1   1 
ATOM   609 C  CE2   . PHE A 1 77 ? 1.553   -0.849  -1.383  1.00 38.62 ? 76  PHE X CE2   1 
ATOM   610 C  CZ    . PHE A 1 77 ? 2.483   -1.023  -2.385  1.00 36.43 ? 76  PHE X CZ    1 
ATOM   611 N  N     . VAL A 1 78 ? -1.262  -5.375  -0.691  1.00 35.25 ? 77  VAL X N     1 
ATOM   612 C  CA    . VAL A 1 78 ? -0.694  -6.241  0.348   1.00 35.70 ? 77  VAL X CA    1 
ATOM   613 C  C     . VAL A 1 78 ? -0.487  -7.686  -0.136  1.00 35.60 ? 77  VAL X C     1 
ATOM   614 O  O     . VAL A 1 78 ? 0.583   -8.245  0.115   1.00 35.50 ? 77  VAL X O     1 
ATOM   615 C  CB    . VAL A 1 78 ? -1.526  -6.218  1.627   1.00 37.25 ? 77  VAL X CB    1 
ATOM   616 C  CG1   . VAL A 1 78 ? -1.028  -7.287  2.649   1.00 39.26 ? 77  VAL X CG1   1 
ATOM   617 C  CG2   . VAL A 1 78 ? -1.441  -4.817  2.222   1.00 36.43 ? 77  VAL X CG2   1 
ATOM   618 N  N     . ALA A 1 79 ? -1.460  -8.238  -0.861  1.00 35.90 ? 78  ALA X N     1 
ATOM   619 C  CA    . ALA A 1 79 ? -1.310  -9.622  -1.423  1.00 35.16 ? 78  ALA X CA    1 
ATOM   620 C  C     . ALA A 1 79 ? -0.127  -9.711  -2.400  1.00 35.87 ? 78  ALA X C     1 
ATOM   621 O  O     . ALA A 1 79 ? 0.678   -10.671 -2.352  1.00 36.94 ? 78  ALA X O     1 
ATOM   622 C  CB    . ALA A 1 79 ? -2.650  -10.099 -2.073  1.00 36.29 ? 78  ALA X CB    1 
ATOM   623 N  N     . MET A 1 80 ? 0.028   -8.695  -3.244  1.00 36.31 ? 79  MET X N     1 
ATOM   624 C  CA    . MET A 1 80 ? 1.156   -8.621  -4.173  1.00 41.19 ? 79  MET X CA    1 
ATOM   625 C  C     . MET A 1 80 ? 2.511   -8.585  -3.436  1.00 37.64 ? 79  MET X C     1 
ATOM   626 O  O     . MET A 1 80 ? 3.471   -9.291  -3.805  1.00 36.28 ? 79  MET X O     1 
ATOM   627 C  CB    . MET A 1 80 ? 1.027   -7.355  -5.038  1.00 39.67 ? 79  MET X CB    1 
ATOM   628 C  CG    . MET A 1 80 ? 2.016   -7.298  -6.185  1.00 47.00 ? 79  MET X CG    1 
ATOM   629 S  SD    . MET A 1 80 ? 1.755   -5.788  -7.181  1.00 54.28 ? 79  MET X SD    1 
ATOM   630 C  CE    . MET A 1 80 ? 0.060   -5.307  -6.656  1.00 43.89 ? 79  MET X CE    1 
ATOM   631 N  N     . ILE A 1 81 ? 2.595   -7.734  -2.416  1.00 36.60 ? 80  ILE X N     1 
ATOM   632 C  CA    . ILE A 1 81 ? 3.854   -7.573  -1.676  1.00 36.19 ? 80  ILE X CA    1 
ATOM   633 C  C     . ILE A 1 81 ? 4.179   -8.858  -0.971  1.00 35.47 ? 80  ILE X C     1 
ATOM   634 O  O     . ILE A 1 81 ? 5.301   -9.291  -0.996  1.00 36.23 ? 80  ILE X O     1 
ATOM   635 C  CB    . ILE A 1 81 ? 3.752   -6.440  -0.629  1.00 37.14 ? 80  ILE X CB    1 
ATOM   636 C  CG1   . ILE A 1 81 ? 3.634   -5.097  -1.353  1.00 37.71 ? 80  ILE X CG1   1 
ATOM   637 C  CG2   . ILE A 1 81 ? 4.967   -6.420  0.326   1.00 37.63 ? 80  ILE X CG2   1 
ATOM   638 C  CD1   . ILE A 1 81 ? 3.011   -4.054  -0.449  1.00 41.86 ? 80  ILE X CD1   1 
ATOM   639 N  N     . THR A 1 82 ? 3.201   -9.429  -0.288  1.00 34.76 ? 81  THR X N     1 
ATOM   640 C  CA    . THR A 1 82 ? 3.395   -10.648 0.484   1.00 34.43 ? 81  THR X CA    1 
ATOM   641 C  C     . THR A 1 82 ? 3.825   -11.805 -0.410  1.00 34.88 ? 81  THR X C     1 
ATOM   642 O  O     . THR A 1 82 ? 4.691   -12.574 -0.045  1.00 35.36 ? 81  THR X O     1 
ATOM   643 C  CB    . THR A 1 82 ? 2.111   -11.002 1.265   1.00 34.28 ? 81  THR X CB    1 
ATOM   644 O  OG1   . THR A 1 82 ? 1.786   -9.893  2.133   1.00 34.49 ? 81  THR X OG1   1 
ATOM   645 C  CG2   . THR A 1 82 ? 2.329   -12.217 2.158   1.00 35.35 ? 81  THR X CG2   1 
ATOM   646 N  N     . THR A 1 83 ? 3.193   -11.930 -1.563  1.00 34.83 ? 82  THR X N     1 
ATOM   647 C  CA    . THR A 1 83 ? 3.539   -12.979 -2.539  1.00 35.85 ? 82  THR X CA    1 
ATOM   648 C  C     . THR A 1 83 ? 4.955   -12.812 -3.009  1.00 35.80 ? 82  THR X C     1 
ATOM   649 O  O     . THR A 1 83 ? 5.701   -13.796 -3.120  1.00 36.96 ? 82  THR X O     1 
ATOM   650 C  CB    . THR A 1 83 ? 2.585   -12.905 -3.733  1.00 34.54 ? 82  THR X CB    1 
ATOM   651 O  OG1   . THR A 1 83 ? 1.269   -13.175 -3.247  1.00 37.04 ? 82  THR X OG1   1 
ATOM   652 C  CG2   . THR A 1 83 ? 2.981   -13.916 -4.856  1.00 36.49 ? 82  THR X CG2   1 
ATOM   653 N  N     . ALA A 1 84 ? 5.338   -11.574 -3.298  1.00 36.80 ? 83  ALA X N     1 
ATOM   654 C  CA    . ALA A 1 84 ? 6.689   -11.324 -3.818  1.00 35.96 ? 83  ALA X CA    1 
ATOM   655 C  C     . ALA A 1 84 ? 7.779   -11.596 -2.765  1.00 36.86 ? 83  ALA X C     1 
ATOM   656 O  O     . ALA A 1 84 ? 8.843   -12.184 -3.077  1.00 36.82 ? 83  ALA X O     1 
ATOM   657 C  CB    . ALA A 1 84 ? 6.782   -9.908  -4.374  1.00 37.21 ? 83  ALA X CB    1 
ATOM   658 N  N     . CYS A 1 85 ? 7.499   -11.219 -1.521  1.00 36.84 ? 84  CYS X N     1 
ATOM   659 C  CA    . CYS A 1 85 ? 8.369   -11.524 -0.378  1.00 37.67 ? 84  CYS X CA    1 
ATOM   660 C  C     . CYS A 1 85 ? 8.517   -13.030 -0.112  1.00 36.78 ? 84  CYS X C     1 
ATOM   661 O  O     . CYS A 1 85 ? 9.629   -13.535 0.030   1.00 36.69 ? 84  CYS X O     1 
ATOM   662 C  CB    . CYS A 1 85 ? 7.819   -10.831 0.852   1.00 37.76 ? 84  CYS X CB    1 
ATOM   663 S  SG    . CYS A 1 85 ? 8.164   -9.029  0.786   1.00 45.23 ? 84  CYS X SG    1 
ATOM   664 N  N     . HIS A 1 86 ? 7.390   -13.741 -0.084  1.00 36.23 ? 85  HIS X N     1 
ATOM   665 C  CA    . HIS A 1 86 ? 7.373   -15.194 0.120   1.00 36.83 ? 85  HIS X CA    1 
ATOM   666 C  C     . HIS A 1 86 ? 8.259   -15.870 -0.905  1.00 37.45 ? 85  HIS X C     1 
ATOM   667 O  O     . HIS A 1 86 ? 9.113   -16.731 -0.591  1.00 36.84 ? 85  HIS X O     1 
ATOM   668 C  CB    . HIS A 1 86 ? 5.912   -15.698 -0.021  1.00 36.35 ? 85  HIS X CB    1 
ATOM   669 C  CG    . HIS A 1 86 ? 5.766   -17.186 -0.043  1.00 36.70 ? 85  HIS X CG    1 
ATOM   670 N  ND1   . HIS A 1 86 ? 5.049   -17.840 -1.022  1.00 38.48 ? 85  HIS X ND1   1 
ATOM   671 C  CD2   . HIS A 1 86 ? 6.250   -18.152 0.777   1.00 37.54 ? 85  HIS X CD2   1 
ATOM   672 C  CE1   . HIS A 1 86 ? 5.077   -19.142 -0.795  1.00 39.13 ? 85  HIS X CE1   1 
ATOM   673 N  NE2   . HIS A 1 86 ? 5.796   -19.360 0.294   1.00 42.45 ? 85  HIS X NE2   1 
ATOM   674 N  N     . GLU A 1 87 ? 8.087   -15.462 -2.151  1.00 38.73 ? 86  GLU X N     1 
ATOM   675 C  CA    . GLU A 1 87 ? 8.858   -16.075 -3.239  1.00 40.50 ? 86  GLU X CA    1 
ATOM   676 C  C     . GLU A 1 87 ? 10.331  -15.690 -3.305  1.00 40.91 ? 86  GLU X C     1 
ATOM   677 O  O     . GLU A 1 87 ? 11.156  -16.502 -3.696  1.00 40.14 ? 86  GLU X O     1 
ATOM   678 C  CB    . GLU A 1 87 ? 8.148   -15.836 -4.564  1.00 41.49 ? 86  GLU X CB    1 
ATOM   679 C  CG    . GLU A 1 87 ? 6.717   -16.401 -4.535  1.00 45.25 ? 86  GLU X CG    1 
ATOM   680 C  CD    . GLU A 1 87 ? 6.000   -16.305 -5.879  1.00 52.27 ? 86  GLU X CD    1 
ATOM   681 O  OE1   . GLU A 1 87 ? 6.099   -15.248 -6.565  1.00 54.80 ? 86  GLU X OE1   1 
ATOM   682 O  OE2   . GLU A 1 87 ? 5.320   -17.288 -6.229  1.00 53.28 ? 86  GLU X OE2   1 
ATOM   683 N  N     . PHE A 1 88 ? 10.655  -14.461 -2.917  1.00 41.62 ? 87  PHE X N     1 
ATOM   684 C  CA    . PHE A 1 88 ? 12.046  -13.998 -2.845  1.00 43.07 ? 87  PHE X CA    1 
ATOM   685 C  C     . PHE A 1 88 ? 12.933  -14.915 -1.981  1.00 43.84 ? 87  PHE X C     1 
ATOM   686 O  O     . PHE A 1 88 ? 14.064  -15.209 -2.345  1.00 41.71 ? 87  PHE X O     1 
ATOM   687 C  CB    . PHE A 1 88 ? 12.095  -12.536 -2.358  1.00 43.94 ? 87  PHE X CB    1 
ATOM   688 C  CG    . PHE A 1 88 ? 13.395  -11.833 -2.658  1.00 46.49 ? 87  PHE X CG    1 
ATOM   689 C  CD1   . PHE A 1 88 ? 13.984  -11.922 -3.927  1.00 47.84 ? 87  PHE X CD1   1 
ATOM   690 C  CD2   . PHE A 1 88 ? 14.034  -11.080 -1.677  1.00 48.61 ? 87  PHE X CD2   1 
ATOM   691 C  CE1   . PHE A 1 88 ? 15.180  -11.283 -4.209  1.00 49.12 ? 87  PHE X CE1   1 
ATOM   692 C  CE2   . PHE A 1 88 ? 15.248  -10.435 -1.956  1.00 47.72 ? 87  PHE X CE2   1 
ATOM   693 C  CZ    . PHE A 1 88 ? 15.814  -10.532 -3.221  1.00 48.15 ? 87  PHE X CZ    1 
ATOM   694 N  N     . PHE A 1 89 ? 12.374  -15.431 -0.889  1.00 45.20 ? 88  PHE X N     1 
ATOM   695 C  CA    . PHE A 1 89 ? 13.137  -16.190 0.126   1.00 47.49 ? 88  PHE X CA    1 
ATOM   696 C  C     . PHE A 1 89 ? 13.154  -17.689 -0.043  1.00 47.45 ? 88  PHE X C     1 
ATOM   697 O  O     . PHE A 1 89 ? 13.784  -18.397 0.742   1.00 48.47 ? 88  PHE X O     1 
ATOM   698 C  CB    . PHE A 1 89 ? 12.598  -15.834 1.505   1.00 50.10 ? 88  PHE X CB    1 
ATOM   699 C  CG    . PHE A 1 89 ? 12.875  -14.430 1.870   1.00 53.39 ? 88  PHE X CG    1 
ATOM   700 C  CD1   . PHE A 1 89 ? 12.273  -13.389 1.170   1.00 54.49 ? 88  PHE X CD1   1 
ATOM   701 C  CD2   . PHE A 1 89 ? 13.800  -14.141 2.838   1.00 56.64 ? 88  PHE X CD2   1 
ATOM   702 C  CE1   . PHE A 1 89 ? 12.571  -12.088 1.458   1.00 58.13 ? 88  PHE X CE1   1 
ATOM   703 C  CE2   . PHE A 1 89 ? 14.106  -12.835 3.135   1.00 58.39 ? 88  PHE X CE2   1 
ATOM   704 C  CZ    . PHE A 1 89 ? 13.493  -11.809 2.448   1.00 57.36 ? 88  PHE X CZ    1 
ATOM   705 N  N     . GLU A 1 90 ? 12.483  -18.175 -1.079  1.00 46.63 ? 89  GLU X N     1 
ATOM   706 C  CA    . GLU A 1 90 ? 12.377  -19.600 -1.322  1.00 46.21 ? 89  GLU X CA    1 
ATOM   707 C  C     . GLU A 1 90 ? 12.888  -19.951 -2.695  1.00 46.42 ? 89  GLU X C     1 
ATOM   708 O  O     . GLU A 1 90 ? 13.103  -19.075 -3.533  1.00 45.65 ? 89  GLU X O     1 
ATOM   709 C  CB    . GLU A 1 90 ? 10.917  -20.045 -1.217  1.00 46.36 ? 89  GLU X CB    1 
ATOM   710 C  CG    . GLU A 1 90 ? 10.422  -20.084 0.178   1.00 44.80 ? 89  GLU X CG    1 
ATOM   711 C  CD    . GLU A 1 90 ? 8.943   -20.460 0.248   1.00 44.63 ? 89  GLU X CD    1 
ATOM   712 O  OE1   . GLU A 1 90 ? 8.397   -20.362 1.353   1.00 43.98 ? 89  GLU X OE1   1 
ATOM   713 O  OE2   . GLU A 1 90 ? 8.334   -20.823 -0.791  1.00 41.47 ? 89  GLU X OE2   1 
ATOM   714 N  N     . HIS A 1 91 ? 13.052  -21.254 -2.909  1.00 46.92 ? 90  HIS X N     1 
ATOM   715 C  CA    . HIS A 1 91 ? 13.530  -21.809 -4.168  1.00 47.41 ? 90  HIS X CA    1 
ATOM   716 C  C     . HIS A 1 91 ? 12.392  -22.123 -5.134  1.00 48.10 ? 90  HIS X C     1 
ATOM   717 O  O     . HIS A 1 91 ? 11.232  -22.190 -4.734  1.00 49.27 ? 90  HIS X O     1 
ATOM   718 C  CB    . HIS A 1 91 ? 14.317  -23.080 -3.892  1.00 47.07 ? 90  HIS X CB    1 
ATOM   719 C  CG    . HIS A 1 91 ? 15.634  -22.842 -3.225  1.00 46.30 ? 90  HIS X CG    1 
ATOM   720 N  ND1   . HIS A 1 91 ? 15.759  -22.688 -1.862  1.00 45.46 ? 90  HIS X ND1   1 
ATOM   721 C  CD2   . HIS A 1 91 ? 16.886  -22.748 -3.732  1.00 45.69 ? 90  HIS X CD2   1 
ATOM   722 C  CE1   . HIS A 1 91 ? 17.032  -22.499 -1.558  1.00 46.10 ? 90  HIS X CE1   1 
ATOM   723 N  NE2   . HIS A 1 91 ? 17.736  -22.535 -2.675  1.00 45.77 ? 90  HIS X NE2   1 
HETATM 724 C  C1    . PNT B 2 .  ? 11.867  -14.435 9.165   0.50 68.34 ? 94  PNT X C1    1 
HETATM 725 C  C2    . PNT B 2 .  ? 11.809  -14.552 7.783   0.50 67.57 ? 94  PNT X C2    1 
HETATM 726 C  C3    . PNT B 2 .  ? 12.768  -13.995 6.954   0.50 67.80 ? 94  PNT X C3    1 
HETATM 727 C  C4    . PNT B 2 .  ? 13.806  -13.294 7.532   0.50 68.01 ? 94  PNT X C4    1 
HETATM 728 C  C5    . PNT B 2 .  ? 13.883  -13.180 8.908   0.50 67.86 ? 94  PNT X C5    1 
HETATM 729 C  C6    . PNT B 2 .  ? 12.919  -13.740 9.727   0.50 68.10 ? 94  PNT X C6    1 
HETATM 730 C  C7    . PNT B 2 .  ? 9.821   -15.680 9.550   0.50 67.29 ? 94  PNT X C7    1 
HETATM 731 C  C8    . PNT B 2 .  ? 9.314   -15.059 8.258   0.50 68.37 ? 94  PNT X C8    1 
HETATM 732 C  C9    . PNT B 2 .  ? 14.881  -12.664 6.712   0.50 68.61 ? 94  PNT X C9    1 
HETATM 733 C  C10   . PNT B 2 .  ? 9.176   -16.161 7.231   0.50 67.66 ? 94  PNT X C10   1 
HETATM 734 C  "C1'" . PNT B 2 .  ? 10.130  -15.518 4.573   0.50 66.90 ? 94  PNT X "C1'" 1 
HETATM 735 C  "C2'" . PNT B 2 .  ? 10.776  -14.685 5.482   0.50 66.33 ? 94  PNT X "C2'" 1 
HETATM 736 C  "C3'" . PNT B 2 .  ? 10.928  -13.323 5.276   0.50 66.35 ? 94  PNT X "C3'" 1 
HETATM 737 C  "C4'" . PNT B 2 .  ? 10.438  -12.788 4.105   0.50 66.52 ? 94  PNT X "C4'" 1 
HETATM 738 C  "C5'" . PNT B 2 .  ? 9.790   -13.601 3.189   0.50 66.57 ? 94  PNT X "C5'" 1 
HETATM 739 C  "C6'" . PNT B 2 .  ? 9.633   -14.960 3.413   0.50 66.88 ? 94  PNT X "C6'" 1 
HETATM 740 C  "C7'" . PNT B 2 .  ? 10.662  -17.561 5.779   0.50 66.64 ? 94  PNT X "C7'" 1 
HETATM 741 C  "C8'" . PNT B 2 .  ? 10.492  -16.912 7.139   0.50 66.82 ? 94  PNT X "C8'" 1 
HETATM 742 C  "C9'" . PNT B 2 .  ? 10.553  -11.333 3.790   0.50 67.13 ? 94  PNT X "C9'" 1 
HETATM 743 O  O1    . PNT B 2 .  ? 10.935  -14.970 10.014  0.50 67.79 ? 94  PNT X O1    1 
HETATM 744 O  "O1'" . PNT B 2 .  ? 9.961   -16.866 4.775   0.50 65.96 ? 94  PNT X "O1'" 1 
HETATM 745 N  N1    . PNT B 2 .  ? 14.617  -12.095 5.622   0.50 69.27 ? 94  PNT X N1    1 
HETATM 746 N  N2    . PNT B 2 .  ? 16.136  -12.685 7.154   0.50 69.71 ? 94  PNT X N2    1 
HETATM 747 N  "N1'" . PNT B 2 .  ? 11.487  -10.610 4.235   0.50 67.44 ? 94  PNT X "N1'" 1 
HETATM 748 N  "N2'" . PNT B 2 .  ? 9.615   -10.800 3.008   0.50 68.12 ? 94  PNT X "N2'" 1 
HETATM 749 C  C1    A PNT C 2 .  ? 13.230  -7.926  -0.040  0.30 50.15 ? 95  PNT X C1    1 
HETATM 750 C  C2    A PNT C 2 .  ? 13.796  -7.500  -1.246  0.30 50.38 ? 95  PNT X C2    1 
HETATM 751 C  C3    A PNT C 2 .  ? 13.059  -7.614  -2.430  0.30 50.33 ? 95  PNT X C3    1 
HETATM 752 C  C4    A PNT C 2 .  ? 11.765  -8.146  -2.397  0.30 50.33 ? 95  PNT X C4    1 
HETATM 753 C  C5    A PNT C 2 .  ? 11.210  -8.566  -1.191  0.30 50.02 ? 95  PNT X C5    1 
HETATM 754 C  C6    A PNT C 2 .  ? 11.940  -8.460  -0.016  0.30 49.81 ? 95  PNT X C6    1 
HETATM 755 C  C7    A PNT C 2 .  ? 13.258  -7.965  2.381   0.30 49.06 ? 95  PNT X C7    1 
HETATM 756 C  C8    A PNT C 2 .  ? 13.818  -9.119  3.204   0.30 48.49 ? 95  PNT X C8    1 
HETATM 757 C  C9    A PNT C 2 .  ? 10.940  -8.282  -3.646  0.30 50.34 ? 95  PNT X C9    1 
HETATM 758 C  C10   A PNT C 2 .  ? 15.194  -8.837  3.773   0.30 48.70 ? 95  PNT X C10   1 
HETATM 759 C  "C1'" A PNT C 2 .  ? 17.749  -7.772  6.485   0.30 49.83 ? 95  PNT X "C1'" 1 
HETATM 760 C  "C2'" A PNT C 2 .  ? 18.053  -8.683  7.491   0.30 49.53 ? 95  PNT X "C2'" 1 
HETATM 761 C  "C3'" A PNT C 2 .  ? 18.712  -8.212  8.622   0.30 49.91 ? 95  PNT X "C3'" 1 
HETATM 762 C  "C4'" A PNT C 2 .  ? 19.052  -6.860  8.735   0.30 49.94 ? 95  PNT X "C4'" 1 
HETATM 763 C  "C5'" A PNT C 2 .  ? 18.739  -5.958  7.721   0.30 49.90 ? 95  PNT X "C5'" 1 
HETATM 764 C  "C6'" A PNT C 2 .  ? 18.087  -6.424  6.596   0.30 49.73 ? 95  PNT X "C6'" 1 
HETATM 765 C  "C7'" A PNT C 2 .  ? 16.773  -7.054  4.492   0.30 49.83 ? 95  PNT X "C7'" 1 
HETATM 766 C  "C8'" A PNT C 2 .  ? 15.527  -7.358  3.697   0.30 48.90 ? 95  PNT X "C8'" 1 
HETATM 767 C  "C9'" A PNT C 2 .  ? 19.762  -6.369  9.963   0.30 50.16 ? 95  PNT X "C9'" 1 
HETATM 768 O  O1    A PNT C 2 .  ? 13.937  -7.831  1.130   0.30 50.43 ? 95  PNT X O1    1 
HETATM 769 O  "O1'" A PNT C 2 .  ? 17.106  -8.146  5.351   0.30 50.15 ? 95  PNT X "O1'" 1 
HETATM 770 N  N1    A PNT C 2 .  ? 10.067  -7.417  -3.935  0.30 50.19 ? 95  PNT X N1    1 
HETATM 771 N  N2    A PNT C 2 .  ? 11.115  -9.326  -4.452  0.30 49.92 ? 95  PNT X N2    1 
HETATM 772 N  "N1'" A PNT C 2 .  ? 20.075  -5.153  10.082  0.30 50.09 ? 95  PNT X "N1'" 1 
HETATM 773 N  "N2'" A PNT C 2 .  ? 20.067  -7.218  10.942  0.30 50.20 ? 95  PNT X "N2'" 1 
HETATM 774 ZN ZN    . ZN  D 3 .  ? -11.634 2.308   7.854   1.00 43.17 ? 96  ZN  X ZN    1 
HETATM 775 CA CA    . CA  E 4 .  ? -6.925  10.155  1.695   1.00 35.76 ? 92  CA  X CA    1 
HETATM 776 CA CA    . CA  F 4 .  ? -9.589  3.150   -6.925  1.00 35.63 ? 93  CA  X CA    1 
HETATM 777 O  O     . HOH G 5 .  ? -11.879 2.322   1.202   1.00 33.53 ? 97  HOH X O     1 
HETATM 778 O  O     . HOH G 5 .  ? -7.385  10.675  -0.638  1.00 34.05 ? 98  HOH X O     1 
HETATM 779 O  O     . HOH G 5 .  ? 10.229  0.392   6.197   1.00 38.57 ? 99  HOH X O     1 
HETATM 780 O  O     . HOH G 5 .  ? 3.943   0.116   9.118   1.00 39.49 ? 100 HOH X O     1 
HETATM 781 O  O     . HOH G 5 .  ? -10.991 3.715   -5.202  1.00 35.12 ? 101 HOH X O     1 
HETATM 782 O  O     . HOH G 5 .  ? -3.039  -8.993  -5.556  1.00 43.29 ? 102 HOH X O     1 
HETATM 783 O  O     . HOH G 5 .  ? -0.768  9.621   9.501   0.50 35.13 ? 103 HOH X O     1 
HETATM 784 O  O     . HOH G 5 .  ? 1.735   -10.152 14.117  1.00 39.09 ? 104 HOH X O     1 
HETATM 785 O  O     . HOH G 5 .  ? 7.824   2.536   10.018  1.00 40.71 ? 105 HOH X O     1 
HETATM 786 O  O     . HOH G 5 .  ? -4.994  -3.195  -6.089  1.00 44.07 ? 106 HOH X O     1 
HETATM 787 O  O     . HOH G 5 .  ? 0.493   -0.853  11.333  1.00 39.59 ? 107 HOH X O     1 
HETATM 788 O  O     . HOH G 5 .  ? 9.786   -12.313 -5.625  1.00 39.66 ? 108 HOH X O     1 
HETATM 789 O  O     . HOH G 5 .  ? 10.322  2.446   -0.078  1.00 38.16 ? 109 HOH X O     1 
HETATM 790 O  O     . HOH G 5 .  ? 3.529   12.550  -0.843  1.00 38.17 ? 110 HOH X O     1 
HETATM 791 O  O     . HOH G 5 .  ? -4.542  10.390  -6.459  1.00 38.29 ? 111 HOH X O     1 
HETATM 792 O  O     . HOH G 5 .  ? -11.608 -1.402  -7.035  1.00 42.46 ? 112 HOH X O     1 
HETATM 793 O  O     . HOH G 5 .  ? 0.700   5.192   14.692  1.00 57.35 ? 113 HOH X O     1 
HETATM 794 O  O     . HOH G 5 .  ? 1.910   1.114   11.027  1.00 40.21 ? 114 HOH X O     1 
HETATM 795 O  O     . HOH G 5 .  ? 3.649   2.005   12.483  1.00 41.28 ? 115 HOH X O     1 
HETATM 796 O  O     . HOH G 5 .  ? -2.039  12.964  -4.958  1.00 37.54 ? 116 HOH X O     1 
HETATM 797 O  O     . HOH G 5 .  ? 1.410   2.714   -15.914 1.00 42.46 ? 117 HOH X O     1 
HETATM 798 O  O     . HOH G 5 .  ? -1.189  -11.007 -5.347  1.00 45.62 ? 118 HOH X O     1 
HETATM 799 O  O     . HOH G 5 .  ? 9.322   -17.470 2.116   1.00 45.74 ? 119 HOH X O     1 
HETATM 800 O  O     . HOH G 5 .  ? 3.433   -10.442 -6.490  1.00 39.34 ? 120 HOH X O     1 
HETATM 801 O  O     . HOH G 5 .  ? -7.302  -4.373  -7.044  1.00 42.07 ? 121 HOH X O     1 
HETATM 802 O  O     . HOH G 5 .  ? -12.896 -0.938  -0.450  1.00 37.69 ? 122 HOH X O     1 
HETATM 803 O  O     . HOH G 5 .  ? 0.223   -16.535 17.696  1.00 42.29 ? 123 HOH X O     1 
HETATM 804 O  O     . HOH G 5 .  ? 14.437  -20.193 2.343   1.00 30.51 ? 124 HOH X O     1 
HETATM 805 O  O     . HOH G 5 .  ? 0.312   -3.490  -13.747 1.00 34.86 ? 125 HOH X O     1 
HETATM 806 O  O     . HOH G 5 .  ? -8.930  12.475  -1.972  1.00 35.58 ? 126 HOH X O     1 
HETATM 807 O  O     . HOH G 5 .  ? 10.189  1.436   8.871   1.00 42.48 ? 127 HOH X O     1 
HETATM 808 O  O     . HOH G 5 .  ? 15.076  -3.006  -1.772  1.00 57.00 ? 128 HOH X O     1 
HETATM 809 O  O     . HOH G 5 .  ? -6.741  2.066   12.222  1.00 48.79 ? 129 HOH X O     1 
HETATM 810 O  O     . HOH G 5 .  ? 0.017   12.569  2.750   1.00 46.15 ? 130 HOH X O     1 
HETATM 811 O  O     . HOH G 5 .  ? -8.695  -7.055  -2.330  1.00 49.01 ? 131 HOH X O     1 
HETATM 812 O  O     . HOH G 5 .  ? -11.682 -5.389  0.534   1.00 41.68 ? 132 HOH X O     1 
HETATM 813 O  O     . HOH G 5 .  ? -5.563  -9.879  -4.748  1.00 42.14 ? 133 HOH X O     1 
HETATM 814 O  O     . HOH G 5 .  ? 0.980   -11.285 -6.981  1.00 46.35 ? 134 HOH X O     1 
HETATM 815 O  O     . HOH G 5 .  ? 0.441   -1.649  13.964  1.00 48.84 ? 135 HOH X O     1 
HETATM 816 O  O     . HOH G 5 .  ? -1.665  6.870   -12.406 1.00 48.63 ? 136 HOH X O     1 
HETATM 817 O  O     . HOH G 5 .  ? 1.212   0.566   -14.231 1.00 50.36 ? 137 HOH X O     1 
HETATM 818 O  O     . HOH G 5 .  ? 15.409  -14.820 -4.565  1.00 44.45 ? 138 HOH X O     1 
HETATM 819 O  O     . HOH G 5 .  ? -1.776  -2.478  14.824  1.00 43.73 ? 139 HOH X O     1 
HETATM 820 O  O     . HOH G 5 .  ? -13.677 3.803   -0.164  1.00 46.79 ? 140 HOH X O     1 
HETATM 821 O  O     . HOH G 5 .  ? 12.032  4.078   1.227   1.00 38.83 ? 141 HOH X O     1 
HETATM 822 O  O     . HOH G 5 .  ? 8.168   11.951  -13.230 1.00 47.79 ? 142 HOH X O     1 
HETATM 823 O  O     . HOH G 5 .  ? -16.128 6.030   -2.985  1.00 53.26 ? 143 HOH X O     1 
HETATM 824 O  O     . HOH G 5 .  ? 3.224   -1.436  -10.372 1.00 48.61 ? 144 HOH X O     1 
HETATM 825 O  O     . HOH G 5 .  ? 10.578  4.296   8.245   1.00 47.43 ? 145 HOH X O     1 
HETATM 826 O  O     . HOH G 5 .  ? -4.307  2.115   -17.455 1.00 40.12 ? 146 HOH X O     1 
HETATM 827 O  O     . HOH G 5 .  ? -5.899  4.813   -12.405 1.00 41.90 ? 147 HOH X O     1 
HETATM 828 O  O     . HOH G 5 .  ? 3.840   -4.050  -9.947  1.00 50.02 ? 148 HOH X O     1 
HETATM 829 O  O     . HOH G 5 .  ? -14.142 4.635   -6.437  1.00 64.83 ? 149 HOH X O     1 
HETATM 830 O  O     . HOH G 5 .  ? -13.244 9.564   -3.397  1.00 40.24 ? 150 HOH X O     1 
HETATM 831 O  O     . HOH G 5 .  ? -13.058 -0.830  -5.086  1.00 50.67 ? 151 HOH X O     1 
HETATM 832 O  O     . HOH G 5 .  ? -0.969  3.133   12.925  1.00 47.01 ? 152 HOH X O     1 
HETATM 833 O  O     . HOH G 5 .  ? 7.522   -20.196 -2.869  1.00 52.81 ? 153 HOH X O     1 
HETATM 834 O  O     . HOH G 5 .  ? -1.964  3.064   -18.765 1.00 41.19 ? 154 HOH X O     1 
HETATM 835 O  O     . HOH G 5 .  ? 3.530   -8.818  12.929  1.00 57.81 ? 155 HOH X O     1 
HETATM 836 O  O     . HOH G 5 .  ? 4.385   4.392   10.957  1.00 52.47 ? 156 HOH X O     1 
HETATM 837 O  O     . HOH G 5 .  ? 3.530   -17.874 -3.237  1.00 43.25 ? 157 HOH X O     1 
HETATM 838 O  O     . HOH G 5 .  ? -15.236 4.643   2.267   1.00 58.70 ? 158 HOH X O     1 
HETATM 839 O  O     . HOH G 5 .  ? 2.387   12.835  -5.348  1.00 44.90 ? 159 HOH X O     1 
HETATM 840 O  O     . HOH G 5 .  ? -13.437 11.580  3.514   1.00 52.58 ? 160 HOH X O     1 
HETATM 841 O  O     . HOH G 5 .  ? 4.519   8.794   9.004   1.00 53.37 ? 161 HOH X O     1 
HETATM 842 O  O     . HOH G 5 .  ? -13.267 0.856   3.103   1.00 44.53 ? 162 HOH X O     1 
HETATM 843 O  O     . HOH G 5 .  ? 9.128   1.627   -5.487  1.00 56.54 ? 163 HOH X O     1 
HETATM 844 O  O     . HOH G 5 .  ? 15.227  2.791   -1.871  1.00 44.72 ? 164 HOH X O     1 
HETATM 845 O  O     . HOH G 5 .  ? 8.885   -22.933 -2.447  1.00 68.17 ? 165 HOH X O     1 
HETATM 846 O  O     . HOH G 5 .  ? 0.871   16.043  0.073   1.00 44.63 ? 166 HOH X O     1 
HETATM 847 O  O     . HOH G 5 .  ? -14.270 2.607   -2.554  1.00 49.38 ? 167 HOH X O     1 
HETATM 848 O  O     . HOH G 5 .  ? -12.943 -2.377  -9.125  1.00 52.15 ? 168 HOH X O     1 
HETATM 849 O  O     . HOH G 5 .  ? 11.186  10.634  -1.748  1.00 43.59 ? 169 HOH X O     1 
HETATM 850 O  O     . HOH G 5 .  ? 1.369   8.508   10.354  1.00 45.54 ? 170 HOH X O     1 
HETATM 851 O  O     . HOH G 5 .  ? 7.584   -13.309 -7.135  1.00 53.35 ? 171 HOH X O     1 
HETATM 852 O  O     . HOH G 5 .  ? 5.386   -11.975 -7.354  1.00 50.46 ? 172 HOH X O     1 
HETATM 853 O  O     . HOH G 5 .  ? -4.066  8.641   -9.899  1.00 52.48 ? 173 HOH X O     1 
HETATM 854 O  O     . HOH G 5 .  ? 9.805   -23.650 -6.510  1.00 68.33 ? 174 HOH X O     1 
HETATM 855 O  O     . HOH G 5 .  ? 5.569   -10.049 13.967  1.00 64.02 ? 175 HOH X O     1 
HETATM 856 O  O     . HOH G 5 .  ? -3.257  4.179   12.325  1.00 45.51 ? 176 HOH X O     1 
HETATM 857 O  O     . HOH G 5 .  ? 8.411   14.283  -9.863  1.00 53.28 ? 177 HOH X O     1 
HETATM 858 O  O     . HOH G 5 .  ? -10.551 -7.380  -0.498  1.00 54.54 ? 178 HOH X O     1 
# 
